data_1WGG
#
_entry.id   1WGG
#
_entity_poly.entity_id   1
_entity_poly.type   'polypeptide(L)'
_entity_poly.pdbx_seq_one_letter_code
;GSSGSSGYSVTVKWGKEKFEGVELNTDEPPMVFKAQLFALTGVQPARQKVMVKGGTLKDDDWGNIKMKNGMTVLMMGSAD
ALPEEPSAKTSGPSSG
;
_entity_poly.pdbx_strand_id   A
#
# COMPACT_ATOMS: atom_id res chain seq x y z
N GLY A 1 -14.23 4.27 9.27
CA GLY A 1 -13.64 5.29 10.13
C GLY A 1 -14.21 6.68 9.80
N SER A 2 -14.21 7.53 10.81
CA SER A 2 -14.73 8.88 10.66
C SER A 2 -13.96 9.84 11.56
N SER A 3 -14.02 11.12 11.20
CA SER A 3 -13.34 12.15 11.97
C SER A 3 -11.83 11.91 11.93
N GLY A 4 -11.09 13.00 12.09
CA GLY A 4 -9.64 12.92 12.08
C GLY A 4 -9.06 13.66 10.88
N SER A 5 -7.84 14.16 11.06
CA SER A 5 -7.17 14.89 10.00
C SER A 5 -5.71 14.45 9.91
N SER A 6 -5.46 13.51 9.02
CA SER A 6 -4.11 12.99 8.83
C SER A 6 -4.09 12.00 7.67
N GLY A 7 -4.01 12.54 6.47
CA GLY A 7 -3.97 11.72 5.27
C GLY A 7 -2.89 12.21 4.30
N TYR A 8 -2.01 11.29 3.93
CA TYR A 8 -0.93 11.61 3.02
C TYR A 8 -1.11 10.88 1.68
N SER A 9 -0.35 11.32 0.69
CA SER A 9 -0.42 10.72 -0.62
C SER A 9 0.98 10.27 -1.08
N VAL A 10 1.11 8.98 -1.30
CA VAL A 10 2.38 8.41 -1.72
C VAL A 10 2.16 7.60 -3.01
N THR A 11 3.27 7.18 -3.59
CA THR A 11 3.22 6.40 -4.81
C THR A 11 3.69 4.96 -4.54
N VAL A 12 2.80 4.03 -4.84
CA VAL A 12 3.11 2.62 -4.63
C VAL A 12 3.75 2.05 -5.90
N LYS A 13 4.90 1.42 -5.71
CA LYS A 13 5.62 0.82 -6.83
C LYS A 13 5.63 -0.69 -6.68
N TRP A 14 4.97 -1.36 -7.61
CA TRP A 14 4.90 -2.81 -7.59
C TRP A 14 5.43 -3.33 -8.93
N GLY A 15 6.70 -3.66 -8.93
CA GLY A 15 7.34 -4.17 -10.14
C GLY A 15 6.81 -3.46 -11.38
N LYS A 16 6.42 -4.26 -12.36
CA LYS A 16 5.89 -3.73 -13.61
C LYS A 16 4.68 -2.84 -13.30
N GLU A 17 3.93 -3.23 -12.28
CA GLU A 17 2.76 -2.48 -11.87
C GLU A 17 3.18 -1.16 -11.24
N LYS A 18 2.35 -0.14 -11.46
CA LYS A 18 2.62 1.17 -10.91
C LYS A 18 1.30 1.81 -10.43
N PHE A 19 1.39 2.49 -9.29
CA PHE A 19 0.23 3.12 -8.71
C PHE A 19 0.58 4.52 -8.18
N GLU A 20 0.01 5.52 -8.82
CA GLU A 20 0.26 6.90 -8.42
C GLU A 20 -1.04 7.56 -7.97
N GLY A 21 -1.02 8.05 -6.73
CA GLY A 21 -2.20 8.71 -6.18
C GLY A 21 -2.95 7.77 -5.24
N VAL A 22 -2.20 7.16 -4.33
CA VAL A 22 -2.78 6.24 -3.37
C VAL A 22 -3.18 7.00 -2.11
N GLU A 23 -4.22 6.51 -1.45
CA GLU A 23 -4.71 7.14 -0.24
C GLU A 23 -4.06 6.49 0.98
N LEU A 24 -3.18 7.26 1.62
CA LEU A 24 -2.48 6.77 2.80
C LEU A 24 -2.85 7.65 4.00
N ASN A 25 -2.90 7.02 5.16
CA ASN A 25 -3.23 7.73 6.39
C ASN A 25 -2.20 7.39 7.47
N THR A 26 -1.93 8.37 8.31
CA THR A 26 -0.97 8.19 9.39
C THR A 26 -1.70 8.09 10.74
N ASP A 27 -2.82 8.78 10.83
CA ASP A 27 -3.62 8.78 12.05
C ASP A 27 -3.95 7.33 12.42
N GLU A 28 -3.97 6.47 11.41
CA GLU A 28 -4.27 5.07 11.62
C GLU A 28 -3.00 4.24 11.53
N PRO A 29 -3.18 2.90 11.69
CA PRO A 29 -2.05 1.98 11.64
C PRO A 29 -1.58 1.77 10.20
N PRO A 30 -0.36 1.18 10.07
CA PRO A 30 0.22 0.93 8.77
C PRO A 30 -0.47 -0.25 8.08
N MET A 31 -1.25 -0.98 8.87
CA MET A 31 -1.96 -2.13 8.35
C MET A 31 -3.03 -1.71 7.34
N VAL A 32 -3.52 -0.50 7.51
CA VAL A 32 -4.54 0.03 6.62
C VAL A 32 -3.94 0.23 5.23
N PHE A 33 -2.90 1.06 5.19
CA PHE A 33 -2.23 1.35 3.93
C PHE A 33 -1.89 0.05 3.18
N LYS A 34 -1.61 -0.98 3.95
CA LYS A 34 -1.27 -2.27 3.38
C LYS A 34 -2.56 -3.01 2.99
N ALA A 35 -3.64 -2.65 3.68
CA ALA A 35 -4.93 -3.26 3.42
C ALA A 35 -5.43 -2.82 2.05
N GLN A 36 -5.00 -1.62 1.65
CA GLN A 36 -5.40 -1.08 0.36
C GLN A 36 -4.53 -1.65 -0.75
N LEU A 37 -3.22 -1.61 -0.54
CA LEU A 37 -2.28 -2.13 -1.51
C LEU A 37 -2.77 -3.50 -2.00
N PHE A 38 -3.48 -4.19 -1.13
CA PHE A 38 -4.00 -5.51 -1.45
C PHE A 38 -4.97 -5.44 -2.64
N ALA A 39 -5.70 -4.33 -2.69
CA ALA A 39 -6.66 -4.12 -3.76
C ALA A 39 -5.99 -3.37 -4.91
N LEU A 40 -4.76 -2.95 -4.66
CA LEU A 40 -4.00 -2.22 -5.66
C LEU A 40 -3.07 -3.19 -6.40
N THR A 41 -2.45 -4.08 -5.62
CA THR A 41 -1.55 -5.06 -6.18
C THR A 41 -2.20 -6.43 -6.22
N GLY A 42 -2.63 -6.88 -5.05
CA GLY A 42 -3.28 -8.18 -4.94
C GLY A 42 -2.56 -9.06 -3.91
N VAL A 43 -1.56 -8.48 -3.27
CA VAL A 43 -0.78 -9.20 -2.27
C VAL A 43 -1.29 -8.83 -0.88
N GLN A 44 -1.19 -9.79 0.03
CA GLN A 44 -1.64 -9.58 1.39
C GLN A 44 -0.91 -8.39 2.01
N PRO A 45 -1.55 -7.80 3.06
CA PRO A 45 -0.97 -6.67 3.75
C PRO A 45 0.18 -7.09 4.65
N ALA A 46 0.41 -8.40 4.69
CA ALA A 46 1.48 -8.94 5.50
C ALA A 46 2.68 -9.27 4.62
N ARG A 47 2.43 -10.06 3.58
CA ARG A 47 3.48 -10.46 2.66
C ARG A 47 3.98 -9.23 1.88
N GLN A 48 3.13 -8.21 1.83
CA GLN A 48 3.47 -6.99 1.13
C GLN A 48 4.56 -6.22 1.89
N LYS A 49 5.80 -6.44 1.48
CA LYS A 49 6.92 -5.78 2.12
C LYS A 49 6.94 -4.31 1.71
N VAL A 50 6.31 -3.49 2.54
CA VAL A 50 6.25 -2.06 2.27
C VAL A 50 7.52 -1.39 2.76
N MET A 51 8.39 -1.07 1.81
CA MET A 51 9.66 -0.43 2.14
C MET A 51 9.46 1.05 2.47
N VAL A 52 10.52 1.66 2.96
CA VAL A 52 10.48 3.07 3.31
C VAL A 52 11.74 3.76 2.80
N LYS A 53 11.63 5.06 2.61
CA LYS A 53 12.75 5.86 2.12
C LYS A 53 14.05 5.26 2.66
N GLY A 54 14.00 4.86 3.92
CA GLY A 54 15.17 4.27 4.56
C GLY A 54 14.76 3.42 5.76
N GLY A 55 13.73 2.63 5.56
CA GLY A 55 13.23 1.76 6.62
C GLY A 55 12.09 0.88 6.11
N THR A 56 11.43 0.22 7.05
CA THR A 56 10.32 -0.66 6.72
C THR A 56 9.05 -0.22 7.45
N LEU A 57 7.92 -0.43 6.80
CA LEU A 57 6.64 -0.06 7.38
C LEU A 57 6.28 -1.06 8.47
N LYS A 58 5.87 -0.53 9.61
CA LYS A 58 5.49 -1.35 10.75
C LYS A 58 4.10 -1.94 10.50
N ASP A 59 3.58 -2.59 11.52
CA ASP A 59 2.26 -3.20 11.43
C ASP A 59 1.40 -2.74 12.61
N ASP A 60 2.00 -2.77 13.80
CA ASP A 60 1.30 -2.34 14.99
C ASP A 60 0.95 -0.86 14.88
N ASP A 61 1.98 -0.05 14.68
CA ASP A 61 1.79 1.38 14.54
C ASP A 61 3.00 1.99 13.83
N TRP A 62 2.78 3.18 13.29
CA TRP A 62 3.83 3.87 12.57
C TRP A 62 4.92 4.25 13.58
N GLY A 63 4.53 5.03 14.57
CA GLY A 63 5.46 5.45 15.60
C GLY A 63 6.04 6.83 15.28
N ASN A 64 5.14 7.78 15.06
CA ASN A 64 5.55 9.14 14.75
C ASN A 64 6.57 9.11 13.61
N ILE A 65 6.26 8.33 12.59
CA ILE A 65 7.15 8.21 11.45
C ILE A 65 7.09 9.49 10.62
N LYS A 66 8.23 9.82 10.02
CA LYS A 66 8.33 11.02 9.21
C LYS A 66 7.78 10.73 7.81
N MET A 67 6.48 10.96 7.66
CA MET A 67 5.82 10.72 6.38
C MET A 67 5.66 12.02 5.60
N LYS A 68 5.43 11.87 4.30
CA LYS A 68 5.26 13.02 3.44
C LYS A 68 4.46 12.61 2.20
N ASN A 69 3.75 13.58 1.64
CA ASN A 69 2.94 13.33 0.46
C ASN A 69 3.76 13.63 -0.79
N GLY A 70 3.95 12.61 -1.61
CA GLY A 70 4.71 12.74 -2.83
C GLY A 70 5.78 11.67 -2.94
N MET A 71 6.26 11.24 -1.78
CA MET A 71 7.29 10.22 -1.71
C MET A 71 6.89 8.99 -2.53
N THR A 72 7.71 7.95 -2.43
CA THR A 72 7.45 6.72 -3.15
C THR A 72 7.55 5.52 -2.21
N VAL A 73 6.61 4.60 -2.38
CA VAL A 73 6.56 3.41 -1.56
C VAL A 73 6.87 2.18 -2.43
N LEU A 74 7.89 1.44 -2.02
CA LEU A 74 8.29 0.25 -2.74
C LEU A 74 7.66 -0.98 -2.08
N MET A 75 7.08 -1.83 -2.91
CA MET A 75 6.44 -3.04 -2.41
C MET A 75 7.09 -4.29 -3.02
N MET A 76 7.11 -5.34 -2.23
CA MET A 76 7.69 -6.61 -2.68
C MET A 76 6.89 -7.79 -2.16
N GLY A 77 6.38 -8.57 -3.10
CA GLY A 77 5.59 -9.75 -2.75
C GLY A 77 4.84 -10.28 -3.97
N SER A 78 4.36 -11.51 -3.84
CA SER A 78 3.62 -12.15 -4.92
C SER A 78 2.34 -12.79 -4.37
N ALA A 79 1.29 -12.73 -5.17
CA ALA A 79 0.01 -13.30 -4.77
C ALA A 79 -0.07 -14.74 -5.28
N ASP A 80 0.39 -15.67 -4.45
CA ASP A 80 0.38 -17.07 -4.79
C ASP A 80 -1.06 -17.59 -4.72
N ALA A 81 -1.54 -18.08 -5.85
CA ALA A 81 -2.90 -18.61 -5.92
C ALA A 81 -3.07 -19.35 -7.25
N LEU A 82 -4.08 -20.22 -7.28
CA LEU A 82 -4.36 -20.99 -8.47
C LEU A 82 -4.81 -20.06 -9.59
N PRO A 83 -4.50 -20.46 -10.85
CA PRO A 83 -4.86 -19.67 -12.01
C PRO A 83 -6.36 -19.78 -12.31
N GLU A 84 -7.15 -19.07 -11.51
CA GLU A 84 -8.59 -19.09 -11.68
C GLU A 84 -9.01 -18.02 -12.69
N GLU A 85 -10.16 -18.28 -13.33
CA GLU A 85 -10.69 -17.35 -14.31
C GLU A 85 -10.64 -15.92 -13.77
N PRO A 86 -10.32 -14.96 -14.69
CA PRO A 86 -10.23 -13.56 -14.32
C PRO A 86 -11.62 -12.97 -14.14
N SER A 87 -11.77 -12.19 -13.08
CA SER A 87 -13.04 -11.55 -12.77
C SER A 87 -12.80 -10.10 -12.33
N ALA A 88 -12.78 -9.22 -13.32
CA ALA A 88 -12.56 -7.80 -13.05
C ALA A 88 -13.26 -6.98 -14.13
N LYS A 89 -13.64 -5.77 -13.75
CA LYS A 89 -14.32 -4.87 -14.67
C LYS A 89 -13.36 -3.74 -15.06
N THR A 90 -13.72 -3.06 -16.14
CA THR A 90 -12.91 -1.97 -16.64
C THR A 90 -11.56 -2.49 -17.16
N SER A 91 -10.68 -2.78 -16.22
CA SER A 91 -9.36 -3.29 -16.56
C SER A 91 -9.21 -4.73 -16.07
N GLY A 92 -8.26 -5.43 -16.67
CA GLY A 92 -8.01 -6.81 -16.30
C GLY A 92 -6.51 -7.05 -16.02
N PRO A 93 -6.23 -8.19 -15.33
CA PRO A 93 -4.86 -8.53 -15.01
C PRO A 93 -4.11 -9.05 -16.25
N SER A 94 -4.81 -9.88 -17.01
CA SER A 94 -4.22 -10.44 -18.22
C SER A 94 -3.23 -11.55 -17.85
N SER A 95 -2.22 -11.15 -17.08
CA SER A 95 -1.20 -12.10 -16.66
C SER A 95 -1.86 -13.36 -16.11
N GLY A 96 -1.62 -14.47 -16.81
CA GLY A 96 -2.17 -15.75 -16.39
C GLY A 96 -1.75 -16.86 -17.36
N GLY A 1 -18.23 13.15 3.46
CA GLY A 1 -17.57 14.15 4.29
C GLY A 1 -16.18 14.48 3.73
N SER A 2 -16.08 15.66 3.14
CA SER A 2 -14.83 16.12 2.57
C SER A 2 -13.91 16.64 3.67
N SER A 3 -12.73 16.03 3.75
CA SER A 3 -11.75 16.43 4.75
C SER A 3 -10.44 15.68 4.52
N GLY A 4 -9.35 16.41 4.69
CA GLY A 4 -8.03 15.83 4.50
C GLY A 4 -6.95 16.72 5.11
N SER A 5 -6.26 16.19 6.11
CA SER A 5 -5.20 16.92 6.78
C SER A 5 -3.98 16.03 6.97
N SER A 6 -4.13 15.04 7.84
CA SER A 6 -3.06 14.12 8.12
C SER A 6 -2.85 13.17 6.93
N GLY A 7 -3.96 12.69 6.40
CA GLY A 7 -3.92 11.78 5.27
C GLY A 7 -2.80 12.18 4.29
N TYR A 8 -1.82 11.30 4.16
CA TYR A 8 -0.70 11.54 3.28
C TYR A 8 -0.93 10.90 1.91
N SER A 9 -0.16 11.36 0.94
CA SER A 9 -0.28 10.84 -0.41
C SER A 9 1.08 10.32 -0.89
N VAL A 10 1.15 9.02 -1.07
CA VAL A 10 2.39 8.38 -1.52
C VAL A 10 2.13 7.65 -2.83
N THR A 11 3.21 7.18 -3.44
CA THR A 11 3.11 6.45 -4.70
C THR A 11 3.50 4.99 -4.50
N VAL A 12 2.61 4.11 -4.91
CA VAL A 12 2.84 2.68 -4.79
C VAL A 12 3.53 2.17 -6.06
N LYS A 13 4.69 1.55 -5.85
CA LYS A 13 5.45 1.02 -6.97
C LYS A 13 5.55 -0.50 -6.83
N TRP A 14 4.86 -1.19 -7.72
CA TRP A 14 4.86 -2.64 -7.72
C TRP A 14 5.41 -3.12 -9.06
N GLY A 15 6.59 -3.71 -9.02
CA GLY A 15 7.23 -4.22 -10.22
C GLY A 15 6.18 -4.82 -11.18
N LYS A 16 6.27 -4.39 -12.43
CA LYS A 16 5.35 -4.88 -13.45
C LYS A 16 4.14 -3.96 -13.51
N GLU A 17 3.77 -3.43 -12.35
CA GLU A 17 2.63 -2.53 -12.26
C GLU A 17 3.09 -1.15 -11.79
N LYS A 18 2.17 -0.19 -11.90
CA LYS A 18 2.46 1.17 -11.49
C LYS A 18 1.21 1.79 -10.86
N PHE A 19 1.40 2.40 -9.70
CA PHE A 19 0.30 3.02 -9.00
C PHE A 19 0.69 4.41 -8.49
N GLU A 20 0.05 5.42 -9.05
CA GLU A 20 0.33 6.79 -8.67
C GLU A 20 -0.95 7.47 -8.15
N GLY A 21 -0.85 8.00 -6.95
CA GLY A 21 -1.98 8.67 -6.34
C GLY A 21 -2.77 7.72 -5.44
N VAL A 22 -2.08 7.15 -4.47
CA VAL A 22 -2.69 6.22 -3.55
C VAL A 22 -3.00 6.94 -2.23
N GLU A 23 -4.17 6.63 -1.67
CA GLU A 23 -4.59 7.24 -0.42
C GLU A 23 -3.88 6.57 0.76
N LEU A 24 -3.34 7.41 1.62
CA LEU A 24 -2.62 6.92 2.80
C LEU A 24 -3.00 7.78 4.01
N ASN A 25 -3.15 7.11 5.14
CA ASN A 25 -3.50 7.79 6.37
C ASN A 25 -2.54 7.38 7.48
N THR A 26 -2.10 8.36 8.25
CA THR A 26 -1.18 8.12 9.34
C THR A 26 -1.94 8.02 10.67
N ASP A 27 -3.02 8.78 10.75
CA ASP A 27 -3.83 8.80 11.96
C ASP A 27 -4.15 7.36 12.36
N GLU A 28 -4.13 6.48 11.39
CA GLU A 28 -4.41 5.08 11.63
C GLU A 28 -3.12 4.25 11.55
N PRO A 29 -3.28 2.92 11.74
CA PRO A 29 -2.15 2.01 11.69
C PRO A 29 -1.71 1.77 10.24
N PRO A 30 -0.51 1.16 10.10
CA PRO A 30 0.03 0.87 8.78
C PRO A 30 -0.69 -0.32 8.14
N MET A 31 -1.45 -1.02 8.97
CA MET A 31 -2.19 -2.18 8.49
C MET A 31 -3.22 -1.77 7.43
N VAL A 32 -3.79 -0.60 7.62
CA VAL A 32 -4.77 -0.09 6.68
C VAL A 32 -4.11 0.17 5.33
N PHE A 33 -3.06 0.99 5.37
CA PHE A 33 -2.33 1.32 4.16
C PHE A 33 -1.92 0.05 3.39
N LYS A 34 -1.73 -1.01 4.16
CA LYS A 34 -1.34 -2.29 3.57
C LYS A 34 -2.59 -3.05 3.14
N ALA A 35 -3.71 -2.69 3.76
CA ALA A 35 -4.98 -3.33 3.45
C ALA A 35 -5.45 -2.90 2.06
N GLN A 36 -5.12 -1.65 1.74
CA GLN A 36 -5.50 -1.10 0.45
C GLN A 36 -4.61 -1.68 -0.66
N LEU A 37 -3.32 -1.61 -0.43
CA LEU A 37 -2.35 -2.12 -1.39
C LEU A 37 -2.81 -3.51 -1.87
N PHE A 38 -3.40 -4.26 -0.95
CA PHE A 38 -3.88 -5.59 -1.26
C PHE A 38 -4.84 -5.56 -2.45
N ALA A 39 -5.58 -4.47 -2.54
CA ALA A 39 -6.54 -4.31 -3.62
C ALA A 39 -5.87 -3.59 -4.80
N LEU A 40 -4.73 -2.98 -4.50
CA LEU A 40 -3.98 -2.26 -5.51
C LEU A 40 -3.19 -3.26 -6.36
N THR A 41 -2.51 -4.16 -5.67
CA THR A 41 -1.71 -5.17 -6.34
C THR A 41 -2.39 -6.55 -6.24
N GLY A 42 -2.50 -7.03 -5.02
CA GLY A 42 -3.12 -8.32 -4.77
C GLY A 42 -2.38 -9.08 -3.67
N VAL A 43 -1.19 -8.59 -3.35
CA VAL A 43 -0.38 -9.21 -2.32
C VAL A 43 -0.93 -8.84 -0.94
N GLN A 44 -1.00 -9.85 -0.07
CA GLN A 44 -1.50 -9.63 1.27
C GLN A 44 -0.68 -8.55 1.99
N PRO A 45 -1.32 -7.93 3.01
CA PRO A 45 -0.68 -6.88 3.77
C PRO A 45 0.37 -7.46 4.72
N ALA A 46 0.51 -8.77 4.68
CA ALA A 46 1.47 -9.46 5.52
C ALA A 46 2.72 -9.79 4.71
N ARG A 47 2.50 -10.03 3.42
CA ARG A 47 3.59 -10.36 2.52
C ARG A 47 4.09 -9.11 1.81
N GLN A 48 3.18 -8.16 1.65
CA GLN A 48 3.52 -6.91 0.99
C GLN A 48 4.62 -6.18 1.75
N LYS A 49 5.85 -6.43 1.34
CA LYS A 49 7.00 -5.81 1.98
C LYS A 49 7.04 -4.33 1.62
N VAL A 50 6.44 -3.52 2.47
CA VAL A 50 6.39 -2.09 2.24
C VAL A 50 7.67 -1.45 2.78
N MET A 51 8.54 -1.06 1.85
CA MET A 51 9.81 -0.44 2.21
C MET A 51 9.63 1.04 2.50
N VAL A 52 10.68 1.65 3.03
CA VAL A 52 10.65 3.07 3.36
C VAL A 52 11.97 3.71 2.92
N LYS A 53 11.91 5.01 2.71
CA LYS A 53 13.08 5.76 2.28
C LYS A 53 14.34 5.12 2.89
N GLY A 54 14.23 4.78 4.17
CA GLY A 54 15.33 4.16 4.87
C GLY A 54 14.84 3.34 6.06
N GLY A 55 13.79 2.55 5.81
CA GLY A 55 13.22 1.72 6.84
C GLY A 55 12.06 0.89 6.29
N THR A 56 11.34 0.26 7.21
CA THR A 56 10.20 -0.57 6.83
C THR A 56 8.94 -0.11 7.57
N LEU A 57 7.82 -0.22 6.88
CA LEU A 57 6.55 0.18 7.45
C LEU A 57 6.09 -0.88 8.46
N LYS A 58 5.96 -0.43 9.70
CA LYS A 58 5.53 -1.33 10.78
C LYS A 58 4.13 -1.85 10.47
N ASP A 59 3.57 -2.55 11.45
CA ASP A 59 2.24 -3.11 11.30
C ASP A 59 1.37 -2.66 12.48
N ASP A 60 1.93 -2.79 13.67
CA ASP A 60 1.21 -2.41 14.88
C ASP A 60 0.90 -0.91 14.82
N ASP A 61 1.94 -0.13 14.66
CA ASP A 61 1.79 1.31 14.58
C ASP A 61 2.96 1.91 13.79
N TRP A 62 2.72 3.09 13.25
CA TRP A 62 3.74 3.78 12.47
C TRP A 62 4.91 4.11 13.41
N GLY A 63 4.61 4.94 14.39
CA GLY A 63 5.62 5.35 15.36
C GLY A 63 6.20 6.72 15.01
N ASN A 64 7.50 6.84 15.19
CA ASN A 64 8.18 8.10 14.90
C ASN A 64 8.65 8.09 13.44
N ILE A 65 7.75 7.67 12.57
CA ILE A 65 8.06 7.61 11.15
C ILE A 65 7.67 8.94 10.50
N LYS A 66 8.59 9.44 9.68
CA LYS A 66 8.36 10.70 8.99
C LYS A 66 7.89 10.42 7.56
N MET A 67 6.61 10.71 7.33
CA MET A 67 6.03 10.49 6.02
C MET A 67 5.78 11.82 5.30
N LYS A 68 5.89 11.77 3.98
CA LYS A 68 5.68 12.96 3.17
C LYS A 68 4.76 12.61 2.00
N ASN A 69 4.05 13.62 1.52
CA ASN A 69 3.14 13.44 0.40
C ASN A 69 3.89 13.68 -0.90
N GLY A 70 4.05 12.61 -1.66
CA GLY A 70 4.74 12.69 -2.94
C GLY A 70 5.81 11.60 -3.05
N MET A 71 6.31 11.19 -1.89
CA MET A 71 7.33 10.16 -1.85
C MET A 71 6.91 8.93 -2.65
N THR A 72 7.74 7.90 -2.56
CA THR A 72 7.46 6.65 -3.27
C THR A 72 7.51 5.47 -2.31
N VAL A 73 6.55 4.57 -2.46
CA VAL A 73 6.49 3.39 -1.62
C VAL A 73 6.86 2.16 -2.45
N LEU A 74 7.94 1.51 -2.03
CA LEU A 74 8.41 0.32 -2.71
C LEU A 74 7.78 -0.92 -2.07
N MET A 75 7.18 -1.74 -2.92
CA MET A 75 6.54 -2.96 -2.46
C MET A 75 7.17 -4.20 -3.10
N MET A 76 7.16 -5.28 -2.34
CA MET A 76 7.73 -6.53 -2.82
C MET A 76 6.94 -7.73 -2.30
N GLY A 77 6.50 -8.55 -3.24
CA GLY A 77 5.73 -9.73 -2.89
C GLY A 77 4.93 -10.23 -4.10
N SER A 78 4.23 -11.34 -3.89
CA SER A 78 3.42 -11.93 -4.95
C SER A 78 2.04 -12.30 -4.40
N ALA A 79 1.14 -12.62 -5.31
CA ALA A 79 -0.22 -12.99 -4.94
C ALA A 79 -0.66 -14.18 -5.80
N ASP A 80 -0.70 -15.34 -5.17
CA ASP A 80 -1.12 -16.56 -5.85
C ASP A 80 -2.64 -16.67 -5.79
N ALA A 81 -3.24 -16.80 -6.97
CA ALA A 81 -4.68 -16.93 -7.06
C ALA A 81 -5.08 -17.10 -8.53
N LEU A 82 -6.37 -17.32 -8.74
CA LEU A 82 -6.89 -17.50 -10.08
C LEU A 82 -6.50 -16.30 -10.94
N PRO A 83 -6.45 -16.54 -12.28
CA PRO A 83 -6.10 -15.48 -13.21
C PRO A 83 -7.24 -14.50 -13.40
N GLU A 84 -7.22 -13.45 -12.59
CA GLU A 84 -8.25 -12.43 -12.66
C GLU A 84 -7.75 -11.11 -12.08
N GLU A 85 -7.89 -10.05 -12.87
CA GLU A 85 -7.45 -8.74 -12.45
C GLU A 85 -8.55 -7.71 -12.69
N PRO A 86 -9.39 -7.50 -11.64
CA PRO A 86 -10.48 -6.54 -11.74
C PRO A 86 -9.96 -5.10 -11.65
N SER A 87 -10.75 -4.19 -12.21
CA SER A 87 -10.38 -2.78 -12.21
C SER A 87 -11.63 -1.92 -12.01
N ALA A 88 -11.39 -0.66 -11.71
CA ALA A 88 -12.48 0.29 -11.49
C ALA A 88 -12.16 1.60 -12.21
N LYS A 89 -11.05 2.20 -11.84
CA LYS A 89 -10.62 3.45 -12.44
C LYS A 89 -11.68 4.52 -12.17
N THR A 90 -11.22 5.76 -12.12
CA THR A 90 -12.12 6.88 -11.87
C THR A 90 -11.50 8.18 -12.40
N SER A 91 -12.37 9.04 -12.90
CA SER A 91 -11.93 10.31 -13.44
C SER A 91 -13.13 11.14 -13.89
N GLY A 92 -12.92 12.44 -13.98
CA GLY A 92 -13.98 13.36 -14.39
C GLY A 92 -13.85 13.71 -15.87
N PRO A 93 -15.02 13.70 -16.57
CA PRO A 93 -15.05 14.01 -17.99
C PRO A 93 -14.88 15.52 -18.21
N SER A 94 -15.73 16.29 -17.55
CA SER A 94 -15.70 17.73 -17.68
C SER A 94 -14.24 18.22 -17.67
N SER A 95 -13.92 19.03 -18.66
CA SER A 95 -12.57 19.58 -18.76
C SER A 95 -12.58 20.84 -19.63
N GLY A 96 -12.16 21.94 -19.02
CA GLY A 96 -12.12 23.21 -19.73
C GLY A 96 -13.51 23.59 -20.25
N GLY A 1 -11.35 16.95 0.42
CA GLY A 1 -11.48 15.95 1.45
C GLY A 1 -12.03 16.57 2.74
N SER A 2 -11.11 17.12 3.54
CA SER A 2 -11.50 17.73 4.79
C SER A 2 -10.27 18.42 5.42
N SER A 3 -10.54 19.55 6.06
CA SER A 3 -9.48 20.31 6.71
C SER A 3 -8.73 19.41 7.70
N GLY A 4 -7.60 19.92 8.18
CA GLY A 4 -6.79 19.18 9.13
C GLY A 4 -6.61 17.73 8.69
N SER A 5 -7.10 16.81 9.52
CA SER A 5 -7.01 15.40 9.23
C SER A 5 -5.53 14.98 9.16
N SER A 6 -5.33 13.68 9.06
CA SER A 6 -3.98 13.14 8.99
C SER A 6 -3.88 12.16 7.82
N GLY A 7 -3.83 12.71 6.62
CA GLY A 7 -3.73 11.90 5.42
C GLY A 7 -2.54 12.34 4.55
N TYR A 8 -1.82 11.35 4.03
CA TYR A 8 -0.68 11.63 3.19
C TYR A 8 -0.84 10.96 1.82
N SER A 9 -0.14 11.54 0.84
CA SER A 9 -0.19 11.02 -0.52
C SER A 9 1.17 10.44 -0.91
N VAL A 10 1.15 9.16 -1.26
CA VAL A 10 2.37 8.48 -1.66
C VAL A 10 2.12 7.71 -2.96
N THR A 11 3.18 7.08 -3.44
CA THR A 11 3.10 6.31 -4.68
C THR A 11 3.58 4.88 -4.44
N VAL A 12 2.72 3.93 -4.78
CA VAL A 12 3.06 2.52 -4.62
C VAL A 12 3.74 2.01 -5.89
N LYS A 13 4.86 1.34 -5.69
CA LYS A 13 5.62 0.79 -6.80
C LYS A 13 5.71 -0.73 -6.66
N TRP A 14 5.03 -1.41 -7.58
CA TRP A 14 5.03 -2.87 -7.56
C TRP A 14 5.59 -3.36 -8.90
N GLY A 15 6.89 -3.64 -8.88
CA GLY A 15 7.57 -4.12 -10.07
C GLY A 15 7.03 -3.41 -11.32
N LYS A 16 6.68 -4.22 -12.31
CA LYS A 16 6.15 -3.69 -13.56
C LYS A 16 4.92 -2.83 -13.27
N GLU A 17 4.16 -3.26 -12.27
CA GLU A 17 2.96 -2.54 -11.88
C GLU A 17 3.32 -1.21 -11.24
N LYS A 18 2.46 -0.23 -11.47
CA LYS A 18 2.69 1.10 -10.92
C LYS A 18 1.34 1.69 -10.47
N PHE A 19 1.39 2.41 -9.35
CA PHE A 19 0.19 3.02 -8.81
C PHE A 19 0.48 4.44 -8.32
N GLU A 20 -0.14 5.40 -8.98
CA GLU A 20 0.05 6.80 -8.62
C GLU A 20 -1.28 7.41 -8.16
N GLY A 21 -1.24 8.00 -6.98
CA GLY A 21 -2.43 8.62 -6.41
C GLY A 21 -3.12 7.68 -5.42
N VAL A 22 -2.34 7.24 -4.43
CA VAL A 22 -2.86 6.34 -3.42
C VAL A 22 -3.16 7.14 -2.14
N GLU A 23 -4.09 6.62 -1.37
CA GLU A 23 -4.49 7.27 -0.13
C GLU A 23 -3.79 6.61 1.07
N LEU A 24 -3.16 7.43 1.89
CA LEU A 24 -2.45 6.94 3.05
C LEU A 24 -2.77 7.84 4.25
N ASN A 25 -3.01 7.19 5.39
CA ASN A 25 -3.32 7.91 6.60
C ASN A 25 -2.40 7.43 7.73
N THR A 26 -1.97 8.38 8.54
CA THR A 26 -1.08 8.06 9.66
C THR A 26 -1.89 7.94 10.95
N ASP A 27 -2.98 8.70 11.02
CA ASP A 27 -3.83 8.68 12.19
C ASP A 27 -4.21 7.23 12.51
N GLU A 28 -4.17 6.40 11.48
CA GLU A 28 -4.51 4.99 11.63
C GLU A 28 -3.25 4.14 11.56
N PRO A 29 -3.46 2.80 11.68
CA PRO A 29 -2.34 1.86 11.62
C PRO A 29 -1.83 1.69 10.19
N PRO A 30 -0.63 1.07 10.09
CA PRO A 30 -0.02 0.85 8.79
C PRO A 30 -0.71 -0.29 8.05
N MET A 31 -1.51 -1.05 8.79
CA MET A 31 -2.23 -2.17 8.22
C MET A 31 -3.21 -1.69 7.15
N VAL A 32 -3.84 -0.56 7.42
CA VAL A 32 -4.80 0.01 6.49
C VAL A 32 -4.13 0.21 5.13
N PHE A 33 -3.10 1.05 5.13
CA PHE A 33 -2.37 1.34 3.91
C PHE A 33 -2.03 0.05 3.16
N LYS A 34 -1.69 -0.97 3.93
CA LYS A 34 -1.34 -2.26 3.34
C LYS A 34 -2.61 -2.97 2.91
N ALA A 35 -3.71 -2.66 3.59
CA ALA A 35 -4.99 -3.27 3.27
C ALA A 35 -5.43 -2.83 1.88
N GLN A 36 -5.06 -1.60 1.54
CA GLN A 36 -5.40 -1.04 0.24
C GLN A 36 -4.53 -1.65 -0.85
N LEU A 37 -3.23 -1.63 -0.60
CA LEU A 37 -2.27 -2.18 -1.55
C LEU A 37 -2.74 -3.57 -1.99
N PHE A 38 -3.35 -4.27 -1.05
CA PHE A 38 -3.84 -5.61 -1.32
C PHE A 38 -4.85 -5.60 -2.48
N ALA A 39 -5.59 -4.51 -2.57
CA ALA A 39 -6.58 -4.37 -3.62
C ALA A 39 -5.96 -3.67 -4.82
N LEU A 40 -4.77 -3.11 -4.58
CA LEU A 40 -4.05 -2.40 -5.64
C LEU A 40 -3.14 -3.38 -6.36
N THR A 41 -2.52 -4.27 -5.58
CA THR A 41 -1.61 -5.26 -6.14
C THR A 41 -2.26 -6.64 -6.10
N GLY A 42 -2.53 -7.10 -4.88
CA GLY A 42 -3.14 -8.40 -4.70
C GLY A 42 -2.40 -9.21 -3.63
N VAL A 43 -1.25 -8.68 -3.22
CA VAL A 43 -0.44 -9.33 -2.20
C VAL A 43 -0.97 -8.95 -0.82
N GLN A 44 -0.98 -9.93 0.07
CA GLN A 44 -1.45 -9.71 1.42
C GLN A 44 -0.76 -8.48 2.03
N PRO A 45 -1.46 -7.86 3.02
CA PRO A 45 -0.92 -6.68 3.69
C PRO A 45 0.20 -7.06 4.66
N ALA A 46 0.31 -8.36 4.90
CA ALA A 46 1.33 -8.86 5.81
C ALA A 46 2.59 -9.18 5.01
N ARG A 47 2.40 -9.91 3.92
CA ARG A 47 3.51 -10.29 3.07
C ARG A 47 4.03 -9.09 2.29
N GLN A 48 3.11 -8.20 1.94
CA GLN A 48 3.46 -7.00 1.21
C GLN A 48 4.58 -6.25 1.93
N LYS A 49 5.80 -6.47 1.45
CA LYS A 49 6.96 -5.82 2.03
C LYS A 49 6.97 -4.34 1.63
N VAL A 50 6.40 -3.52 2.49
CA VAL A 50 6.34 -2.09 2.23
C VAL A 50 7.62 -1.43 2.75
N MET A 51 8.46 -1.01 1.80
CA MET A 51 9.71 -0.37 2.16
C MET A 51 9.50 1.12 2.46
N VAL A 52 10.55 1.74 2.97
CA VAL A 52 10.50 3.15 3.31
C VAL A 52 11.77 3.85 2.81
N LYS A 53 11.65 5.15 2.60
CA LYS A 53 12.78 5.94 2.14
C LYS A 53 14.08 5.32 2.67
N GLY A 54 14.06 4.99 3.95
CA GLY A 54 15.22 4.40 4.59
C GLY A 54 14.81 3.54 5.79
N GLY A 55 13.79 2.73 5.58
CA GLY A 55 13.30 1.86 6.63
C GLY A 55 12.16 0.97 6.12
N THR A 56 11.56 0.24 7.04
CA THR A 56 10.45 -0.64 6.70
C THR A 56 9.20 -0.28 7.51
N LEU A 57 8.06 -0.40 6.86
CA LEU A 57 6.80 -0.10 7.50
C LEU A 57 6.33 -1.31 8.31
N LYS A 58 6.12 -1.08 9.59
CA LYS A 58 5.68 -2.14 10.48
C LYS A 58 4.16 -2.33 10.33
N ASP A 59 3.66 -3.36 10.98
CA ASP A 59 2.24 -3.66 10.92
C ASP A 59 1.68 -3.75 12.35
N ASP A 60 1.23 -2.61 12.84
CA ASP A 60 0.67 -2.53 14.17
C ASP A 60 0.79 -1.10 14.70
N ASP A 61 1.94 -0.50 14.43
CA ASP A 61 2.19 0.86 14.86
C ASP A 61 3.22 1.51 13.92
N TRP A 62 2.89 2.71 13.49
CA TRP A 62 3.77 3.45 12.59
C TRP A 62 5.08 3.74 13.34
N GLY A 63 4.94 4.46 14.44
CA GLY A 63 6.10 4.82 15.25
C GLY A 63 6.64 6.20 14.86
N ASN A 64 7.79 6.53 15.42
CA ASN A 64 8.42 7.80 15.15
C ASN A 64 8.98 7.80 13.73
N ILE A 65 8.07 7.63 12.77
CA ILE A 65 8.46 7.60 11.37
C ILE A 65 8.10 8.94 10.73
N LYS A 66 8.99 9.40 9.86
CA LYS A 66 8.79 10.67 9.17
C LYS A 66 8.03 10.41 7.86
N MET A 67 6.79 10.85 7.84
CA MET A 67 5.95 10.68 6.66
C MET A 67 5.73 12.02 5.95
N LYS A 68 5.58 11.93 4.63
CA LYS A 68 5.36 13.11 3.82
C LYS A 68 4.60 12.72 2.55
N ASN A 69 3.94 13.71 1.97
CA ASN A 69 3.17 13.48 0.75
C ASN A 69 4.06 13.76 -0.46
N GLY A 70 4.24 12.73 -1.27
CA GLY A 70 5.06 12.84 -2.46
C GLY A 70 6.02 11.65 -2.59
N MET A 71 6.55 11.24 -1.44
CA MET A 71 7.47 10.12 -1.41
C MET A 71 6.92 8.92 -2.18
N THR A 72 7.78 7.93 -2.38
CA THR A 72 7.39 6.74 -3.10
C THR A 72 7.52 5.51 -2.20
N VAL A 73 6.53 4.63 -2.30
CA VAL A 73 6.52 3.42 -1.51
C VAL A 73 6.86 2.22 -2.40
N LEU A 74 7.86 1.47 -1.96
CA LEU A 74 8.29 0.30 -2.71
C LEU A 74 7.69 -0.95 -2.07
N MET A 75 7.06 -1.76 -2.90
CA MET A 75 6.44 -2.99 -2.44
C MET A 75 7.09 -4.21 -3.09
N MET A 76 7.11 -5.31 -2.34
CA MET A 76 7.70 -6.54 -2.83
C MET A 76 6.88 -7.75 -2.39
N GLY A 77 6.72 -8.69 -3.31
CA GLY A 77 5.96 -9.89 -3.03
C GLY A 77 5.05 -10.26 -4.21
N SER A 78 4.44 -11.42 -4.10
CA SER A 78 3.56 -11.90 -5.15
C SER A 78 2.26 -12.43 -4.53
N ALA A 79 1.24 -12.55 -5.37
CA ALA A 79 -0.06 -13.03 -4.93
C ALA A 79 -0.36 -14.36 -5.62
N ASP A 80 0.37 -15.39 -5.23
CA ASP A 80 0.19 -16.71 -5.80
C ASP A 80 -1.14 -17.29 -5.32
N ALA A 81 -2.16 -17.14 -6.16
CA ALA A 81 -3.48 -17.64 -5.82
C ALA A 81 -3.99 -18.51 -6.97
N LEU A 82 -4.94 -19.37 -6.63
CA LEU A 82 -5.53 -20.27 -7.63
C LEU A 82 -6.28 -19.44 -8.67
N PRO A 83 -5.75 -19.45 -9.92
CA PRO A 83 -6.36 -18.70 -11.00
C PRO A 83 -7.63 -19.41 -11.50
N GLU A 84 -8.74 -18.70 -11.41
CA GLU A 84 -10.01 -19.24 -11.86
C GLU A 84 -10.63 -18.35 -12.94
N GLU A 85 -9.76 -17.85 -13.80
CA GLU A 85 -10.21 -16.98 -14.88
C GLU A 85 -10.83 -17.82 -16.01
N PRO A 86 -10.04 -18.81 -16.48
CA PRO A 86 -10.50 -19.68 -17.56
C PRO A 86 -11.53 -20.69 -17.05
N SER A 87 -12.22 -21.31 -17.98
CA SER A 87 -13.23 -22.29 -17.64
C SER A 87 -12.66 -23.70 -17.78
N ALA A 88 -12.67 -24.43 -16.68
CA ALA A 88 -12.16 -25.79 -16.67
C ALA A 88 -12.87 -26.60 -17.75
N LYS A 89 -14.14 -26.87 -17.50
CA LYS A 89 -14.94 -27.65 -18.44
C LYS A 89 -14.98 -26.91 -19.79
N THR A 90 -14.10 -27.34 -20.68
CA THR A 90 -14.03 -26.74 -22.01
C THR A 90 -14.46 -27.76 -23.07
N SER A 91 -14.94 -27.22 -24.19
CA SER A 91 -15.39 -28.06 -25.28
C SER A 91 -14.18 -28.67 -26.01
N GLY A 92 -13.91 -29.93 -25.69
CA GLY A 92 -12.79 -30.63 -26.29
C GLY A 92 -12.19 -31.65 -25.32
N PRO A 93 -11.76 -32.80 -25.89
CA PRO A 93 -11.18 -33.87 -25.09
C PRO A 93 -9.75 -33.50 -24.68
N SER A 94 -8.99 -33.03 -25.65
CA SER A 94 -7.61 -32.64 -25.39
C SER A 94 -7.55 -31.18 -24.95
N SER A 95 -6.92 -30.97 -23.80
CA SER A 95 -6.80 -29.63 -23.26
C SER A 95 -5.74 -29.61 -22.16
N GLY A 96 -4.98 -28.52 -22.12
CA GLY A 96 -3.94 -28.37 -21.12
C GLY A 96 -3.61 -26.89 -20.88
N GLY A 1 -12.29 12.93 6.50
CA GLY A 1 -13.23 13.37 5.48
C GLY A 1 -13.43 14.89 5.54
N SER A 2 -13.59 15.48 4.37
CA SER A 2 -13.79 16.91 4.27
C SER A 2 -12.47 17.65 4.54
N SER A 3 -12.04 17.59 5.79
CA SER A 3 -10.81 18.23 6.19
C SER A 3 -9.62 17.33 5.87
N GLY A 4 -8.46 17.96 5.73
CA GLY A 4 -7.24 17.23 5.43
C GLY A 4 -6.02 17.89 6.08
N SER A 5 -5.13 17.04 6.59
CA SER A 5 -3.93 17.53 7.23
C SER A 5 -2.95 16.38 7.46
N SER A 6 -3.44 15.35 8.13
CA SER A 6 -2.63 14.18 8.42
C SER A 6 -2.52 13.29 7.17
N GLY A 7 -3.69 12.89 6.67
CA GLY A 7 -3.74 12.05 5.50
C GLY A 7 -2.66 12.43 4.49
N TYR A 8 -1.74 11.51 4.28
CA TYR A 8 -0.65 11.73 3.34
C TYR A 8 -0.90 11.02 2.01
N SER A 9 -0.27 11.53 0.97
CA SER A 9 -0.41 10.95 -0.35
C SER A 9 0.95 10.46 -0.86
N VAL A 10 1.06 9.14 -0.98
CA VAL A 10 2.30 8.54 -1.46
C VAL A 10 1.99 7.67 -2.67
N THR A 11 3.06 7.17 -3.29
CA THR A 11 2.92 6.32 -4.46
C THR A 11 3.41 4.90 -4.15
N VAL A 12 2.89 3.96 -4.92
CA VAL A 12 3.26 2.57 -4.73
C VAL A 12 3.87 2.03 -6.04
N LYS A 13 4.95 1.28 -5.87
CA LYS A 13 5.64 0.71 -7.01
C LYS A 13 5.67 -0.82 -6.88
N TRP A 14 4.99 -1.48 -7.79
CA TRP A 14 4.94 -2.94 -7.79
C TRP A 14 5.44 -3.44 -9.14
N GLY A 15 6.72 -3.77 -9.17
CA GLY A 15 7.33 -4.27 -10.38
C GLY A 15 6.80 -3.52 -11.61
N LYS A 16 6.37 -4.30 -12.60
CA LYS A 16 5.83 -3.73 -13.82
C LYS A 16 4.62 -2.87 -13.49
N GLU A 17 3.90 -3.29 -12.46
CA GLU A 17 2.71 -2.55 -12.04
C GLU A 17 3.11 -1.22 -11.39
N LYS A 18 2.26 -0.23 -11.57
CA LYS A 18 2.52 1.09 -11.01
C LYS A 18 1.20 1.68 -10.50
N PHE A 19 1.29 2.31 -9.33
CA PHE A 19 0.12 2.92 -8.72
C PHE A 19 0.46 4.29 -8.15
N GLU A 20 -0.10 5.32 -8.79
CA GLU A 20 0.13 6.69 -8.35
C GLU A 20 -1.16 7.31 -7.83
N GLY A 21 -1.11 7.74 -6.57
CA GLY A 21 -2.26 8.35 -5.94
C GLY A 21 -2.95 7.36 -5.00
N VAL A 22 -2.18 6.86 -4.05
CA VAL A 22 -2.71 5.90 -3.09
C VAL A 22 -2.99 6.62 -1.76
N GLU A 23 -4.24 6.59 -1.36
CA GLU A 23 -4.65 7.23 -0.12
C GLU A 23 -3.92 6.61 1.07
N LEU A 24 -3.17 7.45 1.77
CA LEU A 24 -2.42 6.99 2.92
C LEU A 24 -2.70 7.91 4.11
N ASN A 25 -2.90 7.30 5.27
CA ASN A 25 -3.18 8.05 6.48
C ASN A 25 -2.25 7.57 7.59
N THR A 26 -1.83 8.51 8.42
CA THR A 26 -0.94 8.19 9.53
C THR A 26 -1.75 8.04 10.82
N ASP A 27 -2.78 8.87 10.95
CA ASP A 27 -3.63 8.83 12.12
C ASP A 27 -3.91 7.37 12.50
N GLU A 28 -3.91 6.52 11.49
CA GLU A 28 -4.17 5.11 11.69
C GLU A 28 -2.88 4.30 11.47
N PRO A 29 -3.01 2.96 11.63
CA PRO A 29 -1.88 2.06 11.46
C PRO A 29 -1.54 1.89 9.97
N PRO A 30 -0.40 1.20 9.71
CA PRO A 30 0.04 0.96 8.35
C PRO A 30 -0.81 -0.13 7.69
N MET A 31 -1.40 -0.97 8.53
CA MET A 31 -2.23 -2.06 8.04
C MET A 31 -3.25 -1.55 7.02
N VAL A 32 -3.84 -0.41 7.34
CA VAL A 32 -4.82 0.20 6.46
C VAL A 32 -4.19 0.47 5.10
N PHE A 33 -3.12 1.25 5.12
CA PHE A 33 -2.41 1.60 3.90
C PHE A 33 -2.04 0.34 3.11
N LYS A 34 -1.77 -0.72 3.85
CA LYS A 34 -1.40 -1.99 3.23
C LYS A 34 -2.67 -2.76 2.84
N ALA A 35 -3.77 -2.36 3.45
CA ALA A 35 -5.05 -2.99 3.19
C ALA A 35 -5.50 -2.64 1.78
N GLN A 36 -5.13 -1.44 1.35
CA GLN A 36 -5.48 -0.98 0.02
C GLN A 36 -4.58 -1.62 -1.04
N LEU A 37 -3.29 -1.66 -0.72
CA LEU A 37 -2.32 -2.25 -1.64
C LEU A 37 -2.75 -3.67 -1.99
N PHE A 38 -3.40 -4.32 -1.03
CA PHE A 38 -3.88 -5.67 -1.22
C PHE A 38 -4.82 -5.77 -2.44
N ALA A 39 -5.57 -4.69 -2.63
CA ALA A 39 -6.51 -4.63 -3.73
C ALA A 39 -5.81 -4.01 -4.95
N LEU A 40 -4.64 -3.45 -4.70
CA LEU A 40 -3.87 -2.81 -5.76
C LEU A 40 -3.15 -3.89 -6.58
N THR A 41 -2.46 -4.76 -5.86
CA THR A 41 -1.72 -5.85 -6.50
C THR A 41 -2.41 -7.19 -6.24
N GLY A 42 -2.56 -7.49 -4.95
CA GLY A 42 -3.20 -8.74 -4.56
C GLY A 42 -2.47 -9.38 -3.38
N VAL A 43 -1.30 -8.83 -3.08
CA VAL A 43 -0.49 -9.33 -1.98
C VAL A 43 -1.09 -8.86 -0.66
N GLN A 44 -1.06 -9.76 0.32
CA GLN A 44 -1.60 -9.44 1.64
C GLN A 44 -0.80 -8.29 2.27
N PRO A 45 -1.47 -7.60 3.23
CA PRO A 45 -0.84 -6.49 3.92
C PRO A 45 0.18 -6.98 4.95
N ALA A 46 0.32 -8.30 5.01
CA ALA A 46 1.25 -8.91 5.94
C ALA A 46 2.52 -9.32 5.18
N ARG A 47 2.32 -9.74 3.94
CA ARG A 47 3.43 -10.14 3.10
C ARG A 47 3.98 -8.96 2.31
N GLN A 48 3.08 -8.05 1.96
CA GLN A 48 3.45 -6.87 1.20
C GLN A 48 4.59 -6.13 1.90
N LYS A 49 5.79 -6.35 1.39
CA LYS A 49 6.98 -5.73 1.95
C LYS A 49 7.00 -4.26 1.53
N VAL A 50 6.55 -3.41 2.45
CA VAL A 50 6.52 -1.97 2.19
C VAL A 50 7.79 -1.34 2.76
N MET A 51 8.73 -1.06 1.87
CA MET A 51 9.98 -0.44 2.27
C MET A 51 9.80 1.06 2.54
N VAL A 52 10.85 1.65 3.08
CA VAL A 52 10.81 3.07 3.39
C VAL A 52 12.14 3.71 2.97
N LYS A 53 12.09 5.01 2.74
CA LYS A 53 13.27 5.75 2.33
C LYS A 53 14.51 5.12 2.99
N GLY A 54 14.37 4.81 4.26
CA GLY A 54 15.45 4.20 5.02
C GLY A 54 14.93 3.38 6.20
N GLY A 55 13.90 2.60 5.91
CA GLY A 55 13.29 1.77 6.93
C GLY A 55 12.18 0.90 6.35
N THR A 56 11.46 0.23 7.24
CA THR A 56 10.36 -0.62 6.82
C THR A 56 9.05 -0.20 7.50
N LEU A 57 7.98 -0.27 6.74
CA LEU A 57 6.67 0.10 7.25
C LEU A 57 6.17 -0.97 8.22
N LYS A 58 6.00 -0.56 9.46
CA LYS A 58 5.54 -1.47 10.49
C LYS A 58 4.15 -1.99 10.12
N ASP A 59 3.55 -2.74 11.05
CA ASP A 59 2.23 -3.29 10.83
C ASP A 59 1.31 -2.87 11.99
N ASP A 60 1.77 -3.15 13.20
CA ASP A 60 1.01 -2.81 14.37
C ASP A 60 0.72 -1.30 14.38
N ASP A 61 1.76 -0.53 14.11
CA ASP A 61 1.63 0.91 14.09
C ASP A 61 2.92 1.52 13.52
N TRP A 62 2.78 2.74 13.01
CA TRP A 62 3.91 3.44 12.43
C TRP A 62 4.94 3.67 13.55
N GLY A 63 4.50 4.38 14.58
CA GLY A 63 5.36 4.67 15.70
C GLY A 63 5.89 6.11 15.62
N ASN A 64 6.79 6.33 14.67
CA ASN A 64 7.37 7.65 14.49
C ASN A 64 7.98 7.74 13.09
N ILE A 65 7.29 7.11 12.14
CA ILE A 65 7.74 7.11 10.76
C ILE A 65 7.68 8.53 10.21
N LYS A 66 8.61 8.83 9.32
CA LYS A 66 8.68 10.15 8.71
C LYS A 66 7.99 10.11 7.34
N MET A 67 6.67 10.00 7.39
CA MET A 67 5.88 9.95 6.17
C MET A 67 5.81 11.32 5.51
N LYS A 68 5.61 11.32 4.20
CA LYS A 68 5.52 12.55 3.44
C LYS A 68 4.67 12.31 2.20
N ASN A 69 4.07 13.40 1.71
CA ASN A 69 3.23 13.32 0.53
C ASN A 69 4.07 13.65 -0.71
N GLY A 70 4.11 12.68 -1.62
CA GLY A 70 4.87 12.85 -2.85
C GLY A 70 5.89 11.72 -3.01
N MET A 71 6.46 11.31 -1.89
CA MET A 71 7.45 10.24 -1.90
C MET A 71 6.93 9.03 -2.66
N THR A 72 7.73 7.97 -2.64
CA THR A 72 7.37 6.73 -3.32
C THR A 72 7.55 5.54 -2.38
N VAL A 73 6.57 4.65 -2.42
CA VAL A 73 6.61 3.46 -1.59
C VAL A 73 6.93 2.24 -2.45
N LEU A 74 7.90 1.47 -1.99
CA LEU A 74 8.31 0.27 -2.71
C LEU A 74 7.56 -0.94 -2.14
N MET A 75 6.89 -1.65 -3.04
CA MET A 75 6.14 -2.82 -2.65
C MET A 75 6.76 -4.10 -3.23
N MET A 76 6.95 -5.08 -2.36
CA MET A 76 7.53 -6.35 -2.77
C MET A 76 6.80 -7.53 -2.13
N GLY A 77 6.46 -8.50 -2.97
CA GLY A 77 5.75 -9.67 -2.50
C GLY A 77 5.05 -10.39 -3.65
N SER A 78 4.60 -11.60 -3.37
CA SER A 78 3.92 -12.40 -4.37
C SER A 78 2.59 -12.92 -3.82
N ALA A 79 1.53 -12.73 -4.59
CA ALA A 79 0.22 -13.18 -4.18
C ALA A 79 -0.07 -14.55 -4.81
N ASP A 80 0.27 -15.58 -4.06
CA ASP A 80 0.06 -16.94 -4.52
C ASP A 80 -1.45 -17.22 -4.62
N ALA A 81 -1.97 -17.01 -5.81
CA ALA A 81 -3.39 -17.24 -6.04
C ALA A 81 -3.62 -17.56 -7.52
N LEU A 82 -4.77 -18.16 -7.80
CA LEU A 82 -5.12 -18.54 -9.15
C LEU A 82 -5.09 -17.28 -10.04
N PRO A 83 -4.87 -17.52 -11.36
CA PRO A 83 -4.82 -16.43 -12.32
C PRO A 83 -6.23 -15.90 -12.61
N GLU A 84 -6.61 -14.86 -11.89
CA GLU A 84 -7.92 -14.26 -12.06
C GLU A 84 -7.80 -12.98 -12.89
N GLU A 85 -8.87 -12.68 -13.62
CA GLU A 85 -8.90 -11.49 -14.45
C GLU A 85 -8.55 -10.25 -13.63
N PRO A 86 -7.44 -9.57 -14.05
CA PRO A 86 -6.99 -8.38 -13.35
C PRO A 86 -7.89 -7.19 -13.68
N SER A 87 -7.69 -6.12 -12.92
CA SER A 87 -8.48 -4.91 -13.11
C SER A 87 -7.67 -3.88 -13.91
N ALA A 88 -8.37 -2.85 -14.37
CA ALA A 88 -7.74 -1.80 -15.14
C ALA A 88 -6.68 -1.10 -14.28
N LYS A 89 -6.10 -0.06 -14.86
CA LYS A 89 -5.07 0.70 -14.16
C LYS A 89 -5.31 2.19 -14.38
N THR A 90 -5.29 2.93 -13.27
CA THR A 90 -5.50 4.37 -13.32
C THR A 90 -4.24 5.11 -12.87
N SER A 91 -3.93 6.17 -13.60
CA SER A 91 -2.75 6.97 -13.29
C SER A 91 -2.84 8.32 -13.99
N GLY A 92 -2.17 9.30 -13.40
CA GLY A 92 -2.17 10.64 -13.96
C GLY A 92 -1.23 10.73 -15.17
N PRO A 93 -1.03 11.98 -15.65
CA PRO A 93 -0.16 12.21 -16.79
C PRO A 93 1.32 12.11 -16.38
N SER A 94 1.67 12.86 -15.36
CA SER A 94 3.03 12.86 -14.86
C SER A 94 3.13 13.71 -13.59
N SER A 95 2.77 14.98 -13.73
CA SER A 95 2.82 15.90 -12.62
C SER A 95 4.24 15.98 -12.05
N GLY A 96 4.88 17.12 -12.31
CA GLY A 96 6.24 17.32 -11.85
C GLY A 96 7.09 17.98 -12.94
N GLY A 1 -3.15 18.27 20.88
CA GLY A 1 -3.79 18.13 19.58
C GLY A 1 -5.30 18.00 19.71
N SER A 2 -5.98 19.12 19.53
CA SER A 2 -7.42 19.15 19.63
C SER A 2 -8.03 18.05 18.75
N SER A 3 -7.72 18.13 17.47
CA SER A 3 -8.22 17.16 16.51
C SER A 3 -7.08 16.64 15.64
N GLY A 4 -7.21 15.38 15.25
CA GLY A 4 -6.19 14.76 14.41
C GLY A 4 -6.38 15.13 12.95
N SER A 5 -6.60 14.11 12.13
CA SER A 5 -6.81 14.32 10.70
C SER A 5 -5.49 14.77 10.06
N SER A 6 -4.95 13.89 9.22
CA SER A 6 -3.70 14.20 8.54
C SER A 6 -3.80 13.78 7.07
N GLY A 7 -3.80 12.47 6.86
CA GLY A 7 -3.89 11.93 5.51
C GLY A 7 -2.65 12.31 4.69
N TYR A 8 -2.01 11.29 4.15
CA TYR A 8 -0.82 11.50 3.34
C TYR A 8 -0.96 10.82 1.98
N SER A 9 -0.11 11.24 1.05
CA SER A 9 -0.13 10.68 -0.29
C SER A 9 1.24 10.08 -0.62
N VAL A 10 1.20 8.97 -1.35
CA VAL A 10 2.43 8.29 -1.74
C VAL A 10 2.22 7.62 -3.10
N THR A 11 3.23 6.87 -3.52
CA THR A 11 3.18 6.18 -4.79
C THR A 11 3.62 4.72 -4.62
N VAL A 12 2.72 3.82 -4.98
CA VAL A 12 3.00 2.40 -4.88
C VAL A 12 3.65 1.91 -6.17
N LYS A 13 4.84 1.35 -6.03
CA LYS A 13 5.57 0.85 -7.17
C LYS A 13 5.70 -0.68 -7.06
N TRP A 14 4.98 -1.36 -7.93
CA TRP A 14 5.00 -2.82 -7.95
C TRP A 14 5.47 -3.27 -9.32
N GLY A 15 6.75 -3.61 -9.40
CA GLY A 15 7.34 -4.06 -10.65
C GLY A 15 6.73 -3.30 -11.84
N LYS A 16 6.35 -4.07 -12.85
CA LYS A 16 5.76 -3.49 -14.05
C LYS A 16 4.55 -2.66 -13.66
N GLU A 17 3.84 -3.13 -12.64
CA GLU A 17 2.66 -2.43 -12.17
C GLU A 17 3.05 -1.08 -11.56
N LYS A 18 2.31 -0.05 -11.97
CA LYS A 18 2.58 1.29 -11.47
C LYS A 18 1.30 1.85 -10.84
N PHE A 19 1.47 2.48 -9.68
CA PHE A 19 0.34 3.06 -8.97
C PHE A 19 0.70 4.43 -8.42
N GLU A 20 0.08 5.46 -9.01
CA GLU A 20 0.33 6.83 -8.58
C GLU A 20 -0.98 7.48 -8.14
N GLY A 21 -0.97 7.98 -6.90
CA GLY A 21 -2.15 8.63 -6.35
C GLY A 21 -2.90 7.69 -5.42
N VAL A 22 -2.17 7.14 -4.46
CA VAL A 22 -2.76 6.23 -3.49
C VAL A 22 -3.07 6.98 -2.20
N GLU A 23 -4.10 6.52 -1.51
CA GLU A 23 -4.51 7.14 -0.26
C GLU A 23 -3.76 6.50 0.91
N LEU A 24 -3.19 7.37 1.74
CA LEU A 24 -2.45 6.90 2.91
C LEU A 24 -2.81 7.78 4.11
N ASN A 25 -2.96 7.12 5.25
CA ASN A 25 -3.29 7.83 6.48
C ASN A 25 -2.32 7.41 7.59
N THR A 26 -1.89 8.39 8.36
CA THR A 26 -0.98 8.13 9.45
C THR A 26 -1.73 8.08 10.79
N ASP A 27 -2.84 8.80 10.83
CA ASP A 27 -3.65 8.84 12.03
C ASP A 27 -4.04 7.40 12.43
N GLU A 28 -3.92 6.51 11.46
CA GLU A 28 -4.26 5.12 11.70
C GLU A 28 -3.00 4.24 11.59
N PRO A 29 -3.21 2.91 11.75
CA PRO A 29 -2.11 1.97 11.68
C PRO A 29 -1.67 1.76 10.23
N PRO A 30 -0.50 1.08 10.08
CA PRO A 30 0.05 0.81 8.76
C PRO A 30 -0.73 -0.31 8.06
N MET A 31 -1.48 -1.05 8.87
CA MET A 31 -2.27 -2.15 8.35
C MET A 31 -3.29 -1.65 7.31
N VAL A 32 -3.74 -0.42 7.51
CA VAL A 32 -4.70 0.18 6.61
C VAL A 32 -4.07 0.35 5.23
N PHE A 33 -3.03 1.17 5.18
CA PHE A 33 -2.32 1.42 3.94
C PHE A 33 -1.96 0.11 3.24
N LYS A 34 -1.72 -0.91 4.06
CA LYS A 34 -1.36 -2.21 3.53
C LYS A 34 -2.63 -2.97 3.14
N ALA A 35 -3.73 -2.58 3.77
CA ALA A 35 -5.02 -3.22 3.51
C ALA A 35 -5.50 -2.82 2.11
N GLN A 36 -5.07 -1.65 1.68
CA GLN A 36 -5.44 -1.15 0.38
C GLN A 36 -4.56 -1.76 -0.71
N LEU A 37 -3.26 -1.73 -0.46
CA LEU A 37 -2.30 -2.28 -1.40
C LEU A 37 -2.78 -3.67 -1.84
N PHE A 38 -3.56 -4.30 -0.98
CA PHE A 38 -4.08 -5.62 -1.27
C PHE A 38 -5.06 -5.58 -2.45
N ALA A 39 -5.80 -4.49 -2.52
CA ALA A 39 -6.77 -4.32 -3.59
C ALA A 39 -6.10 -3.59 -4.77
N LEU A 40 -4.87 -3.17 -4.53
CA LEU A 40 -4.12 -2.46 -5.55
C LEU A 40 -3.43 -3.48 -6.47
N THR A 41 -2.66 -4.36 -5.85
CA THR A 41 -1.95 -5.38 -6.59
C THR A 41 -2.63 -6.74 -6.42
N GLY A 42 -2.80 -7.12 -5.16
CA GLY A 42 -3.42 -8.39 -4.83
C GLY A 42 -2.65 -9.13 -3.74
N VAL A 43 -1.49 -8.59 -3.42
CA VAL A 43 -0.64 -9.17 -2.39
C VAL A 43 -1.17 -8.78 -1.01
N GLN A 44 -1.05 -9.71 -0.08
CA GLN A 44 -1.50 -9.48 1.28
C GLN A 44 -0.65 -8.39 1.95
N PRO A 45 -1.24 -7.77 3.01
CA PRO A 45 -0.54 -6.72 3.75
C PRO A 45 0.56 -7.32 4.64
N ALA A 46 0.70 -8.62 4.55
CA ALA A 46 1.71 -9.32 5.35
C ALA A 46 2.90 -9.65 4.46
N ARG A 47 2.63 -9.83 3.18
CA ARG A 47 3.67 -10.15 2.22
C ARG A 47 4.21 -8.88 1.57
N GLN A 48 3.31 -7.92 1.37
CA GLN A 48 3.67 -6.66 0.76
C GLN A 48 4.73 -5.95 1.61
N LYS A 49 5.98 -6.15 1.24
CA LYS A 49 7.09 -5.54 1.95
C LYS A 49 7.13 -4.04 1.62
N VAL A 50 6.47 -3.27 2.46
CA VAL A 50 6.42 -1.82 2.27
C VAL A 50 7.69 -1.20 2.86
N MET A 51 8.63 -0.91 1.99
CA MET A 51 9.89 -0.31 2.41
C MET A 51 9.72 1.19 2.67
N VAL A 52 10.76 1.78 3.24
CA VAL A 52 10.74 3.20 3.55
C VAL A 52 12.05 3.83 3.10
N LYS A 53 12.00 5.14 2.86
CA LYS A 53 13.17 5.87 2.43
C LYS A 53 14.41 5.28 3.09
N GLY A 54 14.25 4.90 4.35
CA GLY A 54 15.35 4.31 5.10
C GLY A 54 14.83 3.49 6.27
N GLY A 55 13.78 2.73 6.01
CA GLY A 55 13.17 1.89 7.02
C GLY A 55 12.10 0.98 6.42
N THR A 56 11.33 0.36 7.31
CA THR A 56 10.26 -0.52 6.88
C THR A 56 8.96 -0.16 7.57
N LEU A 57 7.87 -0.28 6.82
CA LEU A 57 6.55 0.03 7.35
C LEU A 57 6.17 -1.00 8.41
N LYS A 58 5.82 -0.48 9.58
CA LYS A 58 5.43 -1.35 10.68
C LYS A 58 4.07 -1.98 10.38
N ASP A 59 3.54 -2.66 11.39
CA ASP A 59 2.25 -3.31 11.24
C ASP A 59 1.33 -2.89 12.39
N ASP A 60 1.88 -2.95 13.59
CA ASP A 60 1.13 -2.57 14.79
C ASP A 60 0.84 -1.07 14.75
N ASP A 61 1.90 -0.30 14.53
CA ASP A 61 1.76 1.14 14.46
C ASP A 61 2.99 1.74 13.76
N TRP A 62 2.78 2.91 13.17
CA TRP A 62 3.86 3.59 12.47
C TRP A 62 4.97 3.89 13.48
N GLY A 63 4.62 4.71 14.45
CA GLY A 63 5.57 5.10 15.48
C GLY A 63 6.23 6.44 15.15
N ASN A 64 5.39 7.46 14.99
CA ASN A 64 5.89 8.78 14.67
C ASN A 64 6.93 8.68 13.56
N ILE A 65 6.51 8.09 12.45
CA ILE A 65 7.41 7.93 11.31
C ILE A 65 7.48 9.25 10.53
N LYS A 66 8.69 9.58 10.11
CA LYS A 66 8.90 10.79 9.34
C LYS A 66 8.36 10.62 7.93
N MET A 67 7.04 10.56 7.84
CA MET A 67 6.38 10.39 6.55
C MET A 67 6.10 11.75 5.90
N LYS A 68 5.81 11.69 4.61
CA LYS A 68 5.52 12.90 3.86
C LYS A 68 4.67 12.55 2.64
N ASN A 69 3.97 13.55 2.13
CA ASN A 69 3.11 13.36 0.97
C ASN A 69 3.90 13.70 -0.29
N GLY A 70 4.19 12.65 -1.07
CA GLY A 70 4.93 12.83 -2.31
C GLY A 70 5.93 11.67 -2.51
N MET A 71 6.48 11.22 -1.40
CA MET A 71 7.45 10.13 -1.44
C MET A 71 6.87 8.92 -2.16
N THR A 72 7.74 7.96 -2.42
CA THR A 72 7.34 6.74 -3.11
C THR A 72 7.36 5.55 -2.16
N VAL A 73 6.56 4.55 -2.48
CA VAL A 73 6.48 3.35 -1.67
C VAL A 73 6.88 2.14 -2.51
N LEU A 74 7.86 1.40 -1.99
CA LEU A 74 8.34 0.22 -2.69
C LEU A 74 7.63 -1.02 -2.13
N MET A 75 6.97 -1.73 -3.03
CA MET A 75 6.24 -2.93 -2.66
C MET A 75 6.88 -4.17 -3.27
N MET A 76 7.05 -5.19 -2.44
CA MET A 76 7.65 -6.43 -2.87
C MET A 76 6.85 -7.64 -2.37
N GLY A 77 6.49 -8.51 -3.30
CA GLY A 77 5.73 -9.70 -2.96
C GLY A 77 5.01 -10.25 -4.20
N SER A 78 4.06 -11.14 -3.94
CA SER A 78 3.29 -11.75 -5.01
C SER A 78 1.88 -12.08 -4.53
N ALA A 79 1.00 -12.33 -5.49
CA ALA A 79 -0.38 -12.64 -5.18
C ALA A 79 -0.76 -13.97 -5.84
N ASP A 80 0.18 -14.90 -5.80
CA ASP A 80 -0.04 -16.21 -6.39
C ASP A 80 -0.80 -16.05 -7.70
N ALA A 81 -0.05 -15.88 -8.78
CA ALA A 81 -0.63 -15.72 -10.09
C ALA A 81 -1.82 -16.68 -10.24
N LEU A 82 -2.89 -16.16 -10.83
CA LEU A 82 -4.09 -16.96 -11.03
C LEU A 82 -3.92 -17.81 -12.29
N PRO A 83 -4.80 -18.85 -12.40
CA PRO A 83 -4.75 -19.74 -13.54
C PRO A 83 -5.33 -19.07 -14.79
N GLU A 84 -4.61 -18.07 -15.27
CA GLU A 84 -5.04 -17.33 -16.45
C GLU A 84 -3.82 -16.80 -17.21
N GLU A 85 -4.10 -16.20 -18.36
CA GLU A 85 -3.04 -15.64 -19.19
C GLU A 85 -3.47 -14.29 -19.75
N PRO A 86 -3.60 -13.29 -18.83
CA PRO A 86 -4.01 -11.96 -19.23
C PRO A 86 -2.85 -11.21 -19.90
N SER A 87 -3.17 -10.58 -21.02
CA SER A 87 -2.17 -9.84 -21.76
C SER A 87 -2.80 -9.21 -23.02
N ALA A 88 -2.81 -7.89 -23.03
CA ALA A 88 -3.39 -7.16 -24.17
C ALA A 88 -2.28 -6.41 -24.89
N LYS A 89 -1.63 -5.51 -24.15
CA LYS A 89 -0.55 -4.71 -24.71
C LYS A 89 0.79 -5.39 -24.40
N THR A 90 1.69 -5.30 -25.36
CA THR A 90 3.02 -5.89 -25.20
C THR A 90 4.10 -4.86 -25.52
N SER A 91 4.31 -3.97 -24.56
CA SER A 91 5.32 -2.92 -24.72
C SER A 91 5.74 -2.39 -23.35
N GLY A 92 6.82 -1.62 -23.35
CA GLY A 92 7.33 -1.04 -22.13
C GLY A 92 8.27 0.12 -22.42
N PRO A 93 7.70 1.36 -22.34
CA PRO A 93 8.49 2.56 -22.60
C PRO A 93 9.42 2.87 -21.41
N SER A 94 8.87 2.70 -20.22
CA SER A 94 9.63 2.96 -19.01
C SER A 94 10.20 1.66 -18.46
N SER A 95 11.32 1.78 -17.77
CA SER A 95 11.98 0.62 -17.19
C SER A 95 12.78 1.02 -15.95
N GLY A 96 12.15 0.86 -14.80
CA GLY A 96 12.78 1.20 -13.54
C GLY A 96 11.93 2.20 -12.75
N GLY A 1 -15.25 11.21 -0.17
CA GLY A 1 -14.55 11.46 1.07
C GLY A 1 -14.96 12.82 1.67
N SER A 2 -14.36 13.12 2.81
CA SER A 2 -14.65 14.38 3.49
C SER A 2 -13.83 14.47 4.78
N SER A 3 -14.04 13.49 5.65
CA SER A 3 -13.33 13.45 6.91
C SER A 3 -11.85 13.79 6.70
N GLY A 4 -11.39 14.80 7.44
CA GLY A 4 -10.02 15.23 7.33
C GLY A 4 -9.37 15.33 8.72
N SER A 5 -8.10 14.96 8.77
CA SER A 5 -7.36 15.00 10.02
C SER A 5 -5.87 14.76 9.76
N SER A 6 -5.60 13.71 8.99
CA SER A 6 -4.24 13.36 8.65
C SER A 6 -4.23 12.30 7.56
N GLY A 7 -4.10 12.76 6.33
CA GLY A 7 -4.07 11.87 5.18
C GLY A 7 -2.93 12.22 4.23
N TYR A 8 -2.04 11.26 4.05
CA TYR A 8 -0.89 11.46 3.16
C TYR A 8 -1.10 10.75 1.83
N SER A 9 -0.29 11.14 0.85
CA SER A 9 -0.38 10.55 -0.47
C SER A 9 1.01 10.14 -0.94
N VAL A 10 1.16 8.85 -1.22
CA VAL A 10 2.42 8.32 -1.68
C VAL A 10 2.21 7.53 -2.97
N THR A 11 3.31 7.12 -3.57
CA THR A 11 3.25 6.36 -4.82
C THR A 11 3.70 4.92 -4.58
N VAL A 12 2.79 4.00 -4.85
CA VAL A 12 3.06 2.59 -4.68
C VAL A 12 3.67 2.02 -5.96
N LYS A 13 4.85 1.43 -5.82
CA LYS A 13 5.54 0.85 -6.96
C LYS A 13 5.64 -0.66 -6.78
N TRP A 14 4.91 -1.37 -7.64
CA TRP A 14 4.89 -2.82 -7.58
C TRP A 14 5.31 -3.35 -8.95
N GLY A 15 6.58 -3.75 -9.03
CA GLY A 15 7.11 -4.28 -10.28
C GLY A 15 6.54 -3.53 -11.48
N LYS A 16 6.05 -4.31 -12.44
CA LYS A 16 5.47 -3.74 -13.64
C LYS A 16 4.29 -2.83 -13.26
N GLU A 17 3.59 -3.24 -12.20
CA GLU A 17 2.45 -2.49 -11.73
C GLU A 17 2.90 -1.14 -11.19
N LYS A 18 2.07 -0.13 -11.44
CA LYS A 18 2.36 1.22 -11.00
C LYS A 18 1.08 1.86 -10.44
N PHE A 19 1.23 2.55 -9.32
CA PHE A 19 0.11 3.21 -8.69
C PHE A 19 0.50 4.60 -8.18
N GLU A 20 -0.05 5.61 -8.83
CA GLU A 20 0.23 6.98 -8.45
C GLU A 20 -1.03 7.65 -7.90
N GLY A 21 -0.90 8.19 -6.69
CA GLY A 21 -2.01 8.85 -6.03
C GLY A 21 -2.78 7.89 -5.14
N VAL A 22 -2.05 7.25 -4.24
CA VAL A 22 -2.64 6.31 -3.32
C VAL A 22 -3.11 7.04 -2.07
N GLU A 23 -4.11 6.46 -1.41
CA GLU A 23 -4.64 7.06 -0.20
C GLU A 23 -3.97 6.44 1.03
N LEU A 24 -3.12 7.26 1.66
CA LEU A 24 -2.41 6.81 2.84
C LEU A 24 -2.78 7.72 4.02
N ASN A 25 -2.96 7.08 5.17
CA ASN A 25 -3.32 7.81 6.38
C ASN A 25 -2.38 7.40 7.51
N THR A 26 -1.97 8.39 8.29
CA THR A 26 -1.08 8.15 9.41
C THR A 26 -1.87 8.07 10.71
N ASP A 27 -2.93 8.85 10.78
CA ASP A 27 -3.77 8.86 11.96
C ASP A 27 -4.16 7.43 12.33
N GLU A 28 -4.15 6.58 11.33
CA GLU A 28 -4.49 5.17 11.53
C GLU A 28 -3.23 4.31 11.47
N PRO A 29 -3.44 2.97 11.63
CA PRO A 29 -2.34 2.02 11.59
C PRO A 29 -1.84 1.81 10.17
N PRO A 30 -0.65 1.17 10.07
CA PRO A 30 -0.06 0.90 8.76
C PRO A 30 -0.78 -0.27 8.06
N MET A 31 -1.54 -1.00 8.86
CA MET A 31 -2.28 -2.14 8.33
C MET A 31 -3.26 -1.69 7.25
N VAL A 32 -3.79 -0.48 7.42
CA VAL A 32 -4.73 0.07 6.47
C VAL A 32 -4.04 0.24 5.11
N PHE A 33 -3.02 1.08 5.10
CA PHE A 33 -2.27 1.34 3.88
C PHE A 33 -1.91 0.04 3.17
N LYS A 34 -1.65 -0.98 3.97
CA LYS A 34 -1.30 -2.29 3.44
C LYS A 34 -2.56 -3.01 2.99
N ALA A 35 -3.66 -2.71 3.67
CA ALA A 35 -4.94 -3.31 3.35
C ALA A 35 -5.38 -2.86 1.96
N GLN A 36 -5.03 -1.62 1.64
CA GLN A 36 -5.38 -1.05 0.36
C GLN A 36 -4.52 -1.65 -0.75
N LEU A 37 -3.21 -1.60 -0.53
CA LEU A 37 -2.26 -2.13 -1.50
C LEU A 37 -2.76 -3.50 -1.99
N PHE A 38 -3.45 -4.20 -1.10
CA PHE A 38 -3.98 -5.51 -1.42
C PHE A 38 -4.92 -5.44 -2.63
N ALA A 39 -5.81 -4.46 -2.58
CA ALA A 39 -6.78 -4.27 -3.66
C ALA A 39 -6.09 -3.54 -4.82
N LEU A 40 -4.85 -3.13 -4.58
CA LEU A 40 -4.09 -2.43 -5.58
C LEU A 40 -3.20 -3.42 -6.34
N THR A 41 -2.54 -4.28 -5.57
CA THR A 41 -1.66 -5.28 -6.15
C THR A 41 -2.31 -6.67 -6.06
N GLY A 42 -2.51 -7.12 -4.83
CA GLY A 42 -3.11 -8.41 -4.60
C GLY A 42 -2.36 -9.18 -3.49
N VAL A 43 -1.22 -8.63 -3.12
CA VAL A 43 -0.41 -9.24 -2.07
C VAL A 43 -0.94 -8.80 -0.70
N GLN A 44 -1.05 -9.77 0.19
CA GLN A 44 -1.53 -9.51 1.54
C GLN A 44 -0.72 -8.37 2.17
N PRO A 45 -1.33 -7.75 3.21
CA PRO A 45 -0.68 -6.64 3.91
C PRO A 45 0.44 -7.17 4.83
N ALA A 46 0.61 -8.47 4.81
CA ALA A 46 1.63 -9.10 5.63
C ALA A 46 2.84 -9.43 4.76
N ARG A 47 2.57 -9.98 3.59
CA ARG A 47 3.62 -10.35 2.67
C ARG A 47 4.11 -9.11 1.90
N GLN A 48 3.23 -8.13 1.83
CA GLN A 48 3.56 -6.89 1.13
C GLN A 48 4.64 -6.12 1.88
N LYS A 49 5.88 -6.39 1.49
CA LYS A 49 7.03 -5.73 2.11
C LYS A 49 7.05 -4.27 1.70
N VAL A 50 6.43 -3.43 2.53
CA VAL A 50 6.38 -2.00 2.26
C VAL A 50 7.65 -1.35 2.78
N MET A 51 8.56 -1.08 1.86
CA MET A 51 9.83 -0.45 2.20
C MET A 51 9.64 1.05 2.47
N VAL A 52 10.70 1.66 2.97
CA VAL A 52 10.67 3.08 3.28
C VAL A 52 11.97 3.73 2.80
N LYS A 53 11.89 5.03 2.55
CA LYS A 53 13.05 5.77 2.09
C LYS A 53 14.31 5.18 2.71
N GLY A 54 14.20 4.84 3.99
CA GLY A 54 15.33 4.27 4.71
C GLY A 54 14.85 3.46 5.92
N GLY A 55 13.81 2.67 5.69
CA GLY A 55 13.26 1.84 6.75
C GLY A 55 12.13 0.96 6.22
N THR A 56 11.40 0.35 7.15
CA THR A 56 10.30 -0.53 6.80
C THR A 56 9.02 -0.10 7.51
N LEU A 57 7.90 -0.30 6.83
CA LEU A 57 6.61 0.06 7.40
C LEU A 57 6.21 -0.98 8.45
N LYS A 58 5.82 -0.48 9.62
CA LYS A 58 5.42 -1.34 10.70
C LYS A 58 4.02 -1.89 10.41
N ASP A 59 3.49 -2.64 11.38
CA ASP A 59 2.17 -3.23 11.25
C ASP A 59 1.32 -2.83 12.44
N ASP A 60 1.89 -2.99 13.62
CA ASP A 60 1.19 -2.65 14.85
C ASP A 60 0.81 -1.17 14.83
N ASP A 61 1.81 -0.34 14.55
CA ASP A 61 1.60 1.09 14.49
C ASP A 61 2.79 1.76 13.81
N TRP A 62 2.57 2.97 13.33
CA TRP A 62 3.62 3.72 12.67
C TRP A 62 4.70 4.06 13.70
N GLY A 63 4.30 4.85 14.68
CA GLY A 63 5.22 5.25 15.73
C GLY A 63 5.90 6.58 15.39
N ASN A 64 5.09 7.53 14.96
CA ASN A 64 5.60 8.83 14.59
C ASN A 64 6.63 8.69 13.48
N ILE A 65 6.21 8.07 12.39
CA ILE A 65 7.09 7.86 11.25
C ILE A 65 7.11 9.13 10.40
N LYS A 66 8.30 9.42 9.87
CA LYS A 66 8.48 10.59 9.02
C LYS A 66 7.88 10.31 7.64
N MET A 67 6.57 10.51 7.55
CA MET A 67 5.88 10.28 6.29
C MET A 67 5.76 11.59 5.48
N LYS A 68 5.66 11.43 4.18
CA LYS A 68 5.55 12.57 3.29
C LYS A 68 4.49 12.28 2.22
N ASN A 69 4.07 13.34 1.55
CA ASN A 69 3.07 13.21 0.51
C ASN A 69 3.71 13.49 -0.85
N GLY A 70 3.84 12.44 -1.64
CA GLY A 70 4.43 12.56 -2.97
C GLY A 70 5.58 11.56 -3.13
N MET A 71 6.13 11.15 -2.01
CA MET A 71 7.24 10.20 -2.02
C MET A 71 6.87 8.95 -2.81
N THR A 72 7.77 7.98 -2.76
CA THR A 72 7.55 6.72 -3.46
C THR A 72 7.69 5.53 -2.50
N VAL A 73 6.70 4.67 -2.53
CA VAL A 73 6.70 3.49 -1.68
C VAL A 73 7.01 2.25 -2.51
N LEU A 74 7.96 1.47 -2.03
CA LEU A 74 8.36 0.25 -2.71
C LEU A 74 7.68 -0.95 -2.05
N MET A 75 7.24 -1.87 -2.90
CA MET A 75 6.57 -3.07 -2.41
C MET A 75 7.19 -4.33 -3.02
N MET A 76 7.18 -5.39 -2.24
CA MET A 76 7.73 -6.66 -2.69
C MET A 76 6.88 -7.84 -2.20
N GLY A 77 6.53 -8.70 -3.14
CA GLY A 77 5.73 -9.86 -2.83
C GLY A 77 4.91 -10.30 -4.04
N SER A 78 4.28 -11.46 -3.90
CA SER A 78 3.47 -12.01 -4.98
C SER A 78 2.13 -12.50 -4.41
N ALA A 79 1.12 -12.45 -5.27
CA ALA A 79 -0.21 -12.89 -4.87
C ALA A 79 -0.51 -14.25 -5.49
N ASP A 80 0.03 -15.28 -4.85
CA ASP A 80 -0.17 -16.64 -5.32
C ASP A 80 -1.53 -17.15 -4.87
N ALA A 81 -2.50 -17.02 -5.77
CA ALA A 81 -3.86 -17.46 -5.47
C ALA A 81 -4.67 -17.49 -6.78
N LEU A 82 -5.72 -18.30 -6.75
CA LEU A 82 -6.58 -18.43 -7.91
C LEU A 82 -7.35 -17.12 -8.13
N PRO A 83 -7.77 -16.91 -9.40
CA PRO A 83 -8.52 -15.71 -9.75
C PRO A 83 -9.96 -15.79 -9.24
N GLU A 84 -10.18 -15.17 -8.09
CA GLU A 84 -11.50 -15.16 -7.49
C GLU A 84 -11.98 -13.73 -7.27
N GLU A 85 -11.85 -12.92 -8.32
CA GLU A 85 -12.26 -11.53 -8.26
C GLU A 85 -13.23 -11.22 -9.40
N PRO A 86 -14.26 -10.39 -9.06
CA PRO A 86 -15.26 -10.01 -10.04
C PRO A 86 -14.70 -8.97 -11.02
N SER A 87 -15.42 -8.79 -12.12
CA SER A 87 -15.00 -7.84 -13.13
C SER A 87 -16.07 -6.75 -13.29
N ALA A 88 -15.66 -5.51 -13.06
CA ALA A 88 -16.56 -4.38 -13.18
C ALA A 88 -15.85 -3.23 -13.89
N LYS A 89 -16.57 -2.60 -14.80
CA LYS A 89 -16.02 -1.47 -15.55
C LYS A 89 -17.12 -0.83 -16.38
N THR A 90 -17.68 -1.63 -17.28
CA THR A 90 -18.75 -1.15 -18.16
C THR A 90 -19.76 -0.34 -17.35
N SER A 91 -20.30 0.68 -18.00
CA SER A 91 -21.28 1.54 -17.36
C SER A 91 -22.33 0.70 -16.62
N GLY A 92 -23.14 1.38 -15.84
CA GLY A 92 -24.19 0.70 -15.08
C GLY A 92 -25.57 1.09 -15.59
N PRO A 93 -26.54 1.12 -14.64
CA PRO A 93 -27.91 1.47 -14.99
C PRO A 93 -28.05 2.97 -15.22
N SER A 94 -27.48 3.74 -14.30
CA SER A 94 -27.52 5.19 -14.39
C SER A 94 -26.61 5.81 -13.33
N SER A 95 -25.39 6.10 -13.74
CA SER A 95 -24.42 6.70 -12.85
C SER A 95 -24.53 6.05 -11.45
N GLY A 96 -23.95 4.87 -11.34
CA GLY A 96 -23.97 4.15 -10.08
C GLY A 96 -23.99 2.64 -10.32
N GLY A 1 -10.16 21.43 -2.43
CA GLY A 1 -9.62 21.91 -1.17
C GLY A 1 -8.10 21.76 -1.13
N SER A 2 -7.65 20.81 -0.31
CA SER A 2 -6.22 20.57 -0.18
C SER A 2 -5.52 21.79 0.39
N SER A 3 -4.84 21.59 1.51
CA SER A 3 -4.13 22.67 2.17
C SER A 3 -3.13 22.10 3.18
N GLY A 4 -3.67 21.33 4.11
CA GLY A 4 -2.84 20.72 5.15
C GLY A 4 -3.67 19.79 6.03
N SER A 5 -3.38 18.50 5.91
CA SER A 5 -4.09 17.50 6.69
C SER A 5 -3.16 16.30 6.95
N SER A 6 -3.67 15.38 7.77
CA SER A 6 -2.91 14.19 8.10
C SER A 6 -2.73 13.31 6.87
N GLY A 7 -3.86 12.93 6.29
CA GLY A 7 -3.84 12.10 5.10
C GLY A 7 -2.69 12.47 4.18
N TYR A 8 -1.78 11.53 4.01
CA TYR A 8 -0.62 11.73 3.16
C TYR A 8 -0.79 11.04 1.81
N SER A 9 -0.13 11.60 0.80
CA SER A 9 -0.20 11.05 -0.54
C SER A 9 1.16 10.50 -0.96
N VAL A 10 1.18 9.20 -1.22
CA VAL A 10 2.41 8.54 -1.64
C VAL A 10 2.17 7.79 -2.94
N THR A 11 3.25 7.22 -3.47
CA THR A 11 3.17 6.47 -4.70
C THR A 11 3.59 5.01 -4.46
N VAL A 12 2.70 4.10 -4.83
CA VAL A 12 2.97 2.68 -4.66
C VAL A 12 3.65 2.15 -5.93
N LYS A 13 4.79 1.52 -5.73
CA LYS A 13 5.54 0.96 -6.85
C LYS A 13 5.64 -0.56 -6.68
N TRP A 14 4.92 -1.26 -7.55
CA TRP A 14 4.92 -2.72 -7.51
C TRP A 14 5.50 -3.23 -8.82
N GLY A 15 6.79 -3.50 -8.80
CA GLY A 15 7.49 -4.00 -9.97
C GLY A 15 6.95 -3.33 -11.23
N LYS A 16 6.63 -4.16 -12.22
CA LYS A 16 6.11 -3.67 -13.49
C LYS A 16 4.89 -2.79 -13.22
N GLU A 17 4.13 -3.19 -12.22
CA GLU A 17 2.92 -2.45 -11.85
C GLU A 17 3.30 -1.12 -11.18
N LYS A 18 2.46 -0.12 -11.41
CA LYS A 18 2.70 1.19 -10.83
C LYS A 18 1.36 1.81 -10.44
N PHE A 19 1.33 2.38 -9.24
CA PHE A 19 0.13 3.02 -8.73
C PHE A 19 0.44 4.38 -8.14
N GLU A 20 -0.02 5.42 -8.82
CA GLU A 20 0.19 6.78 -8.37
C GLU A 20 -1.14 7.44 -8.01
N GLY A 21 -1.21 7.91 -6.77
CA GLY A 21 -2.42 8.56 -6.28
C GLY A 21 -3.18 7.66 -5.31
N VAL A 22 -2.43 7.13 -4.34
CA VAL A 22 -3.03 6.25 -3.35
C VAL A 22 -3.22 7.03 -2.05
N GLU A 23 -4.46 7.01 -1.56
CA GLU A 23 -4.80 7.71 -0.34
C GLU A 23 -4.19 6.99 0.87
N LEU A 24 -3.36 7.72 1.59
CA LEU A 24 -2.71 7.17 2.77
C LEU A 24 -2.97 8.08 3.96
N ASN A 25 -3.25 7.45 5.10
CA ASN A 25 -3.52 8.20 6.32
C ASN A 25 -2.68 7.62 7.45
N THR A 26 -2.21 8.51 8.32
CA THR A 26 -1.40 8.11 9.45
C THR A 26 -2.25 7.93 10.70
N ASP A 27 -3.41 8.58 10.68
CA ASP A 27 -4.33 8.51 11.80
C ASP A 27 -4.62 7.03 12.12
N GLU A 28 -4.44 6.21 11.10
CA GLU A 28 -4.68 4.78 11.26
C GLU A 28 -3.36 4.02 11.30
N PRO A 29 -3.46 2.68 11.49
CA PRO A 29 -2.28 1.83 11.54
C PRO A 29 -1.70 1.63 10.14
N PRO A 30 -0.47 1.04 10.11
CA PRO A 30 0.21 0.77 8.85
C PRO A 30 -0.43 -0.42 8.14
N MET A 31 -1.36 -1.06 8.82
CA MET A 31 -2.04 -2.22 8.27
C MET A 31 -3.09 -1.79 7.25
N VAL A 32 -3.64 -0.60 7.47
CA VAL A 32 -4.66 -0.08 6.58
C VAL A 32 -4.06 0.15 5.19
N PHE A 33 -3.06 1.03 5.16
CA PHE A 33 -2.40 1.35 3.91
C PHE A 33 -2.00 0.07 3.16
N LYS A 34 -1.68 -0.96 3.92
CA LYS A 34 -1.29 -2.24 3.35
C LYS A 34 -2.55 -3.01 2.93
N ALA A 35 -3.64 -2.71 3.62
CA ALA A 35 -4.91 -3.37 3.33
C ALA A 35 -5.39 -2.93 1.96
N GLN A 36 -5.04 -1.70 1.60
CA GLN A 36 -5.45 -1.16 0.31
C GLN A 36 -4.56 -1.72 -0.80
N LEU A 37 -3.26 -1.72 -0.54
CA LEU A 37 -2.31 -2.22 -1.52
C LEU A 37 -2.72 -3.63 -1.95
N PHE A 38 -3.34 -4.34 -1.02
CA PHE A 38 -3.79 -5.69 -1.29
C PHE A 38 -4.78 -5.72 -2.46
N ALA A 39 -5.56 -4.66 -2.57
CA ALA A 39 -6.54 -4.54 -3.64
C ALA A 39 -5.91 -3.80 -4.82
N LEU A 40 -4.70 -3.30 -4.59
CA LEU A 40 -4.00 -2.57 -5.62
C LEU A 40 -3.02 -3.51 -6.34
N THR A 41 -2.36 -4.34 -5.55
CA THR A 41 -1.41 -5.28 -6.09
C THR A 41 -1.98 -6.70 -6.05
N GLY A 42 -2.39 -7.11 -4.86
CA GLY A 42 -2.96 -8.43 -4.67
C GLY A 42 -2.26 -9.17 -3.52
N VAL A 43 -1.01 -8.81 -3.30
CA VAL A 43 -0.23 -9.43 -2.24
C VAL A 43 -0.81 -9.03 -0.89
N GLN A 44 -1.00 -10.04 -0.04
CA GLN A 44 -1.55 -9.81 1.28
C GLN A 44 -0.84 -8.62 1.95
N PRO A 45 -1.57 -7.98 2.91
CA PRO A 45 -1.02 -6.84 3.63
C PRO A 45 0.00 -7.30 4.67
N ALA A 46 0.22 -8.60 4.71
CA ALA A 46 1.18 -9.17 5.65
C ALA A 46 2.48 -9.49 4.91
N ARG A 47 2.33 -10.12 3.76
CA ARG A 47 3.48 -10.49 2.95
C ARG A 47 4.00 -9.28 2.18
N GLN A 48 3.08 -8.36 1.89
CA GLN A 48 3.43 -7.15 1.17
C GLN A 48 4.57 -6.41 1.86
N LYS A 49 5.78 -6.65 1.36
CA LYS A 49 6.96 -6.02 1.93
C LYS A 49 7.02 -4.56 1.49
N VAL A 50 6.45 -3.69 2.32
CA VAL A 50 6.43 -2.27 2.02
C VAL A 50 7.70 -1.62 2.58
N MET A 51 8.61 -1.29 1.68
CA MET A 51 9.86 -0.66 2.06
C MET A 51 9.67 0.83 2.31
N VAL A 52 10.71 1.45 2.85
CA VAL A 52 10.67 2.87 3.14
C VAL A 52 11.98 3.52 2.70
N LYS A 53 11.92 4.82 2.45
CA LYS A 53 13.09 5.55 2.02
C LYS A 53 14.34 4.97 2.69
N GLY A 54 14.16 4.59 3.95
CA GLY A 54 15.25 4.01 4.71
C GLY A 54 14.73 3.24 5.92
N GLY A 55 13.67 2.48 5.69
CA GLY A 55 13.07 1.69 6.74
C GLY A 55 11.96 0.80 6.19
N THR A 56 11.20 0.20 7.11
CA THR A 56 10.11 -0.68 6.73
C THR A 56 8.82 -0.27 7.44
N LEU A 57 7.71 -0.48 6.75
CA LEU A 57 6.41 -0.14 7.30
C LEU A 57 6.03 -1.17 8.36
N LYS A 58 5.79 -0.67 9.56
CA LYS A 58 5.41 -1.53 10.67
C LYS A 58 3.99 -2.05 10.44
N ASP A 59 3.46 -2.69 11.47
CA ASP A 59 2.12 -3.25 11.40
C ASP A 59 1.30 -2.75 12.59
N ASP A 60 1.92 -2.81 13.76
CA ASP A 60 1.27 -2.37 14.98
C ASP A 60 0.91 -0.89 14.86
N ASP A 61 1.94 -0.09 14.62
CA ASP A 61 1.75 1.34 14.48
C ASP A 61 2.90 1.93 13.66
N TRP A 62 2.68 3.15 13.18
CA TRP A 62 3.68 3.83 12.38
C TRP A 62 4.85 4.20 13.30
N GLY A 63 4.54 5.04 14.28
CA GLY A 63 5.54 5.48 15.24
C GLY A 63 6.22 6.77 14.76
N ASN A 64 5.39 7.78 14.52
CA ASN A 64 5.89 9.06 14.06
C ASN A 64 6.88 8.84 12.91
N ILE A 65 6.35 8.31 11.82
CA ILE A 65 7.16 8.04 10.64
C ILE A 65 7.27 9.32 9.80
N LYS A 66 8.48 9.57 9.31
CA LYS A 66 8.73 10.74 8.50
C LYS A 66 8.08 10.55 7.12
N MET A 67 6.78 10.80 7.08
CA MET A 67 6.04 10.66 5.84
C MET A 67 5.81 12.03 5.18
N LYS A 68 5.87 12.02 3.85
CA LYS A 68 5.67 13.24 3.10
C LYS A 68 4.78 12.95 1.88
N ASN A 69 4.02 13.96 1.49
CA ASN A 69 3.13 13.83 0.35
C ASN A 69 3.93 14.01 -0.95
N GLY A 70 4.18 12.89 -1.62
CA GLY A 70 4.92 12.92 -2.86
C GLY A 70 5.96 11.78 -2.89
N MET A 71 6.36 11.34 -1.71
CA MET A 71 7.34 10.28 -1.60
C MET A 71 6.91 9.06 -2.42
N THR A 72 7.77 8.05 -2.40
CA THR A 72 7.49 6.82 -3.13
C THR A 72 7.55 5.62 -2.18
N VAL A 73 6.61 4.70 -2.39
CA VAL A 73 6.54 3.51 -1.57
C VAL A 73 6.90 2.29 -2.43
N LEU A 74 7.89 1.55 -1.96
CA LEU A 74 8.34 0.36 -2.67
C LEU A 74 7.74 -0.88 -2.00
N MET A 75 7.08 -1.69 -2.83
CA MET A 75 6.46 -2.90 -2.33
C MET A 75 7.10 -4.14 -2.95
N MET A 76 7.14 -5.21 -2.15
CA MET A 76 7.73 -6.45 -2.62
C MET A 76 7.00 -7.65 -2.02
N GLY A 77 6.59 -8.55 -2.92
CA GLY A 77 5.86 -9.74 -2.50
C GLY A 77 5.12 -10.38 -3.67
N SER A 78 4.53 -11.52 -3.41
CA SER A 78 3.78 -12.24 -4.43
C SER A 78 2.43 -12.69 -3.88
N ALA A 79 1.49 -12.93 -4.79
CA ALA A 79 0.17 -13.36 -4.41
C ALA A 79 -0.16 -14.68 -5.12
N ASP A 80 0.01 -15.77 -4.38
CA ASP A 80 -0.27 -17.08 -4.93
C ASP A 80 -1.34 -17.77 -4.08
N ALA A 81 -2.56 -17.75 -4.60
CA ALA A 81 -3.69 -18.36 -3.91
C ALA A 81 -4.65 -18.96 -4.93
N LEU A 82 -5.50 -19.84 -4.45
CA LEU A 82 -6.48 -20.49 -5.31
C LEU A 82 -7.75 -19.66 -5.36
N PRO A 83 -8.41 -19.67 -6.55
CA PRO A 83 -9.64 -18.92 -6.74
C PRO A 83 -10.82 -19.61 -6.03
N GLU A 84 -10.74 -19.63 -4.71
CA GLU A 84 -11.78 -20.25 -3.91
C GLU A 84 -11.92 -19.52 -2.58
N GLU A 85 -12.77 -18.51 -2.57
CA GLU A 85 -13.00 -17.73 -1.37
C GLU A 85 -14.47 -17.82 -0.96
N PRO A 86 -14.76 -18.83 -0.09
CA PRO A 86 -16.11 -19.04 0.40
C PRO A 86 -16.50 -17.99 1.44
N SER A 87 -17.42 -17.13 1.05
CA SER A 87 -17.88 -16.07 1.93
C SER A 87 -16.72 -15.14 2.29
N ALA A 88 -17.00 -13.85 2.21
CA ALA A 88 -15.99 -12.84 2.51
C ALA A 88 -16.57 -11.84 3.50
N LYS A 89 -16.37 -12.13 4.78
CA LYS A 89 -16.86 -11.27 5.84
C LYS A 89 -16.33 -11.76 7.18
N THR A 90 -15.33 -11.04 7.68
CA THR A 90 -14.72 -11.39 8.96
C THR A 90 -15.77 -11.42 10.06
N SER A 91 -15.94 -12.61 10.64
CA SER A 91 -16.91 -12.79 11.70
C SER A 91 -16.53 -11.93 12.91
N GLY A 92 -17.48 -11.83 13.83
CA GLY A 92 -17.25 -11.04 15.04
C GLY A 92 -17.85 -11.74 16.26
N PRO A 93 -16.95 -12.05 17.23
CA PRO A 93 -17.37 -12.72 18.46
C PRO A 93 -18.08 -11.74 19.39
N SER A 94 -17.50 -10.56 19.53
CA SER A 94 -18.07 -9.54 20.38
C SER A 94 -17.30 -8.23 20.21
N SER A 95 -17.99 -7.13 20.51
CA SER A 95 -17.39 -5.81 20.40
C SER A 95 -17.45 -5.09 21.74
N GLY A 96 -16.53 -4.15 21.92
CA GLY A 96 -16.47 -3.38 23.14
C GLY A 96 -15.63 -4.11 24.20
N GLY A 1 -18.28 16.30 9.58
CA GLY A 1 -17.23 16.72 10.48
C GLY A 1 -16.02 15.79 10.41
N SER A 2 -15.57 15.36 11.57
CA SER A 2 -14.42 14.46 11.64
C SER A 2 -13.17 15.18 11.11
N SER A 3 -12.52 15.88 12.02
CA SER A 3 -11.31 16.61 11.67
C SER A 3 -10.29 15.67 11.02
N GLY A 4 -9.89 16.04 9.81
CA GLY A 4 -8.93 15.23 9.08
C GLY A 4 -7.52 15.83 9.17
N SER A 5 -7.00 16.24 8.03
CA SER A 5 -5.68 16.83 7.97
C SER A 5 -4.64 15.83 8.49
N SER A 6 -4.28 14.90 7.61
CA SER A 6 -3.30 13.88 7.96
C SER A 6 -2.98 13.01 6.75
N GLY A 7 -4.03 12.46 6.17
CA GLY A 7 -3.88 11.61 5.00
C GLY A 7 -2.79 12.14 4.08
N TYR A 8 -1.73 11.35 3.93
CA TYR A 8 -0.62 11.72 3.09
C TYR A 8 -0.77 11.12 1.68
N SER A 9 0.04 11.63 0.77
CA SER A 9 0.01 11.16 -0.61
C SER A 9 1.36 10.54 -0.97
N VAL A 10 1.31 9.24 -1.29
CA VAL A 10 2.51 8.52 -1.66
C VAL A 10 2.27 7.78 -2.97
N THR A 11 3.33 7.18 -3.48
CA THR A 11 3.25 6.43 -4.73
C THR A 11 3.58 4.96 -4.49
N VAL A 12 2.73 4.10 -5.04
CA VAL A 12 2.93 2.67 -4.90
C VAL A 12 3.63 2.12 -6.14
N LYS A 13 4.74 1.44 -5.90
CA LYS A 13 5.51 0.86 -6.99
C LYS A 13 5.53 -0.67 -6.85
N TRP A 14 4.86 -1.32 -7.78
CA TRP A 14 4.79 -2.77 -7.77
C TRP A 14 5.29 -3.28 -9.12
N GLY A 15 6.55 -3.68 -9.15
CA GLY A 15 7.15 -4.19 -10.37
C GLY A 15 6.65 -3.41 -11.59
N LYS A 16 6.18 -4.16 -12.58
CA LYS A 16 5.68 -3.56 -13.81
C LYS A 16 4.49 -2.67 -13.46
N GLU A 17 3.74 -3.09 -12.46
CA GLU A 17 2.57 -2.34 -12.03
C GLU A 17 2.99 -1.02 -11.37
N LYS A 18 2.21 0.01 -11.65
CA LYS A 18 2.49 1.32 -11.10
C LYS A 18 1.17 2.02 -10.75
N PHE A 19 1.11 2.56 -9.55
CA PHE A 19 -0.08 3.26 -9.09
C PHE A 19 0.28 4.63 -8.52
N GLU A 20 -0.13 5.66 -9.24
CA GLU A 20 0.14 7.03 -8.81
C GLU A 20 -1.14 7.68 -8.29
N GLY A 21 -1.02 8.27 -7.11
CA GLY A 21 -2.15 8.94 -6.49
C GLY A 21 -2.89 7.98 -5.55
N VAL A 22 -2.14 7.42 -4.62
CA VAL A 22 -2.71 6.49 -3.65
C VAL A 22 -2.94 7.22 -2.33
N GLU A 23 -4.11 6.99 -1.74
CA GLU A 23 -4.47 7.61 -0.48
C GLU A 23 -3.86 6.83 0.68
N LEU A 24 -3.21 7.57 1.57
CA LEU A 24 -2.58 6.97 2.74
C LEU A 24 -2.93 7.78 3.97
N ASN A 25 -2.99 7.09 5.11
CA ASN A 25 -3.30 7.73 6.37
C ASN A 25 -2.26 7.32 7.41
N THR A 26 -1.99 8.26 8.32
CA THR A 26 -1.03 8.01 9.39
C THR A 26 -1.73 7.95 10.74
N ASP A 27 -2.86 8.62 10.81
CA ASP A 27 -3.64 8.66 12.04
C ASP A 27 -4.00 7.22 12.45
N GLU A 28 -4.02 6.35 11.45
CA GLU A 28 -4.35 4.96 11.70
C GLU A 28 -3.08 4.09 11.63
N PRO A 29 -3.29 2.76 11.80
CA PRO A 29 -2.18 1.82 11.76
C PRO A 29 -1.70 1.61 10.33
N PRO A 30 -0.47 1.01 10.22
CA PRO A 30 0.12 0.75 8.91
C PRO A 30 -0.55 -0.45 8.25
N MET A 31 -1.39 -1.12 9.02
CA MET A 31 -2.10 -2.29 8.52
C MET A 31 -3.11 -1.90 7.45
N VAL A 32 -3.66 -0.70 7.60
CA VAL A 32 -4.63 -0.19 6.65
C VAL A 32 -3.97 -0.02 5.28
N PHE A 33 -2.95 0.83 5.26
CA PHE A 33 -2.22 1.09 4.03
C PHE A 33 -1.88 -0.22 3.31
N LYS A 34 -1.57 -1.23 4.09
CA LYS A 34 -1.22 -2.53 3.54
C LYS A 34 -2.50 -3.25 3.09
N ALA A 35 -3.58 -2.94 3.78
CA ALA A 35 -4.87 -3.54 3.47
C ALA A 35 -5.36 -3.00 2.13
N GLN A 36 -4.95 -1.77 1.84
CA GLN A 36 -5.35 -1.13 0.60
C GLN A 36 -4.50 -1.65 -0.56
N LEU A 37 -3.20 -1.69 -0.33
CA LEU A 37 -2.27 -2.16 -1.35
C LEU A 37 -2.67 -3.58 -1.77
N PHE A 38 -3.22 -4.32 -0.82
CA PHE A 38 -3.65 -5.68 -1.08
C PHE A 38 -4.67 -5.73 -2.20
N ALA A 39 -5.47 -4.67 -2.29
CA ALA A 39 -6.49 -4.58 -3.32
C ALA A 39 -5.92 -3.86 -4.54
N LEU A 40 -4.74 -3.28 -4.35
CA LEU A 40 -4.08 -2.56 -5.41
C LEU A 40 -3.30 -3.56 -6.29
N THR A 41 -2.60 -4.46 -5.61
CA THR A 41 -1.82 -5.46 -6.31
C THR A 41 -2.48 -6.84 -6.20
N GLY A 42 -2.74 -7.23 -4.96
CA GLY A 42 -3.37 -8.51 -4.70
C GLY A 42 -2.59 -9.31 -3.65
N VAL A 43 -1.48 -8.73 -3.22
CA VAL A 43 -0.64 -9.36 -2.22
C VAL A 43 -1.15 -9.02 -0.83
N GLN A 44 -1.13 -10.02 0.04
CA GLN A 44 -1.59 -9.85 1.41
C GLN A 44 -0.89 -8.65 2.06
N PRO A 45 -1.56 -8.08 3.08
CA PRO A 45 -1.00 -6.93 3.79
C PRO A 45 0.12 -7.36 4.72
N ALA A 46 0.41 -8.65 4.71
CA ALA A 46 1.47 -9.19 5.55
C ALA A 46 2.71 -9.45 4.68
N ARG A 47 2.49 -10.14 3.57
CA ARG A 47 3.57 -10.46 2.66
C ARG A 47 4.04 -9.19 1.94
N GLN A 48 3.11 -8.27 1.74
CA GLN A 48 3.42 -7.03 1.07
C GLN A 48 4.54 -6.29 1.81
N LYS A 49 5.75 -6.47 1.30
CA LYS A 49 6.90 -5.82 1.89
C LYS A 49 6.92 -4.34 1.51
N VAL A 50 6.38 -3.53 2.38
CA VAL A 50 6.32 -2.10 2.16
C VAL A 50 7.55 -1.43 2.76
N MET A 51 8.49 -1.09 1.90
CA MET A 51 9.72 -0.46 2.34
C MET A 51 9.49 1.02 2.66
N VAL A 52 10.51 1.64 3.24
CA VAL A 52 10.43 3.05 3.60
C VAL A 52 11.72 3.75 3.19
N LYS A 53 11.61 5.06 2.99
CA LYS A 53 12.76 5.85 2.60
C LYS A 53 14.03 5.24 3.20
N GLY A 54 13.91 4.85 4.46
CA GLY A 54 15.04 4.25 5.17
C GLY A 54 14.56 3.39 6.34
N GLY A 55 13.53 2.59 6.06
CA GLY A 55 12.98 1.71 7.06
C GLY A 55 11.85 0.85 6.49
N THR A 56 11.11 0.20 7.38
CA THR A 56 10.01 -0.65 6.96
C THR A 56 8.72 -0.23 7.68
N LEU A 57 7.63 -0.25 6.94
CA LEU A 57 6.33 0.11 7.48
C LEU A 57 5.92 -0.91 8.54
N LYS A 58 5.80 -0.42 9.76
CA LYS A 58 5.41 -1.27 10.89
C LYS A 58 4.05 -1.90 10.59
N ASP A 59 3.51 -2.57 11.60
CA ASP A 59 2.22 -3.22 11.46
C ASP A 59 1.30 -2.76 12.60
N ASP A 60 1.84 -2.81 13.81
CA ASP A 60 1.09 -2.41 14.99
C ASP A 60 0.77 -0.92 14.89
N ASP A 61 1.81 -0.12 14.69
CA ASP A 61 1.65 1.31 14.57
C ASP A 61 2.85 1.90 13.83
N TRP A 62 2.65 3.10 13.31
CA TRP A 62 3.70 3.79 12.57
C TRP A 62 4.79 4.17 13.57
N GLY A 63 4.37 4.81 14.65
CA GLY A 63 5.30 5.24 15.69
C GLY A 63 5.68 6.71 15.49
N ASN A 64 6.96 6.91 15.20
CA ASN A 64 7.47 8.25 14.99
C ASN A 64 8.11 8.34 13.60
N ILE A 65 7.43 7.73 12.63
CA ILE A 65 7.92 7.73 11.27
C ILE A 65 7.74 9.13 10.67
N LYS A 66 8.72 9.53 9.88
CA LYS A 66 8.68 10.84 9.24
C LYS A 66 8.06 10.70 7.85
N MET A 67 6.73 10.59 7.83
CA MET A 67 6.01 10.45 6.58
C MET A 67 5.81 11.81 5.91
N LYS A 68 5.56 11.77 4.62
CA LYS A 68 5.36 12.99 3.85
C LYS A 68 4.54 12.67 2.60
N ASN A 69 4.22 13.70 1.85
CA ASN A 69 3.43 13.55 0.63
C ASN A 69 4.35 13.78 -0.58
N GLY A 70 4.54 12.72 -1.35
CA GLY A 70 5.38 12.80 -2.54
C GLY A 70 6.34 11.61 -2.61
N MET A 71 6.74 11.14 -1.44
CA MET A 71 7.65 10.01 -1.36
C MET A 71 7.13 8.83 -2.18
N THR A 72 7.98 7.83 -2.33
CA THR A 72 7.63 6.64 -3.08
C THR A 72 7.59 5.42 -2.17
N VAL A 73 6.59 4.57 -2.40
CA VAL A 73 6.43 3.37 -1.60
C VAL A 73 6.80 2.15 -2.44
N LEU A 74 7.84 1.46 -2.00
CA LEU A 74 8.32 0.28 -2.70
C LEU A 74 7.60 -0.96 -2.16
N MET A 75 6.95 -1.68 -3.06
CA MET A 75 6.22 -2.87 -2.67
C MET A 75 6.84 -4.12 -3.32
N MET A 76 7.20 -5.07 -2.47
CA MET A 76 7.80 -6.30 -2.94
C MET A 76 7.02 -7.52 -2.44
N GLY A 77 6.61 -8.35 -3.39
CA GLY A 77 5.85 -9.54 -3.06
C GLY A 77 4.97 -9.98 -4.23
N SER A 78 4.42 -11.18 -4.11
CA SER A 78 3.55 -11.71 -5.14
C SER A 78 2.35 -12.41 -4.51
N ALA A 79 1.17 -12.03 -4.99
CA ALA A 79 -0.06 -12.61 -4.49
C ALA A 79 0.08 -14.13 -4.41
N ASP A 80 -0.37 -14.79 -5.47
CA ASP A 80 -0.29 -16.23 -5.53
C ASP A 80 0.07 -16.66 -6.95
N ALA A 81 1.35 -16.90 -7.16
CA ALA A 81 1.83 -17.31 -8.47
C ALA A 81 1.53 -16.21 -9.49
N LEU A 82 2.08 -16.39 -10.69
CA LEU A 82 1.87 -15.42 -11.75
C LEU A 82 0.39 -15.06 -11.83
N PRO A 83 0.08 -13.79 -11.45
CA PRO A 83 -1.29 -13.30 -11.48
C PRO A 83 -1.75 -13.03 -12.91
N GLU A 84 -2.95 -12.49 -13.01
CA GLU A 84 -3.52 -12.17 -14.31
C GLU A 84 -3.90 -10.69 -14.38
N GLU A 85 -2.92 -9.88 -14.75
CA GLU A 85 -3.14 -8.45 -14.86
C GLU A 85 -3.55 -8.08 -16.28
N PRO A 86 -4.53 -7.14 -16.37
CA PRO A 86 -5.04 -6.70 -17.66
C PRO A 86 -4.04 -5.76 -18.34
N SER A 87 -3.73 -4.66 -17.65
CA SER A 87 -2.79 -3.68 -18.17
C SER A 87 -2.35 -2.75 -17.06
N ALA A 88 -1.48 -1.81 -17.43
CA ALA A 88 -0.97 -0.84 -16.47
C ALA A 88 -0.27 0.29 -17.22
N LYS A 89 -1.05 0.98 -18.05
CA LYS A 89 -0.53 2.09 -18.83
C LYS A 89 0.22 1.54 -20.04
N THR A 90 -0.07 2.12 -21.19
CA THR A 90 0.58 1.70 -22.42
C THR A 90 2.06 2.06 -22.40
N SER A 91 2.85 1.27 -23.11
CA SER A 91 4.28 1.48 -23.18
C SER A 91 4.89 1.39 -21.78
N GLY A 92 6.17 1.06 -21.74
CA GLY A 92 6.88 0.95 -20.48
C GLY A 92 7.79 -0.29 -20.48
N PRO A 93 9.10 -0.04 -20.77
CA PRO A 93 10.08 -1.11 -20.80
C PRO A 93 10.44 -1.56 -19.38
N SER A 94 9.91 -0.83 -18.41
CA SER A 94 10.17 -1.15 -17.01
C SER A 94 11.67 -0.98 -16.72
N SER A 95 12.03 0.23 -16.31
CA SER A 95 13.42 0.53 -15.99
C SER A 95 13.55 0.83 -14.49
N GLY A 96 14.78 0.70 -14.01
CA GLY A 96 15.05 0.94 -12.60
C GLY A 96 16.09 -0.04 -12.07
N GLY A 1 -14.91 8.48 4.58
CA GLY A 1 -13.97 9.43 5.15
C GLY A 1 -14.10 10.81 4.51
N SER A 2 -14.63 11.74 5.28
CA SER A 2 -14.82 13.11 4.80
C SER A 2 -13.47 13.70 4.41
N SER A 3 -12.62 13.87 5.42
CA SER A 3 -11.31 14.44 5.19
C SER A 3 -10.26 13.66 6.00
N GLY A 4 -10.43 13.69 7.30
CA GLY A 4 -9.51 12.99 8.20
C GLY A 4 -8.84 13.96 9.17
N SER A 5 -7.52 13.83 9.27
CA SER A 5 -6.76 14.69 10.15
C SER A 5 -5.43 15.05 9.50
N SER A 6 -4.66 14.02 9.19
CA SER A 6 -3.36 14.20 8.55
C SER A 6 -3.45 13.87 7.07
N GLY A 7 -3.60 12.59 6.79
CA GLY A 7 -3.69 12.13 5.40
C GLY A 7 -2.43 12.50 4.62
N TYR A 8 -2.01 11.57 3.77
CA TYR A 8 -0.83 11.79 2.95
C TYR A 8 -1.00 11.18 1.56
N SER A 9 -0.04 11.48 0.70
CA SER A 9 -0.08 10.98 -0.66
C SER A 9 1.28 10.38 -1.04
N VAL A 10 1.26 9.10 -1.37
CA VAL A 10 2.48 8.40 -1.75
C VAL A 10 2.25 7.68 -3.08
N THR A 11 3.33 7.11 -3.60
CA THR A 11 3.27 6.38 -4.85
C THR A 11 3.65 4.91 -4.65
N VAL A 12 2.72 4.04 -5.01
CA VAL A 12 2.96 2.61 -4.87
C VAL A 12 3.61 2.08 -6.15
N LYS A 13 4.74 1.40 -5.96
CA LYS A 13 5.47 0.83 -7.08
C LYS A 13 5.56 -0.69 -6.90
N TRP A 14 4.94 -1.39 -7.84
CA TRP A 14 4.94 -2.85 -7.81
C TRP A 14 5.39 -3.35 -9.18
N GLY A 15 6.66 -3.73 -9.24
CA GLY A 15 7.22 -4.24 -10.48
C GLY A 15 6.67 -3.48 -11.69
N LYS A 16 6.23 -4.24 -12.68
CA LYS A 16 5.67 -3.66 -13.88
C LYS A 16 4.49 -2.76 -13.52
N GLU A 17 3.76 -3.19 -12.49
CA GLU A 17 2.61 -2.44 -12.03
C GLU A 17 3.05 -1.09 -11.44
N LYS A 18 2.23 -0.08 -11.69
CA LYS A 18 2.52 1.26 -11.19
C LYS A 18 1.22 1.93 -10.77
N PHE A 19 1.24 2.49 -9.58
CA PHE A 19 0.07 3.17 -9.05
C PHE A 19 0.44 4.55 -8.48
N GLU A 20 -0.02 5.58 -9.16
CA GLU A 20 0.25 6.94 -8.74
C GLU A 20 -1.04 7.64 -8.30
N GLY A 21 -1.03 8.11 -7.06
CA GLY A 21 -2.19 8.80 -6.52
C GLY A 21 -2.94 7.90 -5.53
N VAL A 22 -2.18 7.30 -4.63
CA VAL A 22 -2.76 6.43 -3.63
C VAL A 22 -3.03 7.22 -2.35
N GLU A 23 -4.10 6.85 -1.68
CA GLU A 23 -4.48 7.52 -0.43
C GLU A 23 -3.85 6.81 0.76
N LEU A 24 -3.24 7.61 1.62
CA LEU A 24 -2.58 7.07 2.81
C LEU A 24 -2.86 8.00 3.99
N ASN A 25 -3.14 7.38 5.13
CA ASN A 25 -3.43 8.13 6.34
C ASN A 25 -2.58 7.59 7.49
N THR A 26 -2.12 8.49 8.33
CA THR A 26 -1.30 8.12 9.47
C THR A 26 -2.16 7.97 10.72
N ASP A 27 -3.30 8.65 10.71
CA ASP A 27 -4.22 8.60 11.83
C ASP A 27 -4.50 7.14 12.18
N GLU A 28 -4.29 6.28 11.21
CA GLU A 28 -4.52 4.86 11.40
C GLU A 28 -3.20 4.09 11.36
N PRO A 29 -3.29 2.77 11.63
CA PRO A 29 -2.11 1.91 11.63
C PRO A 29 -1.64 1.63 10.21
N PRO A 30 -0.46 0.97 10.12
CA PRO A 30 0.12 0.62 8.83
C PRO A 30 -0.63 -0.55 8.19
N MET A 31 -1.46 -1.19 8.99
CA MET A 31 -2.24 -2.32 8.52
C MET A 31 -3.26 -1.89 7.46
N VAL A 32 -3.80 -0.70 7.66
CA VAL A 32 -4.79 -0.17 6.74
C VAL A 32 -4.13 0.04 5.37
N PHE A 33 -3.07 0.85 5.38
CA PHE A 33 -2.35 1.14 4.15
C PHE A 33 -1.95 -0.14 3.43
N LYS A 34 -1.70 -1.18 4.22
CA LYS A 34 -1.32 -2.46 3.68
C LYS A 34 -2.57 -3.21 3.20
N ALA A 35 -3.69 -2.89 3.84
CA ALA A 35 -4.94 -3.53 3.49
C ALA A 35 -5.42 -3.00 2.13
N GLN A 36 -5.00 -1.79 1.82
CA GLN A 36 -5.38 -1.16 0.56
C GLN A 36 -4.49 -1.69 -0.57
N LEU A 37 -3.19 -1.75 -0.28
CA LEU A 37 -2.24 -2.23 -1.27
C LEU A 37 -2.65 -3.61 -1.75
N PHE A 38 -3.27 -4.36 -0.84
CA PHE A 38 -3.73 -5.70 -1.16
C PHE A 38 -4.69 -5.69 -2.35
N ALA A 39 -5.47 -4.62 -2.42
CA ALA A 39 -6.43 -4.48 -3.51
C ALA A 39 -5.78 -3.72 -4.66
N LEU A 40 -4.60 -3.17 -4.39
CA LEU A 40 -3.87 -2.43 -5.39
C LEU A 40 -3.15 -3.39 -6.32
N THR A 41 -2.48 -4.37 -5.71
CA THR A 41 -1.76 -5.37 -6.48
C THR A 41 -2.42 -6.74 -6.33
N GLY A 42 -2.37 -7.26 -5.12
CA GLY A 42 -2.96 -8.55 -4.83
C GLY A 42 -2.22 -9.26 -3.69
N VAL A 43 -1.00 -8.80 -3.45
CA VAL A 43 -0.18 -9.38 -2.40
C VAL A 43 -0.80 -9.03 -1.04
N GLN A 44 -0.73 -9.99 -0.12
CA GLN A 44 -1.27 -9.81 1.21
C GLN A 44 -0.49 -8.71 1.94
N PRO A 45 -1.17 -8.11 2.95
CA PRO A 45 -0.56 -7.05 3.75
C PRO A 45 0.46 -7.63 4.73
N ALA A 46 0.62 -8.93 4.67
CA ALA A 46 1.57 -9.62 5.54
C ALA A 46 2.85 -9.93 4.76
N ARG A 47 2.68 -10.13 3.46
CA ARG A 47 3.80 -10.44 2.60
C ARG A 47 4.28 -9.17 1.89
N GLN A 48 3.34 -8.26 1.65
CA GLN A 48 3.66 -7.01 0.99
C GLN A 48 4.78 -6.28 1.73
N LYS A 49 5.99 -6.42 1.21
CA LYS A 49 7.14 -5.79 1.81
C LYS A 49 7.12 -4.29 1.48
N VAL A 50 6.54 -3.53 2.39
CA VAL A 50 6.43 -2.09 2.21
C VAL A 50 7.68 -1.43 2.82
N MET A 51 8.60 -1.06 1.95
CA MET A 51 9.83 -0.41 2.38
C MET A 51 9.59 1.07 2.68
N VAL A 52 10.61 1.69 3.26
CA VAL A 52 10.53 3.09 3.61
C VAL A 52 11.83 3.79 3.21
N LYS A 53 11.72 5.10 3.01
CA LYS A 53 12.89 5.89 2.63
C LYS A 53 14.14 5.30 3.29
N GLY A 54 13.97 4.89 4.53
CA GLY A 54 15.08 4.32 5.28
C GLY A 54 14.56 3.46 6.44
N GLY A 55 13.54 2.67 6.14
CA GLY A 55 12.96 1.80 7.15
C GLY A 55 11.88 0.90 6.53
N THR A 56 11.12 0.25 7.41
CA THR A 56 10.05 -0.63 6.96
C THR A 56 8.74 -0.25 7.65
N LEU A 57 7.66 -0.35 6.88
CA LEU A 57 6.34 -0.02 7.40
C LEU A 57 5.97 -1.02 8.50
N LYS A 58 5.70 -0.47 9.68
CA LYS A 58 5.33 -1.30 10.82
C LYS A 58 3.98 -1.96 10.54
N ASP A 59 3.46 -2.61 11.57
CA ASP A 59 2.18 -3.30 11.46
C ASP A 59 1.27 -2.87 12.60
N ASP A 60 1.82 -2.93 13.81
CA ASP A 60 1.06 -2.55 14.99
C ASP A 60 0.70 -1.06 14.91
N ASP A 61 1.72 -0.26 14.62
CA ASP A 61 1.53 1.18 14.51
C ASP A 61 2.74 1.80 13.81
N TRP A 62 2.54 2.99 13.27
CA TRP A 62 3.60 3.69 12.58
C TRP A 62 4.68 4.05 13.60
N GLY A 63 4.23 4.58 14.73
CA GLY A 63 5.13 4.97 15.80
C GLY A 63 5.44 6.47 15.73
N ASN A 64 6.52 6.79 15.04
CA ASN A 64 6.94 8.17 14.91
C ASN A 64 7.72 8.34 13.60
N ILE A 65 7.27 7.64 12.59
CA ILE A 65 7.92 7.69 11.29
C ILE A 65 7.68 9.07 10.66
N LYS A 66 8.71 9.59 10.02
CA LYS A 66 8.62 10.88 9.37
C LYS A 66 7.97 10.72 8.00
N MET A 67 6.67 10.49 8.03
CA MET A 67 5.91 10.31 6.79
C MET A 67 5.60 11.65 6.14
N LYS A 68 5.57 11.64 4.81
CA LYS A 68 5.30 12.85 4.06
C LYS A 68 4.48 12.50 2.82
N ASN A 69 3.94 13.53 2.18
CA ASN A 69 3.14 13.35 0.99
C ASN A 69 3.99 13.68 -0.24
N GLY A 70 4.23 12.65 -1.04
CA GLY A 70 5.02 12.81 -2.25
C GLY A 70 5.99 11.64 -2.43
N MET A 71 6.52 11.17 -1.31
CA MET A 71 7.46 10.07 -1.33
C MET A 71 6.90 8.89 -2.12
N THR A 72 7.76 7.89 -2.32
CA THR A 72 7.36 6.71 -3.06
C THR A 72 7.41 5.47 -2.16
N VAL A 73 6.45 4.59 -2.37
CA VAL A 73 6.38 3.36 -1.58
C VAL A 73 6.79 2.18 -2.46
N LEU A 74 7.79 1.44 -1.98
CA LEU A 74 8.28 0.28 -2.70
C LEU A 74 7.57 -0.97 -2.19
N MET A 75 6.92 -1.65 -3.10
CA MET A 75 6.19 -2.87 -2.76
C MET A 75 6.83 -4.09 -3.44
N MET A 76 7.03 -5.13 -2.64
CA MET A 76 7.62 -6.36 -3.14
C MET A 76 6.87 -7.58 -2.62
N GLY A 77 6.57 -8.49 -3.53
CA GLY A 77 5.85 -9.70 -3.19
C GLY A 77 5.06 -10.24 -4.37
N SER A 78 4.50 -11.43 -4.19
CA SER A 78 3.71 -12.06 -5.23
C SER A 78 2.41 -12.62 -4.65
N ALA A 79 1.36 -12.54 -5.44
CA ALA A 79 0.06 -13.03 -5.01
C ALA A 79 -0.23 -14.36 -5.71
N ASP A 80 0.08 -15.45 -5.02
CA ASP A 80 -0.14 -16.78 -5.55
C ASP A 80 -1.47 -17.32 -5.02
N ALA A 81 -2.36 -16.40 -4.69
CA ALA A 81 -3.67 -16.78 -4.17
C ALA A 81 -3.49 -17.38 -2.77
N LEU A 82 -4.26 -16.85 -1.84
CA LEU A 82 -4.20 -17.32 -0.46
C LEU A 82 -4.91 -18.67 -0.37
N PRO A 83 -4.41 -19.52 0.58
CA PRO A 83 -4.98 -20.84 0.79
C PRO A 83 -6.32 -20.75 1.52
N GLU A 84 -7.35 -20.36 0.77
CA GLU A 84 -8.68 -20.24 1.33
C GLU A 84 -9.65 -19.73 0.27
N GLU A 85 -10.92 -20.06 0.47
CA GLU A 85 -11.97 -19.66 -0.46
C GLU A 85 -12.67 -18.39 0.06
N PRO A 86 -13.13 -17.56 -0.91
CA PRO A 86 -13.82 -16.33 -0.57
C PRO A 86 -15.24 -16.61 -0.09
N SER A 87 -15.77 -15.67 0.68
CA SER A 87 -17.12 -15.81 1.21
C SER A 87 -17.75 -14.43 1.39
N ALA A 88 -18.94 -14.28 0.82
CA ALA A 88 -19.66 -13.02 0.91
C ALA A 88 -18.79 -11.89 0.35
N LYS A 89 -18.83 -11.75 -0.96
CA LYS A 89 -18.05 -10.71 -1.63
C LYS A 89 -18.16 -9.41 -0.84
N THR A 90 -17.02 -8.79 -0.61
CA THR A 90 -16.97 -7.54 0.13
C THR A 90 -17.57 -6.41 -0.72
N SER A 91 -18.43 -5.63 -0.08
CA SER A 91 -19.08 -4.52 -0.75
C SER A 91 -19.91 -5.03 -1.93
N GLY A 92 -21.21 -5.18 -1.68
CA GLY A 92 -22.12 -5.66 -2.71
C GLY A 92 -23.56 -5.22 -2.41
N PRO A 93 -24.31 -6.15 -1.75
CA PRO A 93 -25.69 -5.88 -1.41
C PRO A 93 -25.77 -4.91 -0.22
N SER A 94 -24.75 -4.97 0.62
CA SER A 94 -24.70 -4.11 1.79
C SER A 94 -24.53 -2.65 1.37
N SER A 95 -25.35 -1.79 1.97
CA SER A 95 -25.29 -0.37 1.66
C SER A 95 -25.35 0.44 2.94
N GLY A 96 -24.65 1.57 2.93
CA GLY A 96 -24.61 2.45 4.09
C GLY A 96 -24.76 3.91 3.66
N GLY A 1 -14.95 5.45 5.78
CA GLY A 1 -14.79 6.69 5.04
C GLY A 1 -13.47 7.37 5.37
N SER A 2 -12.98 8.15 4.43
CA SER A 2 -11.73 8.87 4.62
C SER A 2 -11.67 10.07 3.68
N SER A 3 -11.11 11.15 4.19
CA SER A 3 -10.98 12.38 3.41
C SER A 3 -9.68 13.09 3.76
N GLY A 4 -9.54 13.40 5.04
CA GLY A 4 -8.34 14.08 5.51
C GLY A 4 -7.93 13.58 6.90
N SER A 5 -7.69 14.52 7.79
CA SER A 5 -7.30 14.18 9.15
C SER A 5 -6.00 13.38 9.14
N SER A 6 -4.90 14.08 8.87
CA SER A 6 -3.59 13.45 8.82
C SER A 6 -3.55 12.43 7.69
N GLY A 7 -3.66 12.94 6.48
CA GLY A 7 -3.63 12.08 5.30
C GLY A 7 -2.50 12.49 4.35
N TYR A 8 -1.69 11.49 4.00
CA TYR A 8 -0.57 11.72 3.11
C TYR A 8 -0.77 11.01 1.78
N SER A 9 -0.11 11.53 0.75
CA SER A 9 -0.20 10.95 -0.58
C SER A 9 1.15 10.41 -1.01
N VAL A 10 1.19 9.10 -1.21
CA VAL A 10 2.42 8.43 -1.62
C VAL A 10 2.15 7.66 -2.92
N THR A 11 3.22 7.11 -3.46
CA THR A 11 3.13 6.34 -4.69
C THR A 11 3.55 4.88 -4.45
N VAL A 12 2.66 3.98 -4.83
CA VAL A 12 2.91 2.56 -4.66
C VAL A 12 3.63 2.01 -5.90
N LYS A 13 4.83 1.50 -5.68
CA LYS A 13 5.61 0.95 -6.77
C LYS A 13 5.68 -0.57 -6.63
N TRP A 14 5.12 -1.24 -7.63
CA TRP A 14 5.10 -2.70 -7.63
C TRP A 14 5.75 -3.17 -8.93
N GLY A 15 7.05 -3.47 -8.83
CA GLY A 15 7.79 -3.93 -9.98
C GLY A 15 7.33 -3.23 -11.26
N LYS A 16 7.09 -4.03 -12.28
CA LYS A 16 6.64 -3.51 -13.56
C LYS A 16 5.38 -2.65 -13.34
N GLU A 17 4.56 -3.10 -12.41
CA GLU A 17 3.34 -2.39 -12.09
C GLU A 17 3.65 -1.06 -11.41
N LYS A 18 2.82 -0.07 -11.69
CA LYS A 18 3.00 1.25 -11.11
C LYS A 18 1.64 1.78 -10.62
N PHE A 19 1.68 2.45 -9.48
CA PHE A 19 0.48 3.00 -8.90
C PHE A 19 0.72 4.42 -8.36
N GLU A 20 0.06 5.38 -9.00
CA GLU A 20 0.20 6.77 -8.61
C GLU A 20 -1.15 7.32 -8.16
N GLY A 21 -1.16 7.82 -6.93
CA GLY A 21 -2.38 8.39 -6.36
C GLY A 21 -3.01 7.44 -5.36
N VAL A 22 -2.19 7.00 -4.41
CA VAL A 22 -2.66 6.08 -3.38
C VAL A 22 -2.95 6.86 -2.10
N GLU A 23 -4.10 6.56 -1.50
CA GLU A 23 -4.49 7.22 -0.27
C GLU A 23 -3.82 6.57 0.93
N LEU A 24 -3.26 7.40 1.79
CA LEU A 24 -2.57 6.92 2.98
C LEU A 24 -2.87 7.86 4.15
N ASN A 25 -3.13 7.27 5.30
CA ASN A 25 -3.42 8.04 6.49
C ASN A 25 -2.53 7.55 7.64
N THR A 26 -2.16 8.49 8.50
CA THR A 26 -1.31 8.16 9.64
C THR A 26 -2.16 8.02 10.90
N ASP A 27 -3.21 8.83 10.97
CA ASP A 27 -4.11 8.81 12.12
C ASP A 27 -4.39 7.35 12.50
N GLU A 28 -4.42 6.50 11.48
CA GLU A 28 -4.68 5.08 11.70
C GLU A 28 -3.38 4.29 11.62
N PRO A 29 -3.52 2.95 11.75
CA PRO A 29 -2.36 2.06 11.71
C PRO A 29 -1.85 1.90 10.27
N PRO A 30 -0.66 1.25 10.15
CA PRO A 30 -0.06 1.03 8.85
C PRO A 30 -0.79 -0.08 8.09
N MET A 31 -1.35 -1.01 8.85
CA MET A 31 -2.07 -2.13 8.26
C MET A 31 -3.07 -1.64 7.21
N VAL A 32 -3.80 -0.60 7.57
CA VAL A 32 -4.80 -0.03 6.66
C VAL A 32 -4.15 0.18 5.29
N PHE A 33 -3.01 0.85 5.31
CA PHE A 33 -2.29 1.14 4.08
C PHE A 33 -1.95 -0.15 3.33
N LYS A 34 -1.84 -1.23 4.10
CA LYS A 34 -1.53 -2.53 3.52
C LYS A 34 -2.82 -3.20 3.04
N ALA A 35 -3.88 -2.95 3.79
CA ALA A 35 -5.18 -3.52 3.45
C ALA A 35 -5.62 -2.99 2.09
N GLN A 36 -5.11 -1.82 1.75
CA GLN A 36 -5.45 -1.20 0.48
C GLN A 36 -4.58 -1.77 -0.64
N LEU A 37 -3.28 -1.79 -0.39
CA LEU A 37 -2.34 -2.30 -1.36
C LEU A 37 -2.82 -3.67 -1.87
N PHE A 38 -3.57 -4.35 -1.01
CA PHE A 38 -4.10 -5.65 -1.35
C PHE A 38 -5.01 -5.56 -2.58
N ALA A 39 -5.90 -4.59 -2.56
CA ALA A 39 -6.82 -4.39 -3.66
C ALA A 39 -6.11 -3.64 -4.79
N LEU A 40 -4.89 -3.22 -4.50
CA LEU A 40 -4.10 -2.49 -5.47
C LEU A 40 -3.43 -3.48 -6.43
N THR A 41 -2.70 -4.42 -5.84
CA THR A 41 -2.00 -5.43 -6.63
C THR A 41 -2.69 -6.79 -6.46
N GLY A 42 -2.77 -7.22 -5.22
CA GLY A 42 -3.39 -8.50 -4.91
C GLY A 42 -2.62 -9.24 -3.81
N VAL A 43 -1.42 -8.74 -3.53
CA VAL A 43 -0.58 -9.34 -2.52
C VAL A 43 -1.10 -8.95 -1.13
N GLN A 44 -1.04 -9.90 -0.22
CA GLN A 44 -1.49 -9.67 1.14
C GLN A 44 -0.69 -8.55 1.79
N PRO A 45 -1.28 -7.95 2.86
CA PRO A 45 -0.62 -6.86 3.57
C PRO A 45 0.50 -7.40 4.45
N ALA A 46 0.72 -8.70 4.37
CA ALA A 46 1.76 -9.34 5.15
C ALA A 46 2.98 -9.59 4.27
N ARG A 47 2.71 -9.98 3.03
CA ARG A 47 3.78 -10.25 2.08
C ARG A 47 4.25 -8.95 1.44
N GLN A 48 3.30 -8.06 1.20
CA GLN A 48 3.60 -6.78 0.59
C GLN A 48 4.66 -6.04 1.42
N LYS A 49 5.92 -6.27 1.06
CA LYS A 49 7.03 -5.63 1.75
C LYS A 49 7.07 -4.15 1.39
N VAL A 50 6.40 -3.35 2.22
CA VAL A 50 6.36 -1.91 1.98
C VAL A 50 7.59 -1.26 2.62
N MET A 51 8.55 -0.95 1.77
CA MET A 51 9.78 -0.32 2.23
C MET A 51 9.55 1.15 2.56
N VAL A 52 10.57 1.75 3.17
CA VAL A 52 10.49 3.15 3.53
C VAL A 52 11.79 3.86 3.12
N LYS A 53 11.69 5.17 2.95
CA LYS A 53 12.84 5.96 2.55
C LYS A 53 14.13 5.26 3.01
N GLY A 54 14.17 4.97 4.30
CA GLY A 54 15.33 4.30 4.88
C GLY A 54 14.92 3.40 6.04
N GLY A 55 13.91 2.58 5.78
CA GLY A 55 13.41 1.66 6.80
C GLY A 55 12.20 0.89 6.29
N THR A 56 11.57 0.17 7.21
CA THR A 56 10.39 -0.62 6.87
C THR A 56 9.21 -0.21 7.74
N LEU A 57 8.05 -0.14 7.10
CA LEU A 57 6.83 0.24 7.80
C LEU A 57 6.45 -0.87 8.78
N LYS A 58 6.01 -0.43 9.96
CA LYS A 58 5.61 -1.37 10.99
C LYS A 58 4.24 -1.97 10.65
N ASP A 59 3.68 -2.70 11.60
CA ASP A 59 2.38 -3.32 11.41
C ASP A 59 1.46 -2.92 12.56
N ASP A 60 2.01 -2.98 13.76
CA ASP A 60 1.25 -2.63 14.95
C ASP A 60 0.87 -1.15 14.89
N ASP A 61 1.88 -0.33 14.63
CA ASP A 61 1.66 1.11 14.55
C ASP A 61 2.88 1.76 13.88
N TRP A 62 2.65 2.94 13.33
CA TRP A 62 3.70 3.67 12.66
C TRP A 62 4.80 3.97 13.70
N GLY A 63 4.35 4.49 14.84
CA GLY A 63 5.27 4.83 15.91
C GLY A 63 5.68 6.30 15.84
N ASN A 64 6.45 6.63 14.82
CA ASN A 64 6.90 8.00 14.63
C ASN A 64 7.71 8.09 13.33
N ILE A 65 7.12 7.54 12.28
CA ILE A 65 7.77 7.55 10.98
C ILE A 65 7.49 8.89 10.28
N LYS A 66 8.51 9.39 9.60
CA LYS A 66 8.40 10.66 8.90
C LYS A 66 7.72 10.42 7.56
N MET A 67 6.45 10.83 7.49
CA MET A 67 5.68 10.67 6.27
C MET A 67 5.61 11.98 5.49
N LYS A 68 5.64 11.85 4.17
CA LYS A 68 5.58 13.02 3.30
C LYS A 68 4.65 12.72 2.13
N ASN A 69 4.06 13.79 1.60
CA ASN A 69 3.15 13.65 0.47
C ASN A 69 3.92 13.90 -0.83
N GLY A 70 4.21 12.81 -1.52
CA GLY A 70 4.93 12.90 -2.78
C GLY A 70 5.99 11.79 -2.88
N MET A 71 6.43 11.34 -1.73
CA MET A 71 7.44 10.29 -1.67
C MET A 71 7.01 9.08 -2.51
N THR A 72 7.81 8.03 -2.41
CA THR A 72 7.53 6.82 -3.16
C THR A 72 7.56 5.60 -2.23
N VAL A 73 6.60 4.71 -2.43
CA VAL A 73 6.50 3.51 -1.62
C VAL A 73 6.82 2.29 -2.48
N LEU A 74 7.79 1.51 -2.02
CA LEU A 74 8.20 0.32 -2.75
C LEU A 74 7.43 -0.88 -2.20
N MET A 75 6.89 -1.67 -3.13
CA MET A 75 6.12 -2.84 -2.77
C MET A 75 6.73 -4.10 -3.39
N MET A 76 6.98 -5.08 -2.53
CA MET A 76 7.56 -6.34 -2.98
C MET A 76 6.77 -7.52 -2.42
N GLY A 77 6.29 -8.35 -3.35
CA GLY A 77 5.52 -9.52 -2.98
C GLY A 77 4.78 -10.11 -4.19
N SER A 78 4.24 -11.31 -3.99
CA SER A 78 3.52 -11.98 -5.05
C SER A 78 2.08 -12.25 -4.61
N ALA A 79 1.27 -12.68 -5.56
CA ALA A 79 -0.13 -12.97 -5.28
C ALA A 79 -0.50 -14.30 -5.94
N ASP A 80 -0.01 -15.38 -5.34
CA ASP A 80 -0.29 -16.71 -5.86
C ASP A 80 -1.31 -17.41 -4.95
N ALA A 81 -2.55 -17.44 -5.42
CA ALA A 81 -3.63 -18.05 -4.67
C ALA A 81 -4.19 -19.23 -5.47
N LEU A 82 -4.19 -20.39 -4.83
CA LEU A 82 -4.70 -21.60 -5.47
C LEU A 82 -6.09 -21.30 -6.07
N PRO A 83 -6.21 -21.63 -7.39
CA PRO A 83 -7.47 -21.40 -8.09
C PRO A 83 -8.51 -22.45 -7.71
N GLU A 84 -9.75 -22.17 -8.07
CA GLU A 84 -10.84 -23.08 -7.76
C GLU A 84 -10.95 -23.29 -6.25
N GLU A 85 -12.17 -23.59 -5.81
CA GLU A 85 -12.43 -23.81 -4.40
C GLU A 85 -12.05 -22.57 -3.59
N PRO A 86 -13.07 -21.69 -3.39
CA PRO A 86 -12.86 -20.47 -2.64
C PRO A 86 -12.78 -20.75 -1.14
N SER A 87 -11.83 -21.62 -0.79
CA SER A 87 -11.63 -21.98 0.59
C SER A 87 -12.91 -22.59 1.18
N ALA A 88 -12.83 -23.86 1.51
CA ALA A 88 -13.97 -24.56 2.07
C ALA A 88 -14.29 -24.00 3.45
N LYS A 89 -15.54 -23.56 3.60
CA LYS A 89 -15.98 -22.99 4.86
C LYS A 89 -16.88 -23.99 5.59
N THR A 90 -17.07 -23.74 6.87
CA THR A 90 -17.90 -24.61 7.68
C THR A 90 -19.34 -24.07 7.75
N SER A 91 -20.27 -25.00 7.87
CA SER A 91 -21.68 -24.64 7.94
C SER A 91 -22.35 -25.33 9.12
N GLY A 92 -23.54 -24.87 9.45
CA GLY A 92 -24.29 -25.43 10.56
C GLY A 92 -25.14 -26.61 10.11
N PRO A 93 -25.48 -27.49 11.10
CA PRO A 93 -26.29 -28.66 10.80
C PRO A 93 -27.75 -28.28 10.60
N SER A 94 -28.45 -28.11 11.70
CA SER A 94 -29.86 -27.75 11.65
C SER A 94 -30.43 -27.65 13.06
N SER A 95 -31.74 -27.41 13.13
CA SER A 95 -32.41 -27.30 14.40
C SER A 95 -33.05 -28.64 14.77
N GLY A 96 -33.56 -28.70 16.00
CA GLY A 96 -34.20 -29.91 16.48
C GLY A 96 -35.69 -29.68 16.77
N GLY A 1 -16.98 11.72 5.52
CA GLY A 1 -17.25 12.81 6.44
C GLY A 1 -16.29 13.98 6.19
N SER A 2 -15.50 14.28 7.22
CA SER A 2 -14.55 15.37 7.12
C SER A 2 -13.15 14.83 6.84
N SER A 3 -12.58 15.25 5.72
CA SER A 3 -11.26 14.81 5.34
C SER A 3 -10.31 16.01 5.21
N GLY A 4 -9.15 15.89 5.83
CA GLY A 4 -8.16 16.96 5.79
C GLY A 4 -7.60 17.22 7.19
N SER A 5 -6.56 16.46 7.52
CA SER A 5 -5.91 16.61 8.82
C SER A 5 -4.70 15.67 8.91
N SER A 6 -4.99 14.38 8.77
CA SER A 6 -3.94 13.38 8.84
C SER A 6 -4.05 12.42 7.65
N GLY A 7 -3.67 12.92 6.49
CA GLY A 7 -3.73 12.13 5.28
C GLY A 7 -2.54 12.43 4.36
N TYR A 8 -1.78 11.39 4.05
CA TYR A 8 -0.63 11.54 3.19
C TYR A 8 -0.85 10.85 1.84
N SER A 9 -0.20 11.38 0.82
CA SER A 9 -0.32 10.82 -0.51
C SER A 9 1.04 10.31 -1.00
N VAL A 10 1.13 9.01 -1.19
CA VAL A 10 2.37 8.39 -1.65
C VAL A 10 2.09 7.61 -2.93
N THR A 11 3.17 7.07 -3.49
CA THR A 11 3.06 6.30 -4.72
C THR A 11 3.55 4.87 -4.50
N VAL A 12 2.73 3.92 -4.93
CA VAL A 12 3.07 2.51 -4.79
C VAL A 12 3.75 2.03 -6.07
N LYS A 13 4.87 1.34 -5.87
CA LYS A 13 5.62 0.81 -6.99
C LYS A 13 5.67 -0.72 -6.90
N TRP A 14 4.98 -1.37 -7.82
CA TRP A 14 4.94 -2.81 -7.85
C TRP A 14 5.46 -3.27 -9.21
N GLY A 15 6.75 -3.58 -9.24
CA GLY A 15 7.39 -4.03 -10.47
C GLY A 15 6.79 -3.32 -11.69
N LYS A 16 6.48 -4.11 -12.69
CA LYS A 16 5.91 -3.57 -13.92
C LYS A 16 4.70 -2.70 -13.58
N GLU A 17 3.95 -3.15 -12.58
CA GLU A 17 2.78 -2.43 -12.13
C GLU A 17 3.18 -1.11 -11.48
N LYS A 18 2.34 -0.10 -11.68
CA LYS A 18 2.59 1.21 -11.11
C LYS A 18 1.27 1.83 -10.66
N PHE A 19 1.33 2.48 -9.51
CA PHE A 19 0.14 3.12 -8.95
C PHE A 19 0.49 4.51 -8.38
N GLU A 20 -0.05 5.52 -9.02
CA GLU A 20 0.18 6.89 -8.59
C GLU A 20 -1.12 7.52 -8.10
N GLY A 21 -1.09 7.97 -6.85
CA GLY A 21 -2.26 8.59 -6.25
C GLY A 21 -2.95 7.65 -5.27
N VAL A 22 -2.15 7.07 -4.39
CA VAL A 22 -2.66 6.14 -3.40
C VAL A 22 -3.03 6.91 -2.12
N GLU A 23 -4.10 6.46 -1.48
CA GLU A 23 -4.55 7.10 -0.26
C GLU A 23 -3.86 6.46 0.95
N LEU A 24 -3.19 7.32 1.73
CA LEU A 24 -2.48 6.86 2.91
C LEU A 24 -2.83 7.77 4.09
N ASN A 25 -3.06 7.15 5.23
CA ASN A 25 -3.39 7.88 6.43
C ASN A 25 -2.48 7.43 7.58
N THR A 26 -2.08 8.40 8.38
CA THR A 26 -1.20 8.11 9.51
C THR A 26 -2.03 8.04 10.81
N ASP A 27 -3.16 8.72 10.79
CA ASP A 27 -4.03 8.74 11.95
C ASP A 27 -4.39 7.30 12.35
N GLU A 28 -4.20 6.40 11.39
CA GLU A 28 -4.49 4.99 11.62
C GLU A 28 -3.20 4.17 11.55
N PRO A 29 -3.36 2.84 11.73
CA PRO A 29 -2.23 1.92 11.69
C PRO A 29 -1.76 1.70 10.25
N PRO A 30 -0.57 1.06 10.13
CA PRO A 30 -0.01 0.78 8.83
C PRO A 30 -0.73 -0.38 8.15
N MET A 31 -1.54 -1.07 8.94
CA MET A 31 -2.30 -2.20 8.44
C MET A 31 -3.29 -1.76 7.35
N VAL A 32 -3.81 -0.55 7.53
CA VAL A 32 -4.76 0.00 6.59
C VAL A 32 -4.07 0.23 5.24
N PHE A 33 -3.05 1.08 5.28
CA PHE A 33 -2.30 1.39 4.08
C PHE A 33 -1.88 0.11 3.34
N LYS A 34 -1.67 -0.94 4.12
CA LYS A 34 -1.26 -2.22 3.56
C LYS A 34 -2.50 -2.98 3.10
N ALA A 35 -3.63 -2.64 3.71
CA ALA A 35 -4.89 -3.29 3.36
C ALA A 35 -5.30 -2.86 1.95
N GLN A 36 -5.01 -1.62 1.63
CA GLN A 36 -5.34 -1.09 0.32
C GLN A 36 -4.43 -1.71 -0.76
N LEU A 37 -3.13 -1.69 -0.48
CA LEU A 37 -2.16 -2.25 -1.40
C LEU A 37 -2.63 -3.63 -1.86
N PHE A 38 -3.44 -4.24 -1.01
CA PHE A 38 -3.96 -5.57 -1.32
C PHE A 38 -4.88 -5.53 -2.54
N ALA A 39 -5.77 -4.55 -2.54
CA ALA A 39 -6.70 -4.39 -3.64
C ALA A 39 -6.02 -3.64 -4.79
N LEU A 40 -4.79 -3.22 -4.52
CA LEU A 40 -4.02 -2.51 -5.53
C LEU A 40 -3.32 -3.51 -6.44
N THR A 41 -2.61 -4.44 -5.81
CA THR A 41 -1.89 -5.47 -6.55
C THR A 41 -2.58 -6.82 -6.41
N GLY A 42 -2.84 -7.17 -5.16
CA GLY A 42 -3.50 -8.43 -4.86
C GLY A 42 -2.72 -9.23 -3.81
N VAL A 43 -1.62 -8.64 -3.38
CA VAL A 43 -0.78 -9.27 -2.37
C VAL A 43 -1.30 -8.90 -0.97
N GLN A 44 -1.13 -9.83 -0.05
CA GLN A 44 -1.57 -9.62 1.32
C GLN A 44 -0.77 -8.47 1.96
N PRO A 45 -1.39 -7.86 3.01
CA PRO A 45 -0.75 -6.75 3.70
C PRO A 45 0.38 -7.26 4.60
N ALA A 46 0.59 -8.55 4.56
CA ALA A 46 1.64 -9.17 5.36
C ALA A 46 2.85 -9.46 4.47
N ARG A 47 2.56 -9.91 3.26
CA ARG A 47 3.61 -10.22 2.31
C ARG A 47 4.14 -8.95 1.65
N GLN A 48 3.21 -8.04 1.39
CA GLN A 48 3.56 -6.78 0.76
C GLN A 48 4.65 -6.06 1.58
N LYS A 49 5.89 -6.24 1.15
CA LYS A 49 7.01 -5.62 1.83
C LYS A 49 7.06 -4.14 1.47
N VAL A 50 6.42 -3.34 2.31
CA VAL A 50 6.40 -1.89 2.09
C VAL A 50 7.64 -1.26 2.72
N MET A 51 8.60 -0.95 1.86
CA MET A 51 9.83 -0.33 2.33
C MET A 51 9.64 1.16 2.61
N VAL A 52 10.66 1.75 3.22
CA VAL A 52 10.61 3.17 3.55
C VAL A 52 11.94 3.81 3.18
N LYS A 53 11.88 5.12 2.95
CA LYS A 53 13.08 5.87 2.60
C LYS A 53 14.30 5.22 3.22
N GLY A 54 14.20 4.94 4.52
CA GLY A 54 15.29 4.31 5.24
C GLY A 54 14.75 3.45 6.40
N GLY A 55 13.77 2.63 6.08
CA GLY A 55 13.17 1.76 7.07
C GLY A 55 12.02 0.94 6.47
N THR A 56 11.31 0.24 7.35
CA THR A 56 10.20 -0.58 6.92
C THR A 56 8.92 -0.18 7.65
N LEU A 57 7.81 -0.26 6.93
CA LEU A 57 6.52 0.10 7.51
C LEU A 57 6.11 -0.97 8.52
N LYS A 58 5.75 -0.51 9.70
CA LYS A 58 5.33 -1.42 10.76
C LYS A 58 3.92 -1.94 10.45
N ASP A 59 3.41 -2.76 11.36
CA ASP A 59 2.08 -3.33 11.20
C ASP A 59 1.20 -2.89 12.36
N ASP A 60 1.76 -3.00 13.56
CA ASP A 60 1.03 -2.62 14.77
C ASP A 60 0.69 -1.14 14.71
N ASP A 61 1.73 -0.32 14.65
CA ASP A 61 1.55 1.12 14.59
C ASP A 61 2.77 1.75 13.90
N TRP A 62 2.56 2.95 13.38
CA TRP A 62 3.61 3.66 12.70
C TRP A 62 4.70 4.00 13.73
N GLY A 63 4.31 4.78 14.72
CA GLY A 63 5.23 5.18 15.78
C GLY A 63 5.86 6.54 15.47
N ASN A 64 7.17 6.58 15.59
CA ASN A 64 7.91 7.81 15.33
C ASN A 64 8.46 7.78 13.90
N ILE A 65 7.55 7.53 12.96
CA ILE A 65 7.93 7.48 11.56
C ILE A 65 7.60 8.82 10.89
N LYS A 66 8.58 9.34 10.17
CA LYS A 66 8.40 10.61 9.47
C LYS A 66 7.97 10.33 8.03
N MET A 67 6.72 10.67 7.76
CA MET A 67 6.17 10.47 6.42
C MET A 67 5.85 11.81 5.76
N LYS A 68 5.61 11.74 4.46
CA LYS A 68 5.29 12.93 3.70
C LYS A 68 4.54 12.54 2.43
N ASN A 69 3.81 13.51 1.88
CA ASN A 69 3.04 13.28 0.67
C ASN A 69 3.91 13.61 -0.55
N GLY A 70 4.21 12.58 -1.33
CA GLY A 70 5.02 12.76 -2.52
C GLY A 70 6.02 11.60 -2.67
N MET A 71 6.55 11.17 -1.54
CA MET A 71 7.51 10.08 -1.53
C MET A 71 6.99 8.87 -2.30
N THR A 72 7.87 7.91 -2.51
CA THR A 72 7.51 6.70 -3.22
C THR A 72 7.58 5.48 -2.30
N VAL A 73 6.59 4.62 -2.42
CA VAL A 73 6.52 3.42 -1.62
C VAL A 73 6.87 2.21 -2.48
N LEU A 74 7.83 1.44 -1.99
CA LEU A 74 8.27 0.25 -2.71
C LEU A 74 7.50 -0.97 -2.18
N MET A 75 6.95 -1.73 -3.11
CA MET A 75 6.19 -2.92 -2.75
C MET A 75 6.83 -4.18 -3.35
N MET A 76 6.98 -5.18 -2.50
CA MET A 76 7.56 -6.44 -2.92
C MET A 76 6.84 -7.63 -2.29
N GLY A 77 6.27 -8.45 -3.15
CA GLY A 77 5.54 -9.63 -2.70
C GLY A 77 4.78 -10.28 -3.85
N SER A 78 4.38 -11.53 -3.63
CA SER A 78 3.66 -12.28 -4.65
C SER A 78 2.25 -12.59 -4.14
N ALA A 79 1.33 -12.69 -5.09
CA ALA A 79 -0.05 -12.99 -4.77
C ALA A 79 -0.46 -14.31 -5.44
N ASP A 80 -0.30 -15.39 -4.70
CA ASP A 80 -0.65 -16.71 -5.22
C ASP A 80 -2.00 -16.64 -5.90
N ALA A 81 -2.00 -16.88 -7.20
CA ALA A 81 -3.23 -16.84 -7.98
C ALA A 81 -4.04 -18.11 -7.69
N LEU A 82 -5.13 -17.92 -6.97
CA LEU A 82 -5.99 -19.03 -6.62
C LEU A 82 -6.87 -19.39 -7.82
N PRO A 83 -7.47 -20.61 -7.76
CA PRO A 83 -8.32 -21.09 -8.83
C PRO A 83 -9.68 -20.39 -8.80
N GLU A 84 -9.63 -19.07 -8.94
CA GLU A 84 -10.85 -18.27 -8.92
C GLU A 84 -10.57 -16.88 -9.51
N GLU A 85 -11.63 -16.28 -10.05
CA GLU A 85 -11.52 -14.96 -10.64
C GLU A 85 -11.96 -13.90 -9.65
N PRO A 86 -11.09 -12.87 -9.47
CA PRO A 86 -11.39 -11.78 -8.56
C PRO A 86 -12.43 -10.83 -9.15
N SER A 87 -12.80 -9.84 -8.35
CA SER A 87 -13.79 -8.87 -8.78
C SER A 87 -13.49 -7.50 -8.16
N ALA A 88 -14.15 -6.49 -8.68
CA ALA A 88 -13.95 -5.13 -8.20
C ALA A 88 -15.28 -4.60 -7.64
N LYS A 89 -15.19 -3.45 -7.00
CA LYS A 89 -16.37 -2.82 -6.41
C LYS A 89 -16.09 -1.35 -6.14
N THR A 90 -17.16 -0.57 -6.05
CA THR A 90 -17.03 0.84 -5.80
C THR A 90 -16.27 1.53 -6.94
N SER A 91 -16.89 2.54 -7.51
CA SER A 91 -16.28 3.29 -8.60
C SER A 91 -16.78 4.73 -8.60
N GLY A 92 -15.99 5.59 -9.21
CA GLY A 92 -16.34 7.01 -9.28
C GLY A 92 -16.33 7.50 -10.73
N PRO A 93 -17.49 7.29 -11.41
CA PRO A 93 -17.63 7.71 -12.80
C PRO A 93 -17.80 9.22 -12.90
N SER A 94 -18.77 9.73 -12.15
CA SER A 94 -19.05 11.15 -12.16
C SER A 94 -19.34 11.63 -10.73
N SER A 95 -19.33 12.94 -10.57
CA SER A 95 -19.59 13.54 -9.27
C SER A 95 -18.53 13.08 -8.26
N GLY A 96 -17.81 14.06 -7.72
CA GLY A 96 -16.76 13.77 -6.75
C GLY A 96 -15.38 13.95 -7.37
N GLY A 1 -12.85 17.53 4.62
CA GLY A 1 -11.75 18.37 5.06
C GLY A 1 -11.84 19.77 4.45
N SER A 2 -10.79 20.54 4.65
CA SER A 2 -10.74 21.89 4.12
C SER A 2 -9.54 22.05 3.18
N SER A 3 -8.37 21.78 3.74
CA SER A 3 -7.13 21.89 2.96
C SER A 3 -6.05 21.01 3.58
N GLY A 4 -5.76 21.27 4.84
CA GLY A 4 -4.76 20.51 5.56
C GLY A 4 -5.36 19.27 6.21
N SER A 5 -4.93 18.11 5.72
CA SER A 5 -5.43 16.86 6.25
C SER A 5 -4.25 15.92 6.55
N SER A 6 -4.50 14.98 7.45
CA SER A 6 -3.48 14.02 7.83
C SER A 6 -3.15 13.10 6.65
N GLY A 7 -4.20 12.50 6.11
CA GLY A 7 -4.04 11.59 4.98
C GLY A 7 -2.95 12.10 4.03
N TYR A 8 -1.88 11.33 3.95
CA TYR A 8 -0.77 11.67 3.07
C TYR A 8 -0.92 11.02 1.70
N SER A 9 -0.13 11.50 0.76
CA SER A 9 -0.16 10.98 -0.60
C SER A 9 1.21 10.39 -0.95
N VAL A 10 1.19 9.12 -1.33
CA VAL A 10 2.42 8.44 -1.70
C VAL A 10 2.19 7.67 -3.01
N THR A 11 3.27 7.08 -3.52
CA THR A 11 3.20 6.33 -4.76
C THR A 11 3.62 4.87 -4.51
N VAL A 12 2.70 3.97 -4.83
CA VAL A 12 2.97 2.55 -4.66
C VAL A 12 3.62 1.99 -5.93
N LYS A 13 4.80 1.42 -5.75
CA LYS A 13 5.53 0.84 -6.86
C LYS A 13 5.66 -0.67 -6.65
N TRP A 14 4.95 -1.42 -7.50
CA TRP A 14 4.98 -2.86 -7.42
C TRP A 14 5.55 -3.40 -8.74
N GLY A 15 6.84 -3.65 -8.72
CA GLY A 15 7.52 -4.16 -9.90
C GLY A 15 6.96 -3.53 -11.18
N LYS A 16 6.64 -4.39 -12.13
CA LYS A 16 6.09 -3.94 -13.40
C LYS A 16 4.89 -3.03 -13.12
N GLU A 17 4.12 -3.40 -12.11
CA GLU A 17 2.94 -2.64 -11.73
C GLU A 17 3.36 -1.30 -11.12
N LYS A 18 2.53 -0.29 -11.38
CA LYS A 18 2.80 1.04 -10.85
C LYS A 18 1.48 1.70 -10.45
N PHE A 19 1.50 2.36 -9.31
CA PHE A 19 0.32 3.03 -8.80
C PHE A 19 0.67 4.42 -8.23
N GLU A 20 0.12 5.44 -8.88
CA GLU A 20 0.36 6.80 -8.46
C GLU A 20 -0.95 7.49 -8.10
N GLY A 21 -0.99 8.01 -6.88
CA GLY A 21 -2.18 8.70 -6.40
C GLY A 21 -2.98 7.81 -5.44
N VAL A 22 -2.25 7.21 -4.51
CA VAL A 22 -2.87 6.33 -3.52
C VAL A 22 -3.12 7.13 -2.23
N GLU A 23 -4.20 6.76 -1.56
CA GLU A 23 -4.56 7.42 -0.31
C GLU A 23 -3.90 6.73 0.87
N LEU A 24 -3.21 7.52 1.67
CA LEU A 24 -2.52 6.99 2.85
C LEU A 24 -2.91 7.82 4.07
N ASN A 25 -3.08 7.13 5.18
CA ASN A 25 -3.44 7.79 6.43
C ASN A 25 -2.49 7.34 7.53
N THR A 26 -2.12 8.29 8.38
CA THR A 26 -1.22 8.00 9.49
C THR A 26 -2.00 7.90 10.79
N ASP A 27 -3.11 8.62 10.85
CA ASP A 27 -3.95 8.61 12.04
C ASP A 27 -4.28 7.16 12.42
N GLU A 28 -4.27 6.30 11.41
CA GLU A 28 -4.55 4.89 11.63
C GLU A 28 -3.26 4.07 11.57
N PRO A 29 -3.43 2.73 11.73
CA PRO A 29 -2.29 1.83 11.70
C PRO A 29 -1.77 1.63 10.28
N PRO A 30 -0.55 1.05 10.18
CA PRO A 30 0.07 0.80 8.89
C PRO A 30 -0.60 -0.38 8.18
N MET A 31 -1.36 -1.14 8.96
CA MET A 31 -2.05 -2.30 8.43
C MET A 31 -3.10 -1.89 7.40
N VAL A 32 -3.63 -0.69 7.59
CA VAL A 32 -4.64 -0.16 6.68
C VAL A 32 -4.02 0.07 5.30
N PHE A 33 -3.01 0.92 5.29
CA PHE A 33 -2.31 1.24 4.05
C PHE A 33 -1.92 -0.04 3.30
N LYS A 34 -1.67 -1.08 4.07
CA LYS A 34 -1.27 -2.36 3.49
C LYS A 34 -2.53 -3.11 3.06
N ALA A 35 -3.63 -2.82 3.73
CA ALA A 35 -4.89 -3.46 3.43
C ALA A 35 -5.39 -2.98 2.06
N GLN A 36 -5.14 -1.72 1.79
CA GLN A 36 -5.55 -1.13 0.52
C GLN A 36 -4.70 -1.69 -0.62
N LEU A 37 -3.40 -1.66 -0.41
CA LEU A 37 -2.47 -2.16 -1.42
C LEU A 37 -2.94 -3.54 -1.89
N PHE A 38 -3.66 -4.22 -1.02
CA PHE A 38 -4.18 -5.53 -1.35
C PHE A 38 -5.12 -5.48 -2.54
N ALA A 39 -5.88 -4.39 -2.60
CA ALA A 39 -6.84 -4.21 -3.69
C ALA A 39 -6.17 -3.42 -4.82
N LEU A 40 -4.94 -3.00 -4.55
CA LEU A 40 -4.18 -2.24 -5.53
C LEU A 40 -3.21 -3.17 -6.26
N THR A 41 -2.53 -3.99 -5.48
CA THR A 41 -1.57 -4.93 -6.03
C THR A 41 -2.14 -6.35 -6.01
N GLY A 42 -2.54 -6.78 -4.82
CA GLY A 42 -3.09 -8.11 -4.65
C GLY A 42 -2.37 -8.88 -3.54
N VAL A 43 -1.11 -8.53 -3.36
CA VAL A 43 -0.30 -9.18 -2.33
C VAL A 43 -0.83 -8.78 -0.95
N GLN A 44 -0.89 -9.78 -0.08
CA GLN A 44 -1.37 -9.56 1.28
C GLN A 44 -0.57 -8.43 1.94
N PRO A 45 -1.18 -7.85 3.02
CA PRO A 45 -0.54 -6.78 3.75
C PRO A 45 0.60 -7.30 4.63
N ALA A 46 0.79 -8.61 4.57
CA ALA A 46 1.83 -9.26 5.34
C ALA A 46 3.05 -9.52 4.44
N ARG A 47 2.77 -10.10 3.28
CA ARG A 47 3.82 -10.41 2.33
C ARG A 47 4.27 -9.14 1.60
N GLN A 48 3.36 -8.18 1.56
CA GLN A 48 3.65 -6.91 0.90
C GLN A 48 4.76 -6.16 1.65
N LYS A 49 5.99 -6.40 1.20
CA LYS A 49 7.14 -5.75 1.82
C LYS A 49 7.11 -4.26 1.51
N VAL A 50 6.51 -3.50 2.41
CA VAL A 50 6.41 -2.06 2.24
C VAL A 50 7.68 -1.40 2.77
N MET A 51 8.55 -1.05 1.84
CA MET A 51 9.80 -0.41 2.20
C MET A 51 9.59 1.08 2.52
N VAL A 52 10.64 1.69 3.05
CA VAL A 52 10.58 3.10 3.41
C VAL A 52 11.88 3.79 2.98
N LYS A 53 11.78 5.09 2.80
CA LYS A 53 12.93 5.88 2.38
C LYS A 53 14.20 5.21 2.91
N GLY A 54 14.18 4.89 4.20
CA GLY A 54 15.32 4.27 4.84
C GLY A 54 14.88 3.40 6.01
N GLY A 55 13.88 2.58 5.75
CA GLY A 55 13.35 1.69 6.78
C GLY A 55 12.16 0.89 6.25
N THR A 56 11.46 0.24 7.18
CA THR A 56 10.30 -0.55 6.83
C THR A 56 9.08 -0.12 7.65
N LEU A 57 7.93 -0.16 6.99
CA LEU A 57 6.69 0.23 7.65
C LEU A 57 6.32 -0.82 8.69
N LYS A 58 5.95 -0.33 9.87
CA LYS A 58 5.57 -1.23 10.96
C LYS A 58 4.19 -1.82 10.66
N ASP A 59 3.69 -2.58 11.61
CA ASP A 59 2.39 -3.22 11.47
C ASP A 59 1.50 -2.82 12.66
N ASP A 60 2.09 -2.88 13.84
CA ASP A 60 1.37 -2.54 15.05
C ASP A 60 0.94 -1.08 14.98
N ASP A 61 1.92 -0.21 14.76
CA ASP A 61 1.65 1.21 14.66
C ASP A 61 2.84 1.90 13.99
N TRP A 62 2.56 3.06 13.40
CA TRP A 62 3.59 3.82 12.72
C TRP A 62 4.65 4.21 13.75
N GLY A 63 4.21 4.90 14.78
CA GLY A 63 5.11 5.34 15.84
C GLY A 63 5.78 6.66 15.48
N ASN A 64 4.96 7.61 15.03
CA ASN A 64 5.46 8.92 14.66
C ASN A 64 6.53 8.75 13.57
N ILE A 65 6.06 8.49 12.35
CA ILE A 65 6.96 8.31 11.23
C ILE A 65 6.98 9.59 10.39
N LYS A 66 8.17 9.92 9.89
CA LYS A 66 8.34 11.11 9.08
C LYS A 66 7.78 10.84 7.68
N MET A 67 6.46 10.96 7.57
CA MET A 67 5.79 10.74 6.31
C MET A 67 5.71 12.04 5.51
N LYS A 68 5.75 11.89 4.19
CA LYS A 68 5.68 13.04 3.29
C LYS A 68 4.70 12.73 2.16
N ASN A 69 4.07 13.79 1.67
CA ASN A 69 3.10 13.64 0.59
C ASN A 69 3.82 13.88 -0.75
N GLY A 70 4.06 12.77 -1.44
CA GLY A 70 4.73 12.83 -2.73
C GLY A 70 5.79 11.73 -2.86
N MET A 71 6.28 11.30 -1.70
CA MET A 71 7.29 10.25 -1.67
C MET A 71 6.86 9.04 -2.49
N THR A 72 7.67 8.00 -2.44
CA THR A 72 7.39 6.78 -3.17
C THR A 72 7.52 5.56 -2.25
N VAL A 73 6.54 4.67 -2.36
CA VAL A 73 6.54 3.47 -1.56
C VAL A 73 6.92 2.27 -2.44
N LEU A 74 7.95 1.56 -2.00
CA LEU A 74 8.41 0.39 -2.73
C LEU A 74 7.80 -0.87 -2.12
N MET A 75 7.11 -1.62 -2.98
CA MET A 75 6.47 -2.84 -2.53
C MET A 75 7.02 -4.06 -3.29
N MET A 76 7.05 -5.19 -2.60
CA MET A 76 7.54 -6.42 -3.19
C MET A 76 6.60 -7.59 -2.89
N GLY A 77 6.51 -8.48 -3.87
CA GLY A 77 5.65 -9.64 -3.73
C GLY A 77 5.17 -10.14 -5.10
N SER A 78 4.10 -10.94 -5.06
CA SER A 78 3.54 -11.48 -6.29
C SER A 78 2.07 -11.81 -6.07
N ALA A 79 1.81 -12.64 -5.06
CA ALA A 79 0.45 -13.05 -4.75
C ALA A 79 0.06 -14.24 -5.63
N ASP A 80 0.93 -14.53 -6.59
CA ASP A 80 0.68 -15.63 -7.50
C ASP A 80 -0.64 -15.40 -8.23
N ALA A 81 -0.54 -15.17 -9.53
CA ALA A 81 -1.71 -14.93 -10.34
C ALA A 81 -1.39 -15.23 -11.80
N LEU A 82 -2.44 -15.56 -12.55
CA LEU A 82 -2.27 -15.88 -13.96
C LEU A 82 -2.65 -14.66 -14.80
N PRO A 83 -2.21 -14.68 -16.08
CA PRO A 83 -2.50 -13.58 -17.00
C PRO A 83 -3.95 -13.63 -17.46
N GLU A 84 -4.48 -12.44 -17.74
CA GLU A 84 -5.86 -12.32 -18.20
C GLU A 84 -6.81 -12.69 -17.06
N GLU A 85 -7.02 -11.73 -16.17
CA GLU A 85 -7.91 -11.93 -15.04
C GLU A 85 -8.68 -10.64 -14.74
N PRO A 86 -9.92 -10.82 -14.21
CA PRO A 86 -10.77 -9.69 -13.87
C PRO A 86 -10.29 -9.02 -12.58
N SER A 87 -10.17 -7.71 -12.64
CA SER A 87 -9.73 -6.95 -11.48
C SER A 87 -10.77 -5.88 -11.12
N ALA A 88 -11.31 -5.25 -12.16
CA ALA A 88 -12.31 -4.22 -11.97
C ALA A 88 -11.76 -3.16 -11.01
N LYS A 89 -12.53 -2.08 -10.89
CA LYS A 89 -12.14 -0.99 -10.01
C LYS A 89 -13.39 -0.39 -9.36
N THR A 90 -13.14 0.51 -8.41
CA THR A 90 -14.24 1.16 -7.71
C THR A 90 -13.87 2.61 -7.39
N SER A 91 -14.91 3.40 -7.16
CA SER A 91 -14.71 4.81 -6.85
C SER A 91 -14.03 5.52 -8.01
N GLY A 92 -14.63 6.62 -8.44
CA GLY A 92 -14.09 7.40 -9.55
C GLY A 92 -12.73 8.02 -9.17
N PRO A 93 -12.19 8.81 -10.12
CA PRO A 93 -10.91 9.47 -9.90
C PRO A 93 -11.06 10.65 -8.94
N SER A 94 -11.98 11.54 -9.29
CA SER A 94 -12.23 12.71 -8.47
C SER A 94 -10.99 13.62 -8.47
N SER A 95 -11.25 14.92 -8.63
CA SER A 95 -10.17 15.89 -8.65
C SER A 95 -10.40 16.94 -7.56
N GLY A 96 -9.30 17.39 -6.98
CA GLY A 96 -9.36 18.39 -5.92
C GLY A 96 -10.13 17.85 -4.71
N GLY A 1 -12.75 7.02 3.82
CA GLY A 1 -11.41 6.92 3.26
C GLY A 1 -11.04 8.18 2.48
N SER A 2 -10.60 9.19 3.22
CA SER A 2 -10.22 10.46 2.61
C SER A 2 -8.85 10.90 3.14
N SER A 3 -8.25 11.82 2.41
CA SER A 3 -6.94 12.33 2.79
C SER A 3 -6.89 13.84 2.59
N GLY A 4 -6.25 14.52 3.54
CA GLY A 4 -6.13 15.96 3.47
C GLY A 4 -5.16 16.48 4.54
N SER A 5 -5.72 16.82 5.69
CA SER A 5 -4.92 17.32 6.79
C SER A 5 -3.77 16.36 7.09
N SER A 6 -4.12 15.22 7.66
CA SER A 6 -3.13 14.21 8.00
C SER A 6 -2.91 13.28 6.80
N GLY A 7 -4.00 12.79 6.26
CA GLY A 7 -3.95 11.90 5.12
C GLY A 7 -2.84 12.32 4.15
N TYR A 8 -1.84 11.46 4.02
CA TYR A 8 -0.73 11.74 3.13
C TYR A 8 -0.93 11.06 1.78
N SER A 9 -0.12 11.48 0.81
CA SER A 9 -0.19 10.91 -0.53
C SER A 9 1.17 10.36 -0.93
N VAL A 10 1.18 9.07 -1.26
CA VAL A 10 2.41 8.41 -1.66
C VAL A 10 2.17 7.66 -2.98
N THR A 11 3.24 7.11 -3.52
CA THR A 11 3.16 6.37 -4.77
C THR A 11 3.57 4.92 -4.55
N VAL A 12 2.66 4.02 -4.91
CA VAL A 12 2.91 2.60 -4.76
C VAL A 12 3.57 2.06 -6.04
N LYS A 13 4.71 1.42 -5.85
CA LYS A 13 5.45 0.86 -6.98
C LYS A 13 5.52 -0.66 -6.82
N TRP A 14 4.88 -1.35 -7.74
CA TRP A 14 4.85 -2.80 -7.71
C TRP A 14 5.26 -3.30 -9.11
N GLY A 15 6.44 -3.89 -9.17
CA GLY A 15 6.95 -4.41 -10.42
C GLY A 15 5.83 -5.04 -11.26
N LYS A 16 5.81 -4.69 -12.54
CA LYS A 16 4.80 -5.21 -13.44
C LYS A 16 3.60 -4.27 -13.45
N GLU A 17 3.45 -3.54 -12.35
CA GLU A 17 2.34 -2.60 -12.22
C GLU A 17 2.86 -1.23 -11.77
N LYS A 18 1.98 -0.25 -11.84
CA LYS A 18 2.33 1.10 -11.43
C LYS A 18 1.12 1.76 -10.77
N PHE A 19 1.39 2.41 -9.65
CA PHE A 19 0.34 3.08 -8.89
C PHE A 19 0.81 4.44 -8.39
N GLU A 20 0.24 5.49 -8.97
CA GLU A 20 0.59 6.85 -8.57
C GLU A 20 -0.65 7.60 -8.10
N GLY A 21 -0.56 8.11 -6.88
CA GLY A 21 -1.66 8.84 -6.28
C GLY A 21 -2.57 7.93 -5.46
N VAL A 22 -2.00 7.40 -4.38
CA VAL A 22 -2.74 6.51 -3.51
C VAL A 22 -3.08 7.25 -2.22
N GLU A 23 -4.18 6.81 -1.60
CA GLU A 23 -4.62 7.42 -0.36
C GLU A 23 -3.99 6.71 0.85
N LEU A 24 -3.29 7.49 1.65
CA LEU A 24 -2.64 6.95 2.83
C LEU A 24 -2.91 7.87 4.03
N ASN A 25 -3.13 7.25 5.18
CA ASN A 25 -3.40 7.99 6.39
C ASN A 25 -2.47 7.51 7.50
N THR A 26 -2.10 8.44 8.37
CA THR A 26 -1.21 8.13 9.47
C THR A 26 -2.00 8.04 10.78
N ASP A 27 -3.14 8.71 10.79
CA ASP A 27 -4.00 8.70 11.97
C ASP A 27 -4.31 7.26 12.37
N GLU A 28 -4.25 6.38 11.37
CA GLU A 28 -4.52 4.98 11.60
C GLU A 28 -3.23 4.16 11.52
N PRO A 29 -3.38 2.82 11.72
CA PRO A 29 -2.23 1.93 11.67
C PRO A 29 -1.77 1.71 10.23
N PRO A 30 -0.55 1.12 10.11
CA PRO A 30 0.02 0.85 8.80
C PRO A 30 -0.66 -0.35 8.14
N MET A 31 -1.40 -1.08 8.95
CA MET A 31 -2.11 -2.26 8.46
C MET A 31 -3.12 -1.87 7.37
N VAL A 32 -3.72 -0.69 7.55
CA VAL A 32 -4.70 -0.20 6.60
C VAL A 32 -4.03 -0.04 5.22
N PHE A 33 -3.06 0.86 5.19
CA PHE A 33 -2.34 1.13 3.95
C PHE A 33 -1.95 -0.18 3.25
N LYS A 34 -1.64 -1.18 4.07
CA LYS A 34 -1.25 -2.47 3.54
C LYS A 34 -2.49 -3.24 3.09
N ALA A 35 -3.58 -3.03 3.82
CA ALA A 35 -4.83 -3.68 3.51
C ALA A 35 -5.37 -3.14 2.18
N GLN A 36 -5.01 -1.89 1.90
CA GLN A 36 -5.44 -1.26 0.66
C GLN A 36 -4.60 -1.75 -0.52
N LEU A 37 -3.30 -1.80 -0.29
CA LEU A 37 -2.39 -2.26 -1.33
C LEU A 37 -2.89 -3.59 -1.89
N PHE A 38 -3.56 -4.35 -1.04
CA PHE A 38 -4.09 -5.63 -1.46
C PHE A 38 -5.00 -5.49 -2.68
N ALA A 39 -5.90 -4.52 -2.59
CA ALA A 39 -6.83 -4.27 -3.68
C ALA A 39 -6.11 -3.51 -4.80
N LEU A 40 -4.87 -3.16 -4.52
CA LEU A 40 -4.07 -2.43 -5.49
C LEU A 40 -3.31 -3.44 -6.36
N THR A 41 -2.83 -4.49 -5.72
CA THR A 41 -2.10 -5.52 -6.44
C THR A 41 -2.75 -6.89 -6.22
N GLY A 42 -3.02 -7.20 -4.96
CA GLY A 42 -3.64 -8.46 -4.61
C GLY A 42 -2.78 -9.25 -3.63
N VAL A 43 -1.76 -8.57 -3.12
CA VAL A 43 -0.86 -9.20 -2.17
C VAL A 43 -1.33 -8.89 -0.74
N GLN A 44 -0.97 -9.78 0.17
CA GLN A 44 -1.34 -9.61 1.57
C GLN A 44 -0.58 -8.44 2.18
N PRO A 45 -1.17 -7.86 3.26
CA PRO A 45 -0.56 -6.74 3.95
C PRO A 45 0.62 -7.20 4.81
N ALA A 46 0.89 -8.50 4.74
CA ALA A 46 1.98 -9.08 5.50
C ALA A 46 3.13 -9.43 4.55
N ARG A 47 2.76 -9.72 3.31
CA ARG A 47 3.73 -10.07 2.31
C ARG A 47 4.26 -8.81 1.60
N GLN A 48 3.35 -7.87 1.39
CA GLN A 48 3.70 -6.62 0.74
C GLN A 48 4.78 -5.90 1.56
N LYS A 49 6.03 -6.15 1.19
CA LYS A 49 7.15 -5.53 1.88
C LYS A 49 7.17 -4.04 1.54
N VAL A 50 6.53 -3.25 2.39
CA VAL A 50 6.48 -1.81 2.20
C VAL A 50 7.74 -1.18 2.76
N MET A 51 8.64 -0.82 1.85
CA MET A 51 9.90 -0.20 2.23
C MET A 51 9.69 1.27 2.62
N VAL A 52 10.75 1.85 3.18
CA VAL A 52 10.70 3.24 3.60
C VAL A 52 11.98 3.94 3.17
N LYS A 53 11.88 5.25 3.03
CA LYS A 53 13.02 6.06 2.63
C LYS A 53 14.30 5.43 3.18
N GLY A 54 14.21 4.97 4.42
CA GLY A 54 15.35 4.34 5.07
C GLY A 54 14.90 3.45 6.23
N GLY A 55 13.86 2.67 5.96
CA GLY A 55 13.32 1.77 6.96
C GLY A 55 12.18 0.92 6.39
N THR A 56 11.47 0.26 7.28
CA THR A 56 10.35 -0.59 6.88
C THR A 56 9.07 -0.15 7.59
N LEU A 57 7.96 -0.29 6.87
CA LEU A 57 6.67 0.08 7.41
C LEU A 57 6.17 -1.03 8.34
N LYS A 58 5.96 -0.67 9.59
CA LYS A 58 5.49 -1.63 10.58
C LYS A 58 4.16 -2.23 10.11
N ASP A 59 3.52 -2.94 11.02
CA ASP A 59 2.24 -3.58 10.71
C ASP A 59 1.33 -3.48 11.93
N ASP A 60 1.66 -2.57 12.82
CA ASP A 60 0.89 -2.37 14.03
C ASP A 60 0.56 -0.88 14.19
N ASP A 61 1.62 -0.10 14.31
CA ASP A 61 1.46 1.35 14.47
C ASP A 61 2.70 2.05 13.94
N TRP A 62 2.47 3.19 13.30
CA TRP A 62 3.57 3.97 12.74
C TRP A 62 4.49 4.39 13.88
N GLY A 63 4.08 5.45 14.56
CA GLY A 63 4.85 5.96 15.68
C GLY A 63 6.35 5.73 15.47
N ASN A 64 6.92 6.50 14.55
CA ASN A 64 8.33 6.39 14.24
C ASN A 64 8.61 7.05 12.89
N ILE A 65 8.06 6.45 11.85
CA ILE A 65 8.24 6.98 10.50
C ILE A 65 7.43 8.26 10.35
N LYS A 66 8.10 9.30 9.87
CA LYS A 66 7.46 10.59 9.68
C LYS A 66 6.95 10.69 8.24
N MET A 67 5.94 9.88 7.94
CA MET A 67 5.36 9.87 6.62
C MET A 67 5.27 11.27 6.03
N LYS A 68 5.15 11.34 4.72
CA LYS A 68 5.06 12.62 4.04
C LYS A 68 4.49 12.40 2.63
N ASN A 69 3.84 13.43 2.12
CA ASN A 69 3.24 13.37 0.80
C ASN A 69 4.31 13.69 -0.25
N GLY A 70 4.47 12.77 -1.19
CA GLY A 70 5.44 12.95 -2.26
C GLY A 70 6.35 11.72 -2.37
N MET A 71 6.74 11.20 -1.22
CA MET A 71 7.60 10.03 -1.18
C MET A 71 7.02 8.90 -2.02
N THR A 72 7.82 7.84 -2.17
CA THR A 72 7.40 6.68 -2.94
C THR A 72 7.41 5.43 -2.08
N VAL A 73 6.42 4.57 -2.30
CA VAL A 73 6.31 3.34 -1.55
C VAL A 73 6.66 2.16 -2.46
N LEU A 74 7.60 1.35 -1.99
CA LEU A 74 8.04 0.19 -2.75
C LEU A 74 7.43 -1.08 -2.13
N MET A 75 6.79 -1.86 -2.99
CA MET A 75 6.16 -3.10 -2.54
C MET A 75 6.79 -4.31 -3.23
N MET A 76 7.16 -5.29 -2.41
CA MET A 76 7.77 -6.50 -2.93
C MET A 76 6.96 -7.73 -2.54
N GLY A 77 6.43 -8.40 -3.55
CA GLY A 77 5.64 -9.61 -3.31
C GLY A 77 5.44 -10.38 -4.61
N SER A 78 4.18 -10.72 -4.88
CA SER A 78 3.85 -11.48 -6.07
C SER A 78 2.38 -11.89 -6.03
N ALA A 79 1.97 -12.38 -4.87
CA ALA A 79 0.60 -12.81 -4.69
C ALA A 79 0.36 -14.07 -5.52
N ASP A 80 0.83 -15.20 -5.00
CA ASP A 80 0.67 -16.47 -5.67
C ASP A 80 0.03 -17.48 -4.72
N ALA A 81 -1.29 -17.62 -4.86
CA ALA A 81 -2.03 -18.55 -4.02
C ALA A 81 -3.07 -19.27 -4.88
N LEU A 82 -3.53 -20.39 -4.35
CA LEU A 82 -4.53 -21.20 -5.06
C LEU A 82 -4.00 -21.56 -6.45
N PRO A 83 -4.62 -22.62 -7.03
CA PRO A 83 -4.22 -23.08 -8.35
C PRO A 83 -4.74 -22.14 -9.43
N GLU A 84 -3.91 -21.16 -9.78
CA GLU A 84 -4.27 -20.19 -10.80
C GLU A 84 -4.89 -20.90 -12.01
N GLU A 85 -5.78 -20.18 -12.69
CA GLU A 85 -6.44 -20.73 -13.86
C GLU A 85 -5.40 -21.30 -14.84
N PRO A 86 -4.44 -20.41 -15.22
CA PRO A 86 -3.40 -20.80 -16.16
C PRO A 86 -2.36 -21.69 -15.47
N SER A 87 -1.64 -22.46 -16.28
CA SER A 87 -0.61 -23.35 -15.77
C SER A 87 0.73 -22.62 -15.70
N ALA A 88 0.84 -21.59 -16.52
CA ALA A 88 2.06 -20.80 -16.57
C ALA A 88 1.85 -19.49 -15.83
N LYS A 89 1.08 -18.61 -16.46
CA LYS A 89 0.78 -17.30 -15.87
C LYS A 89 1.91 -16.33 -16.20
N THR A 90 3.02 -16.51 -15.51
CA THR A 90 4.19 -15.66 -15.71
C THR A 90 5.36 -16.48 -16.25
N SER A 91 5.44 -17.72 -15.78
CA SER A 91 6.51 -18.61 -16.20
C SER A 91 7.84 -17.88 -16.15
N GLY A 92 8.38 -17.78 -14.95
CA GLY A 92 9.66 -17.10 -14.75
C GLY A 92 10.51 -17.84 -13.71
N PRO A 93 11.57 -17.12 -13.24
CA PRO A 93 12.47 -17.69 -12.25
C PRO A 93 11.82 -17.70 -10.86
N SER A 94 11.32 -16.54 -10.47
CA SER A 94 10.67 -16.40 -9.18
C SER A 94 11.53 -17.04 -8.09
N SER A 95 12.54 -16.31 -7.67
CA SER A 95 13.45 -16.79 -6.64
C SER A 95 14.09 -15.62 -5.91
N GLY A 96 14.35 -15.83 -4.62
CA GLY A 96 14.96 -14.80 -3.81
C GLY A 96 15.12 -15.26 -2.36
N GLY A 1 -10.08 12.53 7.18
CA GLY A 1 -9.93 13.97 7.37
C GLY A 1 -10.59 14.42 8.68
N SER A 2 -11.79 14.96 8.54
CA SER A 2 -12.53 15.42 9.69
C SER A 2 -11.80 16.61 10.34
N SER A 3 -12.06 17.79 9.80
CA SER A 3 -11.45 19.00 10.31
C SER A 3 -9.99 18.73 10.67
N GLY A 4 -9.15 18.73 9.64
CA GLY A 4 -7.73 18.47 9.82
C GLY A 4 -7.05 18.16 8.49
N SER A 5 -5.84 17.62 8.59
CA SER A 5 -5.07 17.28 7.41
C SER A 5 -3.91 16.37 7.79
N SER A 6 -4.14 15.07 7.63
CA SER A 6 -3.11 14.09 7.96
C SER A 6 -2.86 13.17 6.75
N GLY A 7 -3.95 12.61 6.25
CA GLY A 7 -3.87 11.72 5.11
C GLY A 7 -2.81 12.20 4.10
N TYR A 8 -1.78 11.38 3.94
CA TYR A 8 -0.71 11.72 3.02
C TYR A 8 -0.89 11.03 1.67
N SER A 9 -0.21 11.55 0.67
CA SER A 9 -0.29 10.99 -0.67
C SER A 9 1.07 10.45 -1.10
N VAL A 10 1.15 9.13 -1.21
CA VAL A 10 2.38 8.48 -1.61
C VAL A 10 2.13 7.67 -2.89
N THR A 11 3.22 7.14 -3.44
CA THR A 11 3.13 6.36 -4.65
C THR A 11 3.48 4.89 -4.36
N VAL A 12 2.83 4.01 -5.09
CA VAL A 12 3.06 2.58 -4.92
C VAL A 12 3.74 2.02 -6.17
N LYS A 13 4.80 1.27 -5.93
CA LYS A 13 5.55 0.68 -7.03
C LYS A 13 5.52 -0.85 -6.90
N TRP A 14 4.91 -1.48 -7.88
CA TRP A 14 4.80 -2.93 -7.88
C TRP A 14 5.22 -3.43 -9.27
N GLY A 15 6.45 -3.91 -9.34
CA GLY A 15 6.99 -4.43 -10.59
C GLY A 15 6.55 -3.55 -11.77
N LYS A 16 5.99 -4.20 -12.78
CA LYS A 16 5.53 -3.49 -13.97
C LYS A 16 4.35 -2.60 -13.59
N GLU A 17 3.60 -3.05 -12.60
CA GLU A 17 2.43 -2.31 -12.14
C GLU A 17 2.87 -0.96 -11.55
N LYS A 18 2.01 0.03 -11.75
CA LYS A 18 2.30 1.37 -11.25
C LYS A 18 0.99 2.02 -10.77
N PHE A 19 1.05 2.56 -9.57
CA PHE A 19 -0.12 3.20 -8.98
C PHE A 19 0.26 4.55 -8.36
N GLU A 20 -0.22 5.61 -9.00
CA GLU A 20 0.06 6.96 -8.53
C GLU A 20 -1.22 7.61 -8.02
N GLY A 21 -1.17 8.06 -6.77
CA GLY A 21 -2.32 8.70 -6.14
C GLY A 21 -3.01 7.74 -5.17
N VAL A 22 -2.21 7.11 -4.33
CA VAL A 22 -2.74 6.18 -3.35
C VAL A 22 -3.00 6.92 -2.04
N GLU A 23 -4.14 6.61 -1.44
CA GLU A 23 -4.53 7.24 -0.19
C GLU A 23 -3.79 6.58 0.98
N LEU A 24 -3.20 7.43 1.81
CA LEU A 24 -2.46 6.95 2.97
C LEU A 24 -2.74 7.84 4.17
N ASN A 25 -2.94 7.20 5.31
CA ASN A 25 -3.23 7.92 6.53
C ASN A 25 -2.30 7.44 7.65
N THR A 26 -1.82 8.40 8.43
CA THR A 26 -0.92 8.09 9.52
C THR A 26 -1.70 7.96 10.83
N ASP A 27 -2.73 8.79 10.95
CA ASP A 27 -3.55 8.78 12.15
C ASP A 27 -3.94 7.34 12.49
N GLU A 28 -3.94 6.51 11.46
CA GLU A 28 -4.30 5.10 11.63
C GLU A 28 -3.04 4.24 11.56
N PRO A 29 -3.25 2.90 11.70
CA PRO A 29 -2.16 1.95 11.66
C PRO A 29 -1.66 1.75 10.22
N PRO A 30 -0.46 1.14 10.11
CA PRO A 30 0.14 0.88 8.80
C PRO A 30 -0.57 -0.28 8.10
N MET A 31 -1.39 -0.98 8.86
CA MET A 31 -2.13 -2.12 8.32
C MET A 31 -3.12 -1.66 7.25
N VAL A 32 -3.67 -0.48 7.46
CA VAL A 32 -4.63 0.07 6.52
C VAL A 32 -3.95 0.25 5.15
N PHE A 33 -2.92 1.08 5.14
CA PHE A 33 -2.19 1.35 3.92
C PHE A 33 -1.80 0.05 3.22
N LYS A 34 -1.54 -0.97 4.02
CA LYS A 34 -1.15 -2.26 3.49
C LYS A 34 -2.41 -3.03 3.09
N ALA A 35 -3.53 -2.65 3.70
CA ALA A 35 -4.80 -3.28 3.41
C ALA A 35 -5.27 -2.87 2.01
N GLN A 36 -4.93 -1.64 1.66
CA GLN A 36 -5.31 -1.11 0.36
C GLN A 36 -4.42 -1.69 -0.73
N LEU A 37 -3.12 -1.54 -0.53
CA LEU A 37 -2.14 -2.06 -1.49
C LEU A 37 -2.58 -3.43 -1.98
N PHE A 38 -3.29 -4.14 -1.10
CA PHE A 38 -3.77 -5.47 -1.43
C PHE A 38 -4.72 -5.43 -2.62
N ALA A 39 -5.68 -4.51 -2.54
CA ALA A 39 -6.66 -4.35 -3.60
C ALA A 39 -6.01 -3.62 -4.79
N LEU A 40 -4.77 -3.19 -4.57
CA LEU A 40 -4.04 -2.49 -5.61
C LEU A 40 -3.33 -3.50 -6.51
N THR A 41 -2.63 -4.42 -5.87
CA THR A 41 -1.90 -5.45 -6.60
C THR A 41 -2.58 -6.81 -6.42
N GLY A 42 -2.93 -7.10 -5.18
CA GLY A 42 -3.59 -8.37 -4.87
C GLY A 42 -2.71 -9.22 -3.95
N VAL A 43 -1.81 -8.54 -3.25
CA VAL A 43 -0.91 -9.23 -2.33
C VAL A 43 -1.31 -8.88 -0.89
N GLN A 44 -1.37 -9.91 -0.07
CA GLN A 44 -1.73 -9.74 1.33
C GLN A 44 -0.78 -8.74 2.00
N PRO A 45 -1.31 -8.07 3.05
CA PRO A 45 -0.53 -7.08 3.79
C PRO A 45 0.50 -7.77 4.69
N ALA A 46 0.68 -9.07 4.46
CA ALA A 46 1.62 -9.85 5.24
C ALA A 46 2.71 -10.41 4.31
N ARG A 47 2.57 -10.09 3.03
CA ARG A 47 3.52 -10.56 2.05
C ARG A 47 4.25 -9.37 1.40
N GLN A 48 3.47 -8.32 1.14
CA GLN A 48 4.03 -7.12 0.54
C GLN A 48 5.02 -6.45 1.49
N LYS A 49 6.26 -6.37 1.02
CA LYS A 49 7.32 -5.76 1.82
C LYS A 49 7.36 -4.26 1.51
N VAL A 50 6.61 -3.50 2.29
CA VAL A 50 6.57 -2.05 2.11
C VAL A 50 7.78 -1.43 2.80
N MET A 51 8.72 -0.98 1.97
CA MET A 51 9.93 -0.36 2.48
C MET A 51 9.70 1.13 2.78
N VAL A 52 10.69 1.73 3.41
CA VAL A 52 10.61 3.15 3.76
C VAL A 52 11.94 3.82 3.43
N LYS A 53 11.86 5.12 3.23
CA LYS A 53 13.05 5.91 2.91
C LYS A 53 14.26 5.28 3.60
N GLY A 54 14.07 4.95 4.87
CA GLY A 54 15.14 4.35 5.65
C GLY A 54 14.57 3.48 6.78
N GLY A 55 13.60 2.66 6.41
CA GLY A 55 12.96 1.78 7.37
C GLY A 55 11.89 0.91 6.69
N THR A 56 11.13 0.23 7.53
CA THR A 56 10.07 -0.65 7.02
C THR A 56 8.73 -0.30 7.67
N LEU A 57 7.69 -0.33 6.86
CA LEU A 57 6.35 -0.03 7.35
C LEU A 57 5.93 -1.08 8.37
N LYS A 58 5.76 -0.62 9.61
CA LYS A 58 5.36 -1.51 10.69
C LYS A 58 3.93 -2.02 10.42
N ASP A 59 3.40 -2.71 11.42
CA ASP A 59 2.06 -3.25 11.31
C ASP A 59 1.23 -2.78 12.50
N ASP A 60 1.82 -2.89 13.68
CA ASP A 60 1.15 -2.48 14.90
C ASP A 60 0.84 -0.98 14.83
N ASP A 61 1.90 -0.20 14.67
CA ASP A 61 1.75 1.24 14.58
C ASP A 61 2.97 1.84 13.86
N TRP A 62 2.77 3.04 13.34
CA TRP A 62 3.84 3.72 12.62
C TRP A 62 4.94 4.05 13.64
N GLY A 63 4.59 4.89 14.59
CA GLY A 63 5.53 5.31 15.62
C GLY A 63 5.91 6.78 15.47
N ASN A 64 6.91 7.02 14.64
CA ASN A 64 7.37 8.38 14.40
C ASN A 64 8.09 8.43 13.05
N ILE A 65 7.38 8.03 12.02
CA ILE A 65 7.95 8.03 10.67
C ILE A 65 7.72 9.40 10.03
N LYS A 66 8.74 9.87 9.35
CA LYS A 66 8.66 11.16 8.68
C LYS A 66 7.97 10.99 7.32
N MET A 67 6.65 10.82 7.39
CA MET A 67 5.86 10.65 6.18
C MET A 67 5.74 11.97 5.41
N LYS A 68 5.65 11.83 4.09
CA LYS A 68 5.53 13.00 3.24
C LYS A 68 4.66 12.65 2.03
N ASN A 69 4.01 13.66 1.48
CA ASN A 69 3.16 13.47 0.32
C ASN A 69 3.98 13.72 -0.95
N GLY A 70 4.23 12.64 -1.68
CA GLY A 70 5.00 12.72 -2.91
C GLY A 70 6.00 11.57 -3.00
N MET A 71 6.49 11.16 -1.85
CA MET A 71 7.47 10.08 -1.78
C MET A 71 6.97 8.86 -2.58
N THR A 72 7.78 7.80 -2.54
CA THR A 72 7.44 6.58 -3.24
C THR A 72 7.53 5.38 -2.30
N VAL A 73 6.57 4.48 -2.46
CA VAL A 73 6.52 3.28 -1.64
C VAL A 73 6.88 2.06 -2.48
N LEU A 74 7.80 1.27 -1.97
CA LEU A 74 8.24 0.07 -2.66
C LEU A 74 7.52 -1.14 -2.09
N MET A 75 6.88 -1.89 -2.98
CA MET A 75 6.15 -3.08 -2.58
C MET A 75 6.74 -4.33 -3.22
N MET A 76 7.08 -5.29 -2.36
CA MET A 76 7.66 -6.54 -2.83
C MET A 76 6.92 -7.74 -2.24
N GLY A 77 6.33 -8.52 -3.12
CA GLY A 77 5.59 -9.71 -2.70
C GLY A 77 5.03 -10.47 -3.91
N SER A 78 4.39 -11.59 -3.61
CA SER A 78 3.81 -12.41 -4.66
C SER A 78 2.51 -13.06 -4.16
N ALA A 79 1.44 -12.82 -4.90
CA ALA A 79 0.14 -13.36 -4.54
C ALA A 79 0.12 -14.85 -4.89
N ASP A 80 0.80 -15.64 -4.07
CA ASP A 80 0.87 -17.06 -4.28
C ASP A 80 -0.52 -17.67 -4.04
N ALA A 81 -1.19 -18.00 -5.14
CA ALA A 81 -2.51 -18.59 -5.06
C ALA A 81 -3.45 -17.60 -4.36
N LEU A 82 -3.88 -16.60 -5.12
CA LEU A 82 -4.77 -15.59 -4.59
C LEU A 82 -6.12 -16.24 -4.23
N PRO A 83 -6.84 -15.59 -3.29
CA PRO A 83 -8.13 -16.09 -2.85
C PRO A 83 -9.21 -15.84 -3.91
N GLU A 84 -9.93 -16.90 -4.24
CA GLU A 84 -10.98 -16.81 -5.23
C GLU A 84 -12.36 -16.93 -4.56
N GLU A 85 -12.46 -16.35 -3.38
CA GLU A 85 -13.70 -16.38 -2.62
C GLU A 85 -14.70 -15.38 -3.19
N PRO A 86 -14.23 -14.09 -3.28
CA PRO A 86 -15.07 -13.03 -3.79
C PRO A 86 -15.20 -13.12 -5.31
N SER A 87 -15.63 -12.02 -5.92
CA SER A 87 -15.79 -11.96 -7.35
C SER A 87 -14.69 -11.11 -7.97
N ALA A 88 -14.12 -10.23 -7.15
CA ALA A 88 -13.06 -9.34 -7.60
C ALA A 88 -13.54 -8.58 -8.84
N LYS A 89 -12.70 -7.65 -9.27
CA LYS A 89 -13.02 -6.84 -10.44
C LYS A 89 -14.49 -6.44 -10.39
N THR A 90 -14.77 -5.43 -9.58
CA THR A 90 -16.14 -4.95 -9.44
C THR A 90 -16.23 -3.50 -9.89
N SER A 91 -16.78 -3.32 -11.08
CA SER A 91 -16.94 -1.98 -11.64
C SER A 91 -17.98 -2.00 -12.76
N GLY A 92 -18.60 -0.85 -12.96
CA GLY A 92 -19.62 -0.71 -13.99
C GLY A 92 -19.27 0.40 -14.98
N PRO A 93 -18.66 0.00 -16.12
CA PRO A 93 -18.27 0.96 -17.14
C PRO A 93 -19.49 1.44 -17.92
N SER A 94 -20.36 0.50 -18.25
CA SER A 94 -21.56 0.82 -19.00
C SER A 94 -22.54 1.60 -18.12
N SER A 95 -23.34 2.42 -18.76
CA SER A 95 -24.32 3.23 -18.05
C SER A 95 -23.61 4.20 -17.09
N GLY A 96 -24.03 5.45 -17.16
CA GLY A 96 -23.45 6.48 -16.32
C GLY A 96 -23.42 6.04 -14.85
N GLY A 1 -13.82 13.47 9.55
CA GLY A 1 -14.78 13.98 10.52
C GLY A 1 -14.71 15.50 10.62
N SER A 2 -13.66 15.97 11.29
CA SER A 2 -13.46 17.40 11.46
C SER A 2 -12.05 17.79 11.03
N SER A 3 -11.98 18.59 9.97
CA SER A 3 -10.70 19.03 9.45
C SER A 3 -9.90 17.84 8.93
N GLY A 4 -9.28 17.13 9.85
CA GLY A 4 -8.48 15.98 9.50
C GLY A 4 -7.00 16.35 9.38
N SER A 5 -6.64 16.83 8.20
CA SER A 5 -5.27 17.23 7.94
C SER A 5 -4.30 16.15 8.46
N SER A 6 -4.20 15.08 7.67
CA SER A 6 -3.32 13.99 8.04
C SER A 6 -3.08 13.09 6.82
N GLY A 7 -4.17 12.58 6.27
CA GLY A 7 -4.10 11.71 5.10
C GLY A 7 -2.99 12.16 4.15
N TYR A 8 -2.00 11.31 3.99
CA TYR A 8 -0.88 11.60 3.12
C TYR A 8 -1.07 10.96 1.74
N SER A 9 -0.30 11.45 0.79
CA SER A 9 -0.37 10.94 -0.58
C SER A 9 1.00 10.41 -1.00
N VAL A 10 1.05 9.09 -1.21
CA VAL A 10 2.29 8.46 -1.63
C VAL A 10 2.04 7.67 -2.92
N THR A 11 3.13 7.16 -3.47
CA THR A 11 3.05 6.39 -4.71
C THR A 11 3.44 4.93 -4.45
N VAL A 12 2.55 4.03 -4.86
CA VAL A 12 2.79 2.62 -4.68
C VAL A 12 3.52 2.06 -5.91
N LYS A 13 4.67 1.45 -5.65
CA LYS A 13 5.48 0.88 -6.71
C LYS A 13 5.50 -0.64 -6.57
N TRP A 14 4.83 -1.30 -7.50
CA TRP A 14 4.77 -2.75 -7.48
C TRP A 14 5.26 -3.26 -8.85
N GLY A 15 6.43 -3.89 -8.82
CA GLY A 15 7.02 -4.42 -10.04
C GLY A 15 5.95 -5.04 -10.94
N LYS A 16 6.02 -4.69 -12.21
CA LYS A 16 5.07 -5.20 -13.19
C LYS A 16 3.88 -4.24 -13.28
N GLU A 17 3.64 -3.55 -12.19
CA GLU A 17 2.54 -2.60 -12.13
C GLU A 17 3.05 -1.21 -11.70
N LYS A 18 2.18 -0.23 -11.86
CA LYS A 18 2.52 1.14 -11.50
C LYS A 18 1.29 1.83 -10.90
N PHE A 19 1.51 2.46 -9.76
CA PHE A 19 0.43 3.16 -9.08
C PHE A 19 0.91 4.53 -8.58
N GLU A 20 0.27 5.57 -9.09
CA GLU A 20 0.61 6.93 -8.70
C GLU A 20 -0.61 7.63 -8.11
N GLY A 21 -0.41 8.21 -6.94
CA GLY A 21 -1.48 8.92 -6.25
C GLY A 21 -2.34 7.95 -5.45
N VAL A 22 -1.71 7.31 -4.48
CA VAL A 22 -2.40 6.36 -3.62
C VAL A 22 -2.83 7.06 -2.33
N GLU A 23 -3.90 6.54 -1.75
CA GLU A 23 -4.43 7.10 -0.52
C GLU A 23 -3.77 6.44 0.69
N LEU A 24 -3.26 7.28 1.59
CA LEU A 24 -2.61 6.78 2.79
C LEU A 24 -2.96 7.68 3.97
N ASN A 25 -3.16 7.06 5.12
CA ASN A 25 -3.51 7.79 6.32
C ASN A 25 -2.58 7.37 7.46
N THR A 26 -2.30 8.32 8.35
CA THR A 26 -1.43 8.05 9.47
C THR A 26 -2.25 7.94 10.76
N ASP A 27 -3.33 8.70 10.81
CA ASP A 27 -4.21 8.69 11.97
C ASP A 27 -4.48 7.25 12.39
N GLU A 28 -4.47 6.36 11.40
CA GLU A 28 -4.72 4.95 11.65
C GLU A 28 -3.40 4.18 11.63
N PRO A 29 -3.53 2.83 11.78
CA PRO A 29 -2.36 1.97 11.79
C PRO A 29 -1.80 1.79 10.38
N PRO A 30 -0.60 1.16 10.30
CA PRO A 30 0.05 0.93 9.03
C PRO A 30 -0.63 -0.21 8.26
N MET A 31 -1.24 -1.11 9.03
CA MET A 31 -1.92 -2.25 8.45
C MET A 31 -2.94 -1.80 7.40
N VAL A 32 -3.69 -0.77 7.74
CA VAL A 32 -4.70 -0.23 6.85
C VAL A 32 -4.07 -0.02 5.46
N PHE A 33 -2.95 0.69 5.45
CA PHE A 33 -2.25 0.97 4.21
C PHE A 33 -1.94 -0.32 3.46
N LYS A 34 -1.77 -1.39 4.21
CA LYS A 34 -1.47 -2.69 3.63
C LYS A 34 -2.77 -3.32 3.11
N ALA A 35 -3.86 -3.02 3.81
CA ALA A 35 -5.15 -3.55 3.45
C ALA A 35 -5.58 -2.94 2.11
N GLN A 36 -5.12 -1.72 1.87
CA GLN A 36 -5.45 -1.02 0.64
C GLN A 36 -4.61 -1.56 -0.52
N LEU A 37 -3.32 -1.68 -0.27
CA LEU A 37 -2.40 -2.18 -1.28
C LEU A 37 -2.92 -3.52 -1.82
N PHE A 38 -3.63 -4.23 -0.95
CA PHE A 38 -4.20 -5.51 -1.33
C PHE A 38 -5.04 -5.39 -2.60
N ALA A 39 -5.89 -4.37 -2.61
CA ALA A 39 -6.76 -4.14 -3.75
C ALA A 39 -5.95 -3.48 -4.87
N LEU A 40 -4.75 -3.04 -4.51
CA LEU A 40 -3.88 -2.40 -5.49
C LEU A 40 -3.14 -3.46 -6.30
N THR A 41 -2.59 -4.43 -5.58
CA THR A 41 -1.87 -5.51 -6.22
C THR A 41 -2.61 -6.84 -6.03
N GLY A 42 -2.74 -7.22 -4.77
CA GLY A 42 -3.42 -8.47 -4.43
C GLY A 42 -2.70 -9.20 -3.31
N VAL A 43 -1.50 -8.73 -3.00
CA VAL A 43 -0.70 -9.34 -1.95
C VAL A 43 -1.29 -8.95 -0.59
N GLN A 44 -1.38 -9.95 0.28
CA GLN A 44 -1.92 -9.72 1.61
C GLN A 44 -1.17 -8.58 2.31
N PRO A 45 -1.84 -8.00 3.35
CA PRO A 45 -1.25 -6.90 4.09
C PRO A 45 -0.15 -7.41 5.03
N ALA A 46 0.04 -8.72 5.03
CA ALA A 46 1.05 -9.34 5.86
C ALA A 46 2.23 -9.78 4.99
N ARG A 47 1.91 -10.13 3.76
CA ARG A 47 2.93 -10.58 2.83
C ARG A 47 3.26 -9.46 1.83
N GLN A 48 2.94 -8.24 2.24
CA GLN A 48 3.20 -7.08 1.40
C GLN A 48 4.36 -6.26 1.98
N LYS A 49 5.53 -6.45 1.41
CA LYS A 49 6.72 -5.74 1.85
C LYS A 49 6.58 -4.26 1.49
N VAL A 50 6.82 -3.42 2.49
CA VAL A 50 6.73 -1.99 2.29
C VAL A 50 8.01 -1.33 2.80
N MET A 51 8.80 -0.82 1.86
CA MET A 51 10.05 -0.16 2.20
C MET A 51 9.81 1.29 2.59
N VAL A 52 10.87 1.92 3.09
CA VAL A 52 10.79 3.31 3.50
C VAL A 52 12.09 4.02 3.13
N LYS A 53 11.99 5.34 3.00
CA LYS A 53 13.14 6.14 2.65
C LYS A 53 14.41 5.49 3.22
N GLY A 54 14.31 5.05 4.46
CA GLY A 54 15.43 4.40 5.11
C GLY A 54 14.94 3.49 6.24
N GLY A 55 13.93 2.70 5.92
CA GLY A 55 13.37 1.77 6.90
C GLY A 55 12.22 0.97 6.29
N THR A 56 11.48 0.30 7.16
CA THR A 56 10.35 -0.51 6.73
C THR A 56 9.10 -0.13 7.52
N LEU A 57 7.98 -0.11 6.82
CA LEU A 57 6.71 0.23 7.44
C LEU A 57 6.37 -0.81 8.51
N LYS A 58 5.99 -0.31 9.67
CA LYS A 58 5.65 -1.19 10.79
C LYS A 58 4.31 -1.86 10.50
N ASP A 59 3.80 -2.55 11.51
CA ASP A 59 2.53 -3.24 11.38
C ASP A 59 1.62 -2.86 12.55
N ASP A 60 2.19 -2.88 13.74
CA ASP A 60 1.45 -2.52 14.94
C ASP A 60 1.05 -1.05 14.87
N ASP A 61 2.06 -0.20 14.72
CA ASP A 61 1.82 1.23 14.64
C ASP A 61 2.99 1.89 13.90
N TRP A 62 2.70 3.05 13.32
CA TRP A 62 3.72 3.79 12.59
C TRP A 62 4.84 4.16 13.57
N GLY A 63 4.45 4.87 14.61
CA GLY A 63 5.40 5.29 15.63
C GLY A 63 5.78 6.76 15.44
N ASN A 64 6.93 6.96 14.81
CA ASN A 64 7.42 8.30 14.55
C ASN A 64 8.03 8.37 13.14
N ILE A 65 7.24 7.92 12.18
CA ILE A 65 7.68 7.91 10.80
C ILE A 65 7.49 9.32 10.20
N LYS A 66 8.45 9.72 9.38
CA LYS A 66 8.40 11.02 8.75
C LYS A 66 7.71 10.89 7.39
N MET A 67 6.40 10.76 7.43
CA MET A 67 5.62 10.63 6.21
C MET A 67 5.49 11.98 5.50
N LYS A 68 5.40 11.91 4.17
CA LYS A 68 5.27 13.11 3.36
C LYS A 68 4.49 12.77 2.09
N ASN A 69 3.80 13.78 1.58
CA ASN A 69 3.00 13.60 0.37
C ASN A 69 3.89 13.87 -0.85
N GLY A 70 4.12 12.81 -1.62
CA GLY A 70 4.94 12.91 -2.82
C GLY A 70 5.95 11.77 -2.88
N MET A 71 6.39 11.34 -1.71
CA MET A 71 7.35 10.24 -1.62
C MET A 71 6.89 9.04 -2.44
N THR A 72 7.72 8.00 -2.42
CA THR A 72 7.41 6.79 -3.15
C THR A 72 7.42 5.58 -2.21
N VAL A 73 6.54 4.63 -2.51
CA VAL A 73 6.44 3.42 -1.70
C VAL A 73 6.68 2.20 -2.59
N LEU A 74 7.69 1.42 -2.21
CA LEU A 74 8.03 0.22 -2.96
C LEU A 74 7.36 -0.99 -2.31
N MET A 75 6.78 -1.83 -3.15
CA MET A 75 6.11 -3.03 -2.66
C MET A 75 6.73 -4.29 -3.28
N MET A 76 7.09 -5.22 -2.42
CA MET A 76 7.69 -6.46 -2.87
C MET A 76 6.76 -7.65 -2.57
N GLY A 77 6.32 -8.28 -3.64
CA GLY A 77 5.43 -9.43 -3.52
C GLY A 77 5.07 -10.00 -4.89
N SER A 78 4.11 -10.92 -4.89
CA SER A 78 3.67 -11.54 -6.13
C SER A 78 2.15 -11.62 -6.16
N ALA A 79 1.59 -12.13 -5.06
CA ALA A 79 0.16 -12.27 -4.96
C ALA A 79 -0.33 -13.37 -5.91
N ASP A 80 -0.14 -14.61 -5.47
CA ASP A 80 -0.54 -15.76 -6.27
C ASP A 80 -0.82 -16.94 -5.34
N ALA A 81 -1.21 -16.62 -4.12
CA ALA A 81 -1.52 -17.63 -3.13
C ALA A 81 -0.29 -18.50 -2.89
N LEU A 82 -0.31 -19.20 -1.78
CA LEU A 82 0.80 -20.08 -1.42
C LEU A 82 0.73 -21.36 -2.26
N PRO A 83 1.93 -21.80 -2.74
CA PRO A 83 2.01 -23.01 -3.55
C PRO A 83 1.85 -24.25 -2.68
N GLU A 84 0.74 -24.30 -1.96
CA GLU A 84 0.46 -25.43 -1.09
C GLU A 84 1.72 -25.86 -0.34
N GLU A 85 2.06 -25.09 0.68
CA GLU A 85 3.24 -25.38 1.48
C GLU A 85 3.24 -26.84 1.92
N PRO A 86 4.23 -27.60 1.38
CA PRO A 86 4.35 -29.02 1.70
C PRO A 86 4.91 -29.21 3.12
N SER A 87 6.09 -28.65 3.33
CA SER A 87 6.75 -28.75 4.62
C SER A 87 7.42 -30.12 4.77
N ALA A 88 6.60 -31.15 4.58
CA ALA A 88 7.10 -32.52 4.68
C ALA A 88 7.71 -32.73 6.07
N LYS A 89 6.83 -32.95 7.04
CA LYS A 89 7.28 -33.16 8.40
C LYS A 89 6.07 -33.48 9.28
N THR A 90 5.18 -32.50 9.40
CA THR A 90 3.98 -32.67 10.20
C THR A 90 3.07 -33.73 9.58
N SER A 91 2.27 -34.35 10.44
CA SER A 91 1.35 -35.39 9.99
C SER A 91 0.25 -35.59 11.03
N GLY A 92 -0.86 -36.15 10.58
CA GLY A 92 -1.99 -36.41 11.44
C GLY A 92 -1.52 -36.93 12.81
N PRO A 93 -1.50 -35.99 13.80
CA PRO A 93 -1.08 -36.33 15.15
C PRO A 93 -2.15 -37.12 15.88
N SER A 94 -3.34 -36.54 15.93
CA SER A 94 -4.47 -37.18 16.58
C SER A 94 -5.76 -36.41 16.29
N SER A 95 -6.87 -37.06 16.58
CA SER A 95 -8.18 -36.45 16.35
C SER A 95 -8.89 -36.24 17.68
N GLY A 96 -9.09 -37.34 18.39
CA GLY A 96 -9.76 -37.29 19.68
C GLY A 96 -11.23 -36.87 19.51
N GLY A 1 -12.73 11.77 2.25
CA GLY A 1 -11.94 12.87 2.75
C GLY A 1 -12.83 13.92 3.45
N SER A 2 -13.16 13.62 4.70
CA SER A 2 -14.01 14.51 5.47
C SER A 2 -13.19 15.16 6.60
N SER A 3 -13.21 16.48 6.61
CA SER A 3 -12.47 17.22 7.62
C SER A 3 -10.98 17.11 7.37
N GLY A 4 -10.45 15.92 7.62
CA GLY A 4 -9.03 15.66 7.42
C GLY A 4 -8.27 15.78 8.74
N SER A 5 -7.46 14.77 9.02
CA SER A 5 -6.67 14.74 10.23
C SER A 5 -5.18 14.73 9.89
N SER A 6 -4.83 13.88 8.94
CA SER A 6 -3.45 13.75 8.51
C SER A 6 -3.33 12.67 7.44
N GLY A 7 -3.74 13.02 6.23
CA GLY A 7 -3.69 12.09 5.12
C GLY A 7 -2.55 12.45 4.16
N TYR A 8 -1.64 11.50 4.00
CA TYR A 8 -0.50 11.70 3.12
C TYR A 8 -0.72 11.01 1.78
N SER A 9 0.01 11.50 0.77
CA SER A 9 -0.10 10.94 -0.56
C SER A 9 1.26 10.37 -1.00
N VAL A 10 1.26 9.08 -1.28
CA VAL A 10 2.48 8.41 -1.70
C VAL A 10 2.20 7.62 -2.99
N THR A 11 3.27 7.07 -3.55
CA THR A 11 3.16 6.31 -4.78
C THR A 11 3.70 4.89 -4.58
N VAL A 12 2.85 3.91 -4.86
CA VAL A 12 3.24 2.52 -4.71
C VAL A 12 3.85 2.03 -6.02
N LYS A 13 4.96 1.32 -5.88
CA LYS A 13 5.66 0.79 -7.05
C LYS A 13 5.76 -0.73 -6.92
N TRP A 14 5.04 -1.42 -7.81
CA TRP A 14 5.05 -2.87 -7.80
C TRP A 14 5.50 -3.34 -9.18
N GLY A 15 6.80 -3.62 -9.28
CA GLY A 15 7.38 -4.08 -10.54
C GLY A 15 6.71 -3.38 -11.73
N LYS A 16 6.33 -4.20 -12.70
CA LYS A 16 5.69 -3.68 -13.90
C LYS A 16 4.47 -2.83 -13.50
N GLU A 17 3.81 -3.28 -12.44
CA GLU A 17 2.63 -2.57 -11.95
C GLU A 17 3.04 -1.25 -11.30
N LYS A 18 2.18 -0.26 -11.46
CA LYS A 18 2.44 1.06 -10.90
C LYS A 18 1.13 1.66 -10.40
N PHE A 19 1.21 2.29 -9.24
CA PHE A 19 0.04 2.92 -8.64
C PHE A 19 0.39 4.28 -8.05
N GLU A 20 -0.12 5.32 -8.68
CA GLU A 20 0.12 6.68 -8.23
C GLU A 20 -1.20 7.37 -7.85
N GLY A 21 -1.24 7.83 -6.61
CA GLY A 21 -2.43 8.50 -6.11
C GLY A 21 -3.20 7.61 -5.12
N VAL A 22 -2.43 7.01 -4.22
CA VAL A 22 -3.01 6.13 -3.22
C VAL A 22 -3.18 6.90 -1.91
N GLU A 23 -4.41 6.96 -1.44
CA GLU A 23 -4.71 7.67 -0.19
C GLU A 23 -4.05 6.96 0.99
N LEU A 24 -3.32 7.73 1.77
CA LEU A 24 -2.64 7.19 2.94
C LEU A 24 -2.88 8.10 4.13
N ASN A 25 -3.14 7.47 5.27
CA ASN A 25 -3.40 8.20 6.50
C ASN A 25 -2.50 7.67 7.61
N THR A 26 -2.09 8.57 8.48
CA THR A 26 -1.23 8.21 9.59
C THR A 26 -2.05 8.07 10.88
N ASP A 27 -3.07 8.90 10.99
CA ASP A 27 -3.94 8.88 12.16
C ASP A 27 -4.23 7.43 12.54
N GLU A 28 -4.25 6.57 11.53
CA GLU A 28 -4.51 5.16 11.74
C GLU A 28 -3.22 4.35 11.58
N PRO A 29 -3.37 3.00 11.74
CA PRO A 29 -2.23 2.11 11.61
C PRO A 29 -1.85 1.92 10.15
N PRO A 30 -0.71 1.21 9.93
CA PRO A 30 -0.23 0.95 8.58
C PRO A 30 -1.06 -0.13 7.90
N MET A 31 -1.47 -1.11 8.69
CA MET A 31 -2.27 -2.20 8.17
C MET A 31 -3.29 -1.70 7.14
N VAL A 32 -3.93 -0.60 7.48
CA VAL A 32 -4.92 0.00 6.61
C VAL A 32 -4.30 0.22 5.22
N PHE A 33 -3.14 0.87 5.23
CA PHE A 33 -2.44 1.16 3.99
C PHE A 33 -2.09 -0.14 3.25
N LYS A 34 -2.02 -1.22 4.01
CA LYS A 34 -1.70 -2.52 3.44
C LYS A 34 -2.99 -3.21 3.01
N ALA A 35 -4.08 -2.81 3.65
CA ALA A 35 -5.38 -3.39 3.35
C ALA A 35 -5.84 -2.91 1.97
N GLN A 36 -5.35 -1.74 1.59
CA GLN A 36 -5.70 -1.16 0.31
C GLN A 36 -4.81 -1.73 -0.80
N LEU A 37 -3.51 -1.66 -0.57
CA LEU A 37 -2.55 -2.18 -1.53
C LEU A 37 -2.97 -3.58 -1.96
N PHE A 38 -3.63 -4.27 -1.05
CA PHE A 38 -4.09 -5.62 -1.31
C PHE A 38 -5.03 -5.65 -2.53
N ALA A 39 -5.81 -4.59 -2.66
CA ALA A 39 -6.74 -4.49 -3.77
C ALA A 39 -6.09 -3.71 -4.91
N LEU A 40 -4.88 -3.23 -4.65
CA LEU A 40 -4.14 -2.48 -5.65
C LEU A 40 -3.19 -3.41 -6.39
N THR A 41 -2.43 -4.17 -5.62
CA THR A 41 -1.48 -5.11 -6.17
C THR A 41 -2.05 -6.53 -6.15
N GLY A 42 -2.72 -6.84 -5.05
CA GLY A 42 -3.32 -8.15 -4.89
C GLY A 42 -2.69 -8.90 -3.73
N VAL A 43 -1.40 -8.65 -3.53
CA VAL A 43 -0.66 -9.30 -2.46
C VAL A 43 -1.31 -8.95 -1.12
N GLN A 44 -1.32 -9.92 -0.22
CA GLN A 44 -1.90 -9.73 1.09
C GLN A 44 -1.13 -8.65 1.86
N PRO A 45 -1.83 -8.07 2.88
CA PRO A 45 -1.23 -7.02 3.69
C PRO A 45 -0.20 -7.61 4.66
N ALA A 46 0.02 -8.90 4.54
CA ALA A 46 0.97 -9.59 5.39
C ALA A 46 2.20 -10.01 4.57
N ARG A 47 1.96 -10.20 3.29
CA ARG A 47 3.02 -10.59 2.38
C ARG A 47 3.47 -9.39 1.54
N GLN A 48 3.31 -8.21 2.11
CA GLN A 48 3.70 -6.98 1.42
C GLN A 48 4.94 -6.38 2.07
N LYS A 49 6.05 -6.47 1.35
CA LYS A 49 7.32 -5.95 1.83
C LYS A 49 7.44 -4.48 1.42
N VAL A 50 7.01 -3.60 2.32
CA VAL A 50 7.07 -2.17 2.06
C VAL A 50 8.34 -1.59 2.69
N MET A 51 9.12 -0.92 1.86
CA MET A 51 10.36 -0.32 2.31
C MET A 51 10.18 1.18 2.55
N VAL A 52 11.17 1.75 3.21
CA VAL A 52 11.14 3.18 3.52
C VAL A 52 12.49 3.80 3.17
N LYS A 53 12.47 5.10 2.92
CA LYS A 53 13.67 5.82 2.57
C LYS A 53 14.86 5.21 3.32
N GLY A 54 14.60 4.84 4.57
CA GLY A 54 15.63 4.24 5.40
C GLY A 54 15.01 3.43 6.54
N GLY A 55 13.97 2.70 6.19
CA GLY A 55 13.28 1.87 7.17
C GLY A 55 12.24 0.97 6.50
N THR A 56 11.40 0.37 7.32
CA THR A 56 10.35 -0.51 6.82
C THR A 56 9.02 -0.18 7.48
N LEU A 57 7.95 -0.31 6.70
CA LEU A 57 6.62 -0.03 7.20
C LEU A 57 6.24 -1.07 8.26
N LYS A 58 5.80 -0.57 9.40
CA LYS A 58 5.41 -1.44 10.50
C LYS A 58 4.07 -2.09 10.17
N ASP A 59 3.52 -2.78 11.16
CA ASP A 59 2.24 -3.46 10.99
C ASP A 59 1.33 -3.09 12.15
N ASP A 60 1.87 -3.17 13.35
CA ASP A 60 1.12 -2.84 14.55
C ASP A 60 0.79 -1.35 14.55
N ASP A 61 1.80 -0.54 14.28
CA ASP A 61 1.63 0.90 14.25
C ASP A 61 2.88 1.54 13.62
N TRP A 62 2.66 2.72 13.04
CA TRP A 62 3.75 3.43 12.40
C TRP A 62 4.84 3.68 13.43
N GLY A 63 4.45 4.35 14.51
CA GLY A 63 5.39 4.64 15.58
C GLY A 63 5.96 6.06 15.43
N ASN A 64 7.11 6.13 14.77
CA ASN A 64 7.77 7.41 14.55
C ASN A 64 8.40 7.42 13.15
N ILE A 65 7.60 7.04 12.17
CA ILE A 65 8.06 7.01 10.79
C ILE A 65 7.98 8.41 10.20
N LYS A 66 8.98 8.73 9.38
CA LYS A 66 9.04 10.03 8.74
C LYS A 66 8.35 9.95 7.38
N MET A 67 7.02 9.96 7.42
CA MET A 67 6.24 9.89 6.20
C MET A 67 6.02 11.28 5.61
N LYS A 68 5.98 11.34 4.29
CA LYS A 68 5.75 12.60 3.60
C LYS A 68 4.87 12.37 2.38
N ASN A 69 4.22 13.44 1.94
CA ASN A 69 3.33 13.36 0.79
C ASN A 69 4.13 13.66 -0.47
N GLY A 70 4.17 12.67 -1.36
CA GLY A 70 4.89 12.81 -2.61
C GLY A 70 5.95 11.72 -2.75
N MET A 71 6.37 11.19 -1.61
CA MET A 71 7.38 10.15 -1.60
C MET A 71 6.91 8.93 -2.39
N THR A 72 7.78 7.92 -2.44
CA THR A 72 7.47 6.70 -3.16
C THR A 72 7.53 5.50 -2.22
N VAL A 73 6.53 4.63 -2.36
CA VAL A 73 6.45 3.44 -1.53
C VAL A 73 6.83 2.22 -2.35
N LEU A 74 7.91 1.57 -1.95
CA LEU A 74 8.39 0.40 -2.64
C LEU A 74 7.69 -0.83 -2.09
N MET A 75 7.07 -1.59 -2.99
CA MET A 75 6.35 -2.79 -2.60
C MET A 75 6.92 -4.01 -3.32
N MET A 76 7.30 -5.01 -2.53
CA MET A 76 7.85 -6.23 -3.08
C MET A 76 7.00 -7.44 -2.70
N GLY A 77 6.55 -8.15 -3.72
CA GLY A 77 5.72 -9.33 -3.51
C GLY A 77 5.57 -10.13 -4.80
N SER A 78 4.46 -10.86 -4.89
CA SER A 78 4.19 -11.68 -6.06
C SER A 78 2.69 -11.95 -6.16
N ALA A 79 2.11 -12.35 -5.04
CA ALA A 79 0.69 -12.65 -4.99
C ALA A 79 0.42 -13.91 -5.80
N ASP A 80 0.84 -15.04 -5.23
CA ASP A 80 0.65 -16.33 -5.89
C ASP A 80 -0.24 -17.20 -5.01
N ALA A 81 -1.53 -17.21 -5.33
CA ALA A 81 -2.49 -18.00 -4.58
C ALA A 81 -3.88 -17.86 -5.23
N LEU A 82 -4.68 -18.89 -5.03
CA LEU A 82 -6.02 -18.90 -5.59
C LEU A 82 -6.85 -17.78 -4.93
N PRO A 83 -7.23 -16.78 -5.76
CA PRO A 83 -8.01 -15.66 -5.27
C PRO A 83 -9.47 -16.07 -5.06
N GLU A 84 -9.81 -16.30 -3.79
CA GLU A 84 -11.17 -16.69 -3.45
C GLU A 84 -11.79 -15.68 -2.49
N GLU A 85 -12.06 -14.49 -3.03
CA GLU A 85 -12.66 -13.43 -2.25
C GLU A 85 -12.60 -12.10 -3.01
N PRO A 86 -11.37 -11.74 -3.44
CA PRO A 86 -11.16 -10.50 -4.19
C PRO A 86 -11.66 -10.65 -5.63
N SER A 87 -12.26 -9.57 -6.12
CA SER A 87 -12.78 -9.57 -7.48
C SER A 87 -12.24 -8.35 -8.24
N ALA A 88 -12.13 -8.52 -9.55
CA ALA A 88 -11.63 -7.45 -10.40
C ALA A 88 -12.77 -6.49 -10.72
N LYS A 89 -12.86 -5.44 -9.92
CA LYS A 89 -13.89 -4.43 -10.10
C LYS A 89 -13.23 -3.08 -10.36
N THR A 90 -12.51 -2.61 -9.35
CA THR A 90 -11.83 -1.33 -9.46
C THR A 90 -12.82 -0.22 -9.84
N SER A 91 -13.42 0.37 -8.82
CA SER A 91 -14.38 1.43 -9.04
C SER A 91 -13.79 2.77 -8.63
N GLY A 92 -13.39 2.85 -7.36
CA GLY A 92 -12.81 4.07 -6.84
C GLY A 92 -11.66 4.55 -7.72
N PRO A 93 -11.84 5.78 -8.27
CA PRO A 93 -10.82 6.36 -9.14
C PRO A 93 -9.62 6.86 -8.32
N SER A 94 -9.92 7.68 -7.32
CA SER A 94 -8.89 8.22 -6.46
C SER A 94 -9.52 9.09 -5.37
N SER A 95 -10.23 10.11 -5.82
CA SER A 95 -10.89 11.01 -4.89
C SER A 95 -12.19 11.55 -5.51
N GLY A 96 -13.29 11.28 -4.81
CA GLY A 96 -14.59 11.73 -5.28
C GLY A 96 -15.70 11.19 -4.38
N GLY A 1 -13.18 13.31 -2.34
CA GLY A 1 -12.93 14.73 -2.15
C GLY A 1 -11.52 14.96 -1.58
N SER A 2 -11.32 16.15 -1.05
CA SER A 2 -10.04 16.51 -0.48
C SER A 2 -10.24 17.34 0.80
N SER A 3 -10.11 16.65 1.92
CA SER A 3 -10.28 17.30 3.21
C SER A 3 -9.66 16.45 4.32
N GLY A 4 -8.48 16.86 4.75
CA GLY A 4 -7.77 16.15 5.80
C GLY A 4 -6.53 16.92 6.25
N SER A 5 -5.57 16.17 6.78
CA SER A 5 -4.33 16.78 7.26
C SER A 5 -3.29 15.69 7.52
N SER A 6 -3.66 14.75 8.39
CA SER A 6 -2.77 13.66 8.73
C SER A 6 -2.66 12.69 7.56
N GLY A 7 -3.60 12.82 6.63
CA GLY A 7 -3.63 11.96 5.46
C GLY A 7 -2.50 12.32 4.49
N TYR A 8 -1.56 11.39 4.34
CA TYR A 8 -0.44 11.59 3.46
C TYR A 8 -0.64 10.88 2.12
N SER A 9 0.15 11.29 1.13
CA SER A 9 0.06 10.69 -0.19
C SER A 9 1.40 10.04 -0.56
N VAL A 10 1.30 8.96 -1.33
CA VAL A 10 2.49 8.25 -1.76
C VAL A 10 2.19 7.50 -3.06
N THR A 11 3.20 6.81 -3.56
CA THR A 11 3.05 6.06 -4.80
C THR A 11 3.57 4.63 -4.61
N VAL A 12 2.69 3.68 -4.88
CA VAL A 12 3.04 2.28 -4.75
C VAL A 12 3.63 1.78 -6.07
N LYS A 13 4.83 1.20 -5.96
CA LYS A 13 5.51 0.69 -7.14
C LYS A 13 5.63 -0.83 -7.03
N TRP A 14 4.96 -1.53 -7.94
CA TRP A 14 4.99 -2.98 -7.94
C TRP A 14 5.34 -3.44 -9.36
N GLY A 15 6.59 -3.78 -9.54
CA GLY A 15 7.07 -4.23 -10.84
C GLY A 15 6.40 -3.46 -11.97
N LYS A 16 5.90 -4.21 -12.95
CA LYS A 16 5.23 -3.60 -14.09
C LYS A 16 4.05 -2.77 -13.60
N GLU A 17 3.43 -3.24 -12.53
CA GLU A 17 2.29 -2.56 -11.95
C GLU A 17 2.72 -1.21 -11.37
N LYS A 18 1.94 -0.19 -11.67
CA LYS A 18 2.23 1.14 -11.19
C LYS A 18 0.98 1.74 -10.54
N PHE A 19 1.19 2.41 -9.42
CA PHE A 19 0.08 3.03 -8.70
C PHE A 19 0.46 4.42 -8.21
N GLU A 20 -0.17 5.42 -8.81
CA GLU A 20 0.09 6.81 -8.45
C GLU A 20 -1.20 7.48 -7.98
N GLY A 21 -1.16 8.02 -6.77
CA GLY A 21 -2.30 8.69 -6.20
C GLY A 21 -3.06 7.79 -5.23
N VAL A 22 -2.31 7.25 -4.28
CA VAL A 22 -2.90 6.35 -3.30
C VAL A 22 -3.10 7.12 -1.98
N GLU A 23 -4.20 6.80 -1.32
CA GLU A 23 -4.53 7.45 -0.06
C GLU A 23 -3.80 6.76 1.10
N LEU A 24 -3.16 7.58 1.93
CA LEU A 24 -2.42 7.06 3.07
C LEU A 24 -2.68 7.95 4.29
N ASN A 25 -2.89 7.30 5.43
CA ASN A 25 -3.15 8.02 6.66
C ASN A 25 -2.23 7.49 7.76
N THR A 26 -1.77 8.40 8.60
CA THR A 26 -0.88 8.04 9.70
C THR A 26 -1.67 7.90 11.00
N ASP A 27 -2.71 8.73 11.10
CA ASP A 27 -3.55 8.72 12.29
C ASP A 27 -3.92 7.27 12.64
N GLU A 28 -3.88 6.42 11.62
CA GLU A 28 -4.21 5.02 11.79
C GLU A 28 -2.95 4.16 11.64
N PRO A 29 -3.16 2.82 11.75
CA PRO A 29 -2.05 1.88 11.62
C PRO A 29 -1.62 1.73 10.16
N PRO A 30 -0.48 1.04 9.96
CA PRO A 30 0.05 0.81 8.62
C PRO A 30 -0.77 -0.25 7.88
N MET A 31 -1.32 -1.17 8.65
CA MET A 31 -2.13 -2.23 8.08
C MET A 31 -3.12 -1.68 7.05
N VAL A 32 -3.69 -0.54 7.38
CA VAL A 32 -4.65 0.09 6.50
C VAL A 32 -4.02 0.30 5.12
N PHE A 33 -2.97 1.11 5.10
CA PHE A 33 -2.27 1.39 3.86
C PHE A 33 -1.92 0.10 3.12
N LYS A 34 -1.69 -0.94 3.89
CA LYS A 34 -1.35 -2.23 3.33
C LYS A 34 -2.62 -2.96 2.92
N ALA A 35 -3.73 -2.57 3.56
CA ALA A 35 -5.02 -3.18 3.26
C ALA A 35 -5.44 -2.80 1.85
N GLN A 36 -4.99 -1.62 1.42
CA GLN A 36 -5.31 -1.14 0.09
C GLN A 36 -4.41 -1.81 -0.96
N LEU A 37 -3.12 -1.81 -0.67
CA LEU A 37 -2.16 -2.40 -1.57
C LEU A 37 -2.65 -3.78 -2.00
N PHE A 38 -3.46 -4.38 -1.14
CA PHE A 38 -4.00 -5.70 -1.42
C PHE A 38 -4.96 -5.65 -2.60
N ALA A 39 -5.68 -4.54 -2.71
CA ALA A 39 -6.64 -4.35 -3.78
C ALA A 39 -5.95 -3.65 -4.95
N LEU A 40 -4.72 -3.21 -4.69
CA LEU A 40 -3.95 -2.53 -5.72
C LEU A 40 -3.18 -3.55 -6.55
N THR A 41 -2.50 -4.45 -5.85
CA THR A 41 -1.72 -5.48 -6.50
C THR A 41 -2.39 -6.84 -6.34
N GLY A 42 -2.58 -7.23 -5.08
CA GLY A 42 -3.22 -8.50 -4.78
C GLY A 42 -2.47 -9.23 -3.66
N VAL A 43 -1.31 -8.70 -3.32
CA VAL A 43 -0.50 -9.29 -2.28
C VAL A 43 -1.06 -8.88 -0.91
N GLN A 44 -0.94 -9.80 0.04
CA GLN A 44 -1.42 -9.56 1.39
C GLN A 44 -0.62 -8.44 2.05
N PRO A 45 -1.26 -7.78 3.05
CA PRO A 45 -0.61 -6.70 3.77
C PRO A 45 0.44 -7.23 4.74
N ALA A 46 0.58 -8.55 4.75
CA ALA A 46 1.54 -9.19 5.62
C ALA A 46 2.79 -9.55 4.82
N ARG A 47 2.57 -9.87 3.55
CA ARG A 47 3.68 -10.24 2.67
C ARG A 47 4.19 -9.00 1.95
N GLN A 48 3.29 -8.07 1.68
CA GLN A 48 3.66 -6.83 1.00
C GLN A 48 4.71 -6.08 1.81
N LYS A 49 5.97 -6.29 1.43
CA LYS A 49 7.07 -5.63 2.09
C LYS A 49 7.10 -4.16 1.70
N VAL A 50 6.47 -3.34 2.53
CA VAL A 50 6.42 -1.91 2.28
C VAL A 50 7.66 -1.25 2.88
N MET A 51 8.57 -0.88 1.99
CA MET A 51 9.81 -0.23 2.41
C MET A 51 9.59 1.26 2.65
N VAL A 52 10.60 1.90 3.22
CA VAL A 52 10.53 3.31 3.51
C VAL A 52 11.86 3.97 3.11
N LYS A 53 11.78 5.27 2.84
CA LYS A 53 12.95 6.03 2.45
C LYS A 53 14.19 5.45 3.15
N GLY A 54 14.01 5.13 4.42
CA GLY A 54 15.10 4.56 5.20
C GLY A 54 14.55 3.76 6.39
N GLY A 55 13.53 2.96 6.11
CA GLY A 55 12.93 2.14 7.14
C GLY A 55 11.85 1.22 6.54
N THR A 56 11.16 0.53 7.43
CA THR A 56 10.10 -0.38 7.00
C THR A 56 8.79 -0.03 7.68
N LEU A 57 7.71 -0.19 6.93
CA LEU A 57 6.38 0.12 7.45
C LEU A 57 6.06 -0.84 8.59
N LYS A 58 5.70 -0.25 9.73
CA LYS A 58 5.36 -1.05 10.90
C LYS A 58 4.07 -1.81 10.64
N ASP A 59 3.55 -2.41 11.72
CA ASP A 59 2.32 -3.17 11.62
C ASP A 59 1.21 -2.43 12.35
N ASP A 60 1.60 -1.69 13.38
CA ASP A 60 0.65 -0.93 14.17
C ASP A 60 1.41 0.03 15.09
N ASP A 61 1.76 1.18 14.54
CA ASP A 61 2.48 2.19 15.30
C ASP A 61 3.25 3.09 14.32
N TRP A 62 3.59 2.52 13.18
CA TRP A 62 4.32 3.26 12.16
C TRP A 62 5.73 3.53 12.69
N GLY A 63 5.78 4.27 13.80
CA GLY A 63 7.05 4.60 14.42
C GLY A 63 7.50 6.02 14.04
N ASN A 64 8.63 6.41 14.58
CA ASN A 64 9.18 7.73 14.31
C ASN A 64 9.66 7.80 12.87
N ILE A 65 8.72 7.59 11.95
CA ILE A 65 9.04 7.61 10.53
C ILE A 65 8.61 8.96 9.95
N LYS A 66 9.50 9.54 9.16
CA LYS A 66 9.23 10.82 8.54
C LYS A 66 8.48 10.59 7.22
N MET A 67 7.20 10.95 7.23
CA MET A 67 6.36 10.78 6.06
C MET A 67 6.25 12.10 5.29
N LYS A 68 5.83 11.97 4.04
CA LYS A 68 5.67 13.15 3.18
C LYS A 68 4.79 12.78 1.99
N ASN A 69 4.17 13.80 1.42
CA ASN A 69 3.31 13.61 0.27
C ASN A 69 4.11 13.82 -1.02
N GLY A 70 4.31 12.74 -1.74
CA GLY A 70 5.06 12.80 -2.99
C GLY A 70 6.04 11.63 -3.09
N MET A 71 6.54 11.20 -1.94
CA MET A 71 7.49 10.11 -1.89
C MET A 71 6.93 8.88 -2.61
N THR A 72 7.80 7.88 -2.74
CA THR A 72 7.41 6.65 -3.41
C THR A 72 7.50 5.47 -2.44
N VAL A 73 6.52 4.59 -2.55
CA VAL A 73 6.48 3.41 -1.69
C VAL A 73 6.86 2.18 -2.50
N LEU A 74 7.84 1.45 -1.98
CA LEU A 74 8.31 0.25 -2.65
C LEU A 74 7.57 -0.97 -2.08
N MET A 75 7.01 -1.75 -2.98
CA MET A 75 6.27 -2.95 -2.59
C MET A 75 6.91 -4.20 -3.18
N MET A 76 7.14 -5.17 -2.30
CA MET A 76 7.75 -6.42 -2.71
C MET A 76 6.93 -7.62 -2.21
N GLY A 77 6.69 -8.56 -3.11
CA GLY A 77 5.92 -9.74 -2.78
C GLY A 77 5.31 -10.37 -4.02
N SER A 78 4.80 -11.59 -3.84
CA SER A 78 4.18 -12.31 -4.94
C SER A 78 2.94 -13.04 -4.45
N ALA A 79 1.81 -12.66 -5.02
CA ALA A 79 0.54 -13.27 -4.66
C ALA A 79 0.55 -14.75 -5.06
N ASP A 80 1.16 -15.56 -4.22
CA ASP A 80 1.25 -16.98 -4.48
C ASP A 80 -0.17 -17.57 -4.60
N ALA A 81 -0.53 -17.94 -5.81
CA ALA A 81 -1.84 -18.50 -6.06
C ALA A 81 -2.89 -17.74 -5.26
N LEU A 82 -3.16 -16.52 -5.71
CA LEU A 82 -4.14 -15.68 -5.04
C LEU A 82 -5.13 -15.12 -6.07
N PRO A 83 -6.43 -15.41 -5.83
CA PRO A 83 -7.48 -14.96 -6.72
C PRO A 83 -7.74 -13.46 -6.54
N GLU A 84 -6.73 -12.67 -6.90
CA GLU A 84 -6.85 -11.23 -6.79
C GLU A 84 -5.93 -10.54 -7.80
N GLU A 85 -6.53 -10.12 -8.90
CA GLU A 85 -5.78 -9.45 -9.96
C GLU A 85 -6.62 -8.34 -10.58
N PRO A 86 -5.92 -7.30 -11.10
CA PRO A 86 -6.59 -6.17 -11.72
C PRO A 86 -7.11 -6.55 -13.11
N SER A 87 -7.60 -5.54 -13.82
CA SER A 87 -8.13 -5.74 -15.15
C SER A 87 -7.75 -4.56 -16.06
N ALA A 88 -6.51 -4.59 -16.52
CA ALA A 88 -6.02 -3.54 -17.39
C ALA A 88 -6.08 -2.20 -16.65
N LYS A 89 -5.27 -1.27 -17.12
CA LYS A 89 -5.21 0.05 -16.51
C LYS A 89 -5.29 1.12 -17.60
N THR A 90 -5.38 2.36 -17.16
CA THR A 90 -5.46 3.48 -18.08
C THR A 90 -4.99 4.77 -17.41
N SER A 91 -4.48 5.68 -18.23
CA SER A 91 -3.99 6.95 -17.73
C SER A 91 -3.60 7.86 -18.89
N GLY A 92 -4.18 9.05 -18.92
CA GLY A 92 -3.90 10.01 -19.96
C GLY A 92 -3.84 11.43 -19.40
N PRO A 93 -2.59 11.89 -19.12
CA PRO A 93 -2.39 13.23 -18.59
C PRO A 93 -2.58 14.29 -19.67
N SER A 94 -2.83 13.82 -20.89
CA SER A 94 -3.03 14.70 -22.01
C SER A 94 -3.91 15.89 -21.58
N SER A 95 -5.03 15.57 -20.96
CA SER A 95 -5.96 16.58 -20.50
C SER A 95 -5.19 17.77 -19.92
N GLY A 96 -5.44 18.93 -20.50
CA GLY A 96 -4.78 20.15 -20.04
C GLY A 96 -5.55 21.40 -20.50
N GLY A 1 -10.01 20.53 4.99
CA GLY A 1 -9.94 19.90 6.29
C GLY A 1 -11.32 19.44 6.76
N SER A 2 -11.58 18.16 6.57
CA SER A 2 -12.86 17.59 6.96
C SER A 2 -12.90 16.11 6.61
N SER A 3 -13.01 15.84 5.32
CA SER A 3 -13.06 14.47 4.83
C SER A 3 -11.94 13.65 5.46
N GLY A 4 -10.90 14.35 5.86
CA GLY A 4 -9.75 13.71 6.48
C GLY A 4 -9.12 14.61 7.55
N SER A 5 -7.96 14.17 8.03
CA SER A 5 -7.25 14.92 9.06
C SER A 5 -5.74 14.72 8.89
N SER A 6 -5.35 13.46 8.87
CA SER A 6 -3.94 13.11 8.72
C SER A 6 -3.76 12.15 7.54
N GLY A 7 -4.02 12.67 6.35
CA GLY A 7 -3.89 11.88 5.14
C GLY A 7 -2.71 12.37 4.30
N TYR A 8 -1.85 11.42 3.95
CA TYR A 8 -0.67 11.73 3.14
C TYR A 8 -0.80 11.15 1.74
N SER A 9 -0.05 11.73 0.82
CA SER A 9 -0.07 11.29 -0.56
C SER A 9 1.25 10.61 -0.91
N VAL A 10 1.16 9.33 -1.25
CA VAL A 10 2.35 8.57 -1.61
C VAL A 10 2.12 7.89 -2.96
N THR A 11 3.09 7.08 -3.36
CA THR A 11 3.01 6.37 -4.62
C THR A 11 3.43 4.91 -4.44
N VAL A 12 2.53 4.02 -4.81
CA VAL A 12 2.80 2.59 -4.68
C VAL A 12 3.43 2.09 -5.99
N LYS A 13 4.53 1.37 -5.82
CA LYS A 13 5.25 0.82 -6.96
C LYS A 13 5.35 -0.69 -6.82
N TRP A 14 4.81 -1.39 -7.80
CA TRP A 14 4.83 -2.85 -7.80
C TRP A 14 5.30 -3.31 -9.17
N GLY A 15 6.60 -3.58 -9.26
CA GLY A 15 7.19 -4.04 -10.51
C GLY A 15 6.53 -3.35 -11.72
N LYS A 16 6.27 -4.14 -12.73
CA LYS A 16 5.65 -3.63 -13.94
C LYS A 16 4.47 -2.73 -13.56
N GLU A 17 3.74 -3.18 -12.56
CA GLU A 17 2.58 -2.43 -12.09
C GLU A 17 3.03 -1.12 -11.44
N LYS A 18 2.29 -0.05 -11.76
CA LYS A 18 2.61 1.26 -11.22
C LYS A 18 1.32 1.92 -10.72
N PHE A 19 1.41 2.51 -9.55
CA PHE A 19 0.27 3.17 -8.94
C PHE A 19 0.63 4.58 -8.48
N GLU A 20 0.06 5.57 -9.16
CA GLU A 20 0.32 6.96 -8.82
C GLU A 20 -0.98 7.64 -8.38
N GLY A 21 -0.93 8.21 -7.19
CA GLY A 21 -2.08 8.90 -6.64
C GLY A 21 -2.88 7.99 -5.69
N VAL A 22 -2.19 7.55 -4.65
CA VAL A 22 -2.81 6.68 -3.66
C VAL A 22 -3.08 7.47 -2.38
N GLU A 23 -4.16 7.10 -1.72
CA GLU A 23 -4.55 7.77 -0.48
C GLU A 23 -4.04 6.98 0.73
N LEU A 24 -3.23 7.65 1.54
CA LEU A 24 -2.67 7.03 2.72
C LEU A 24 -3.00 7.89 3.95
N ASN A 25 -3.19 7.20 5.07
CA ASN A 25 -3.50 7.89 6.31
C ASN A 25 -2.57 7.39 7.42
N THR A 26 -2.27 8.30 8.34
CA THR A 26 -1.39 7.96 9.45
C THR A 26 -2.20 7.83 10.74
N ASP A 27 -3.26 8.63 10.83
CA ASP A 27 -4.11 8.61 12.00
C ASP A 27 -4.38 7.16 12.41
N GLU A 28 -4.40 6.29 11.41
CA GLU A 28 -4.63 4.87 11.65
C GLU A 28 -3.31 4.09 11.60
N PRO A 29 -3.44 2.76 11.79
CA PRO A 29 -2.26 1.88 11.77
C PRO A 29 -1.77 1.67 10.33
N PRO A 30 -0.55 1.10 10.24
CA PRO A 30 0.05 0.83 8.94
C PRO A 30 -0.61 -0.36 8.26
N MET A 31 -1.35 -1.11 9.05
CA MET A 31 -2.04 -2.29 8.55
C MET A 31 -3.05 -1.90 7.46
N VAL A 32 -3.61 -0.72 7.61
CA VAL A 32 -4.58 -0.22 6.65
C VAL A 32 -3.90 -0.05 5.29
N PHE A 33 -2.90 0.83 5.27
CA PHE A 33 -2.17 1.10 4.05
C PHE A 33 -1.78 -0.20 3.35
N LYS A 34 -1.47 -1.20 4.15
CA LYS A 34 -1.06 -2.49 3.63
C LYS A 34 -2.30 -3.24 3.14
N ALA A 35 -3.42 -2.95 3.79
CA ALA A 35 -4.67 -3.60 3.43
C ALA A 35 -5.13 -3.09 2.06
N GLN A 36 -4.89 -1.81 1.82
CA GLN A 36 -5.26 -1.20 0.56
C GLN A 36 -4.38 -1.74 -0.57
N LEU A 37 -3.08 -1.77 -0.31
CA LEU A 37 -2.14 -2.25 -1.29
C LEU A 37 -2.57 -3.64 -1.78
N PHE A 38 -3.37 -4.29 -0.95
CA PHE A 38 -3.88 -5.61 -1.30
C PHE A 38 -4.78 -5.57 -2.52
N ALA A 39 -5.71 -4.61 -2.50
CA ALA A 39 -6.65 -4.46 -3.60
C ALA A 39 -5.94 -3.72 -4.74
N LEU A 40 -4.71 -3.30 -4.47
CA LEU A 40 -3.93 -2.59 -5.47
C LEU A 40 -3.29 -3.60 -6.43
N THR A 41 -2.57 -4.54 -5.84
CA THR A 41 -1.91 -5.58 -6.63
C THR A 41 -2.63 -6.92 -6.47
N GLY A 42 -2.99 -7.21 -5.23
CA GLY A 42 -3.69 -8.46 -4.93
C GLY A 42 -2.87 -9.31 -3.96
N VAL A 43 -1.84 -8.70 -3.41
CA VAL A 43 -0.97 -9.40 -2.46
C VAL A 43 -1.43 -9.09 -1.04
N GLN A 44 -1.08 -9.98 -0.13
CA GLN A 44 -1.44 -9.81 1.27
C GLN A 44 -0.61 -8.69 1.89
N PRO A 45 -1.18 -8.10 2.98
CA PRO A 45 -0.52 -7.01 3.68
C PRO A 45 0.64 -7.53 4.53
N ALA A 46 0.84 -8.84 4.46
CA ALA A 46 1.90 -9.47 5.21
C ALA A 46 3.09 -9.75 4.28
N ARG A 47 2.77 -10.32 3.13
CA ARG A 47 3.80 -10.64 2.15
C ARG A 47 4.25 -9.37 1.42
N GLN A 48 3.38 -8.38 1.44
CA GLN A 48 3.68 -7.11 0.79
C GLN A 48 4.72 -6.33 1.60
N LYS A 49 5.96 -6.43 1.16
CA LYS A 49 7.05 -5.75 1.83
C LYS A 49 6.99 -4.26 1.49
N VAL A 50 6.44 -3.49 2.42
CA VAL A 50 6.32 -2.05 2.23
C VAL A 50 7.55 -1.36 2.82
N MET A 51 8.50 -1.07 1.95
CA MET A 51 9.72 -0.41 2.38
C MET A 51 9.48 1.07 2.66
N VAL A 52 10.49 1.71 3.22
CA VAL A 52 10.40 3.11 3.55
C VAL A 52 11.72 3.81 3.21
N LYS A 53 11.64 5.11 2.99
CA LYS A 53 12.82 5.89 2.66
C LYS A 53 14.05 5.21 3.22
N GLY A 54 14.02 4.97 4.53
CA GLY A 54 15.13 4.33 5.20
C GLY A 54 14.64 3.45 6.37
N GLY A 55 13.71 2.57 6.05
CA GLY A 55 13.16 1.69 7.05
C GLY A 55 11.98 0.89 6.49
N THR A 56 11.36 0.10 7.35
CA THR A 56 10.22 -0.71 6.96
C THR A 56 8.97 -0.28 7.72
N LEU A 57 7.86 -0.29 7.01
CA LEU A 57 6.57 0.09 7.60
C LEU A 57 6.16 -0.96 8.64
N LYS A 58 5.87 -0.47 9.83
CA LYS A 58 5.46 -1.36 10.91
C LYS A 58 4.05 -1.88 10.63
N ASP A 59 3.54 -2.65 11.58
CA ASP A 59 2.21 -3.22 11.45
C ASP A 59 1.34 -2.75 12.63
N ASP A 60 1.93 -2.79 13.80
CA ASP A 60 1.24 -2.38 15.01
C ASP A 60 0.88 -0.89 14.90
N ASP A 61 1.92 -0.08 14.71
CA ASP A 61 1.72 1.36 14.59
C ASP A 61 2.91 1.96 13.84
N TRP A 62 2.67 3.13 13.26
CA TRP A 62 3.71 3.81 12.50
C TRP A 62 4.83 4.20 13.48
N GLY A 63 4.44 4.95 14.50
CA GLY A 63 5.39 5.39 15.51
C GLY A 63 6.02 6.73 15.12
N ASN A 64 5.17 7.65 14.71
CA ASN A 64 5.62 8.98 14.31
C ASN A 64 6.63 8.84 13.17
N ILE A 65 6.20 8.15 12.12
CA ILE A 65 7.05 7.94 10.96
C ILE A 65 7.15 9.24 10.16
N LYS A 66 8.36 9.53 9.71
CA LYS A 66 8.59 10.73 8.93
C LYS A 66 8.07 10.54 7.51
N MET A 67 6.76 10.70 7.36
CA MET A 67 6.13 10.54 6.06
C MET A 67 5.91 11.89 5.39
N LYS A 68 6.09 11.90 4.07
CA LYS A 68 5.91 13.12 3.30
C LYS A 68 5.03 12.82 2.08
N ASN A 69 4.29 13.83 1.67
CA ASN A 69 3.41 13.69 0.52
C ASN A 69 4.22 13.81 -0.77
N GLY A 70 4.19 12.75 -1.55
CA GLY A 70 4.92 12.72 -2.81
C GLY A 70 5.92 11.57 -2.84
N MET A 71 6.26 11.09 -1.64
CA MET A 71 7.21 9.99 -1.53
C MET A 71 6.72 8.76 -2.29
N THR A 72 7.63 7.83 -2.48
CA THR A 72 7.31 6.59 -3.19
C THR A 72 7.41 5.40 -2.25
N VAL A 73 6.41 4.53 -2.35
CA VAL A 73 6.37 3.34 -1.51
C VAL A 73 6.72 2.11 -2.37
N LEU A 74 7.73 1.38 -1.90
CA LEU A 74 8.17 0.20 -2.61
C LEU A 74 7.42 -1.03 -2.05
N MET A 75 7.03 -1.90 -2.97
CA MET A 75 6.30 -3.09 -2.59
C MET A 75 6.89 -4.33 -3.29
N MET A 76 7.21 -5.34 -2.48
CA MET A 76 7.77 -6.56 -3.01
C MET A 76 6.92 -7.77 -2.62
N GLY A 77 6.38 -8.42 -3.65
CA GLY A 77 5.54 -9.59 -3.42
C GLY A 77 5.44 -10.44 -4.69
N SER A 78 4.20 -10.78 -5.04
CA SER A 78 3.96 -11.58 -6.23
C SER A 78 2.47 -11.94 -6.32
N ALA A 79 1.94 -12.41 -5.20
CA ALA A 79 0.54 -12.79 -5.14
C ALA A 79 0.31 -14.04 -5.99
N ASP A 80 0.22 -15.16 -5.31
CA ASP A 80 0.01 -16.43 -5.99
C ASP A 80 0.81 -16.46 -7.28
N ALA A 81 0.18 -16.95 -8.34
CA ALA A 81 0.82 -17.03 -9.64
C ALA A 81 -0.24 -17.20 -10.73
N LEU A 82 -0.75 -16.07 -11.19
CA LEU A 82 -1.78 -16.08 -12.23
C LEU A 82 -1.10 -16.11 -13.60
N PRO A 83 -1.75 -16.83 -14.55
CA PRO A 83 -1.24 -16.94 -15.90
C PRO A 83 -1.45 -15.64 -16.68
N GLU A 84 -0.65 -14.64 -16.35
CA GLU A 84 -0.75 -13.35 -17.02
C GLU A 84 -2.21 -12.90 -17.07
N GLU A 85 -2.79 -12.74 -15.89
CA GLU A 85 -4.18 -12.31 -15.79
C GLU A 85 -4.30 -10.84 -16.14
N PRO A 86 -3.47 -10.01 -15.45
CA PRO A 86 -3.47 -8.57 -15.68
C PRO A 86 -2.79 -8.23 -17.01
N SER A 87 -2.55 -6.94 -17.20
CA SER A 87 -1.90 -6.46 -18.40
C SER A 87 -1.42 -5.02 -18.22
N ALA A 88 -2.28 -4.23 -17.59
CA ALA A 88 -1.95 -2.83 -17.33
C ALA A 88 -1.78 -2.10 -18.68
N LYS A 89 -2.92 -1.84 -19.32
CA LYS A 89 -2.91 -1.16 -20.60
C LYS A 89 -3.11 0.34 -20.37
N THR A 90 -2.97 1.09 -21.45
CA THR A 90 -3.14 2.53 -21.38
C THR A 90 -2.19 3.14 -20.34
N SER A 91 -1.05 3.60 -20.82
CA SER A 91 -0.05 4.21 -19.95
C SER A 91 0.32 5.60 -20.45
N GLY A 92 0.79 5.64 -21.70
CA GLY A 92 1.18 6.90 -22.31
C GLY A 92 2.51 7.39 -21.74
N PRO A 93 3.19 8.25 -22.54
CA PRO A 93 4.47 8.80 -22.12
C PRO A 93 4.28 9.89 -21.07
N SER A 94 3.30 10.74 -21.30
CA SER A 94 3.00 11.82 -20.37
C SER A 94 2.29 11.27 -19.14
N SER A 95 2.92 11.48 -17.99
CA SER A 95 2.36 11.02 -16.73
C SER A 95 2.23 9.49 -16.75
N GLY A 96 3.33 8.83 -16.44
CA GLY A 96 3.35 7.38 -16.42
C GLY A 96 4.78 6.86 -16.21
N GLY A 1 -17.98 17.38 4.83
CA GLY A 1 -17.15 17.17 6.01
C GLY A 1 -15.67 17.19 5.64
N SER A 2 -15.04 18.31 5.95
CA SER A 2 -13.62 18.47 5.67
C SER A 2 -12.94 19.22 6.82
N SER A 3 -12.41 18.44 7.75
CA SER A 3 -11.73 19.01 8.90
C SER A 3 -10.42 18.26 9.15
N GLY A 4 -9.50 18.96 9.81
CA GLY A 4 -8.20 18.39 10.11
C GLY A 4 -7.40 18.14 8.83
N SER A 5 -6.28 17.45 9.00
CA SER A 5 -5.42 17.13 7.87
C SER A 5 -4.28 16.21 8.32
N SER A 6 -4.16 15.09 7.62
CA SER A 6 -3.12 14.13 7.95
C SER A 6 -2.86 13.22 6.73
N GLY A 7 -3.95 12.69 6.19
CA GLY A 7 -3.85 11.81 5.03
C GLY A 7 -2.76 12.28 4.07
N TYR A 8 -1.74 11.45 3.92
CA TYR A 8 -0.62 11.77 3.04
C TYR A 8 -0.82 11.14 1.67
N SER A 9 0.01 11.58 0.73
CA SER A 9 -0.06 11.06 -0.63
C SER A 9 1.29 10.45 -1.02
N VAL A 10 1.26 9.15 -1.29
CA VAL A 10 2.47 8.44 -1.68
C VAL A 10 2.21 7.72 -3.01
N THR A 11 3.24 7.00 -3.46
CA THR A 11 3.16 6.26 -4.70
C THR A 11 3.66 4.83 -4.51
N VAL A 12 2.79 3.89 -4.85
CA VAL A 12 3.14 2.48 -4.72
C VAL A 12 3.79 2.00 -6.02
N LYS A 13 4.93 1.35 -5.86
CA LYS A 13 5.66 0.83 -7.01
C LYS A 13 5.72 -0.70 -6.93
N TRP A 14 4.99 -1.33 -7.84
CA TRP A 14 4.95 -2.78 -7.89
C TRP A 14 5.53 -3.23 -9.23
N GLY A 15 6.81 -3.54 -9.21
CA GLY A 15 7.50 -3.99 -10.41
C GLY A 15 7.01 -3.22 -11.63
N LYS A 16 6.65 -3.97 -12.66
CA LYS A 16 6.17 -3.37 -13.90
C LYS A 16 4.94 -2.52 -13.60
N GLU A 17 4.16 -2.97 -12.62
CA GLU A 17 2.97 -2.25 -12.22
C GLU A 17 3.33 -0.97 -11.47
N LYS A 18 2.47 0.02 -11.60
CA LYS A 18 2.68 1.30 -10.94
C LYS A 18 1.34 1.86 -10.47
N PHE A 19 1.36 2.45 -9.28
CA PHE A 19 0.16 3.03 -8.71
C PHE A 19 0.45 4.41 -8.12
N GLU A 20 -0.10 5.42 -8.79
CA GLU A 20 0.09 6.79 -8.33
C GLU A 20 -1.27 7.44 -8.02
N GLY A 21 -1.40 7.88 -6.79
CA GLY A 21 -2.64 8.51 -6.34
C GLY A 21 -3.34 7.67 -5.29
N VAL A 22 -2.55 7.17 -4.35
CA VAL A 22 -3.10 6.34 -3.29
C VAL A 22 -3.11 7.15 -1.98
N GLU A 23 -4.32 7.48 -1.54
CA GLU A 23 -4.49 8.24 -0.31
C GLU A 23 -4.00 7.43 0.89
N LEU A 24 -2.97 7.95 1.53
CA LEU A 24 -2.40 7.29 2.70
C LEU A 24 -2.79 8.06 3.95
N ASN A 25 -2.85 7.32 5.06
CA ASN A 25 -3.21 7.92 6.33
C ASN A 25 -2.20 7.51 7.40
N THR A 26 -1.95 8.41 8.32
CA THR A 26 -1.01 8.17 9.39
C THR A 26 -1.74 7.92 10.72
N ASP A 27 -2.76 8.72 10.94
CA ASP A 27 -3.56 8.61 12.16
C ASP A 27 -3.84 7.13 12.44
N GLU A 28 -3.84 6.35 11.36
CA GLU A 28 -4.08 4.92 11.48
C GLU A 28 -2.79 4.14 11.30
N PRO A 29 -2.87 2.81 11.59
CA PRO A 29 -1.71 1.95 11.46
C PRO A 29 -1.41 1.64 10.00
N PRO A 30 -0.26 0.96 9.77
CA PRO A 30 0.16 0.60 8.43
C PRO A 30 -0.68 -0.57 7.89
N MET A 31 -1.37 -1.22 8.81
CA MET A 31 -2.21 -2.35 8.44
C MET A 31 -3.29 -1.93 7.45
N VAL A 32 -3.69 -0.67 7.53
CA VAL A 32 -4.71 -0.14 6.65
C VAL A 32 -4.09 0.12 5.27
N PHE A 33 -3.08 0.98 5.26
CA PHE A 33 -2.41 1.32 4.03
C PHE A 33 -2.01 0.06 3.25
N LYS A 34 -1.74 -0.99 4.01
CA LYS A 34 -1.34 -2.26 3.41
C LYS A 34 -2.59 -3.04 3.00
N ALA A 35 -3.70 -2.69 3.64
CA ALA A 35 -4.96 -3.35 3.35
C ALA A 35 -5.46 -2.91 1.97
N GLN A 36 -5.15 -1.66 1.63
CA GLN A 36 -5.55 -1.11 0.36
C GLN A 36 -4.68 -1.68 -0.77
N LEU A 37 -3.38 -1.71 -0.51
CA LEU A 37 -2.44 -2.23 -1.49
C LEU A 37 -2.85 -3.65 -1.89
N PHE A 38 -3.44 -4.35 -0.93
CA PHE A 38 -3.89 -5.72 -1.17
C PHE A 38 -4.93 -5.76 -2.30
N ALA A 39 -5.70 -4.70 -2.39
CA ALA A 39 -6.73 -4.60 -3.42
C ALA A 39 -6.16 -3.90 -4.65
N LEU A 40 -4.93 -3.43 -4.49
CA LEU A 40 -4.25 -2.75 -5.59
C LEU A 40 -3.67 -3.78 -6.56
N THR A 41 -2.88 -4.69 -5.99
CA THR A 41 -2.26 -5.73 -6.78
C THR A 41 -2.89 -7.10 -6.47
N GLY A 42 -2.99 -7.38 -5.17
CA GLY A 42 -3.56 -8.63 -4.73
C GLY A 42 -2.66 -9.31 -3.70
N VAL A 43 -1.50 -8.69 -3.46
CA VAL A 43 -0.55 -9.22 -2.51
C VAL A 43 -1.02 -8.89 -1.09
N GLN A 44 -1.17 -9.94 -0.29
CA GLN A 44 -1.62 -9.78 1.09
C GLN A 44 -0.74 -8.74 1.79
N PRO A 45 -1.34 -8.11 2.85
CA PRO A 45 -0.63 -7.11 3.62
C PRO A 45 0.40 -7.75 4.54
N ALA A 46 0.63 -9.03 4.32
CA ALA A 46 1.58 -9.78 5.13
C ALA A 46 2.67 -10.35 4.22
N ARG A 47 2.57 -10.02 2.95
CA ARG A 47 3.54 -10.49 1.98
C ARG A 47 4.27 -9.32 1.34
N GLN A 48 3.52 -8.26 1.08
CA GLN A 48 4.08 -7.07 0.46
C GLN A 48 5.09 -6.40 1.42
N LYS A 49 6.30 -6.25 0.93
CA LYS A 49 7.36 -5.64 1.73
C LYS A 49 7.42 -4.14 1.42
N VAL A 50 6.66 -3.38 2.19
CA VAL A 50 6.63 -1.94 2.01
C VAL A 50 7.83 -1.31 2.70
N MET A 51 8.81 -0.93 1.89
CA MET A 51 10.02 -0.32 2.41
C MET A 51 9.79 1.17 2.75
N VAL A 52 10.78 1.75 3.41
CA VAL A 52 10.69 3.15 3.79
C VAL A 52 11.99 3.86 3.39
N LYS A 53 11.89 5.16 3.23
CA LYS A 53 13.05 5.97 2.86
C LYS A 53 14.30 5.39 3.52
N GLY A 54 14.11 4.91 4.75
CA GLY A 54 15.21 4.33 5.49
C GLY A 54 14.70 3.42 6.61
N GLY A 55 13.66 2.66 6.28
CA GLY A 55 13.07 1.74 7.24
C GLY A 55 12.05 0.82 6.56
N THR A 56 11.26 0.16 7.39
CA THR A 56 10.24 -0.76 6.89
C THR A 56 8.88 -0.41 7.50
N LEU A 57 7.86 -0.51 6.66
CA LEU A 57 6.51 -0.22 7.09
C LEU A 57 6.08 -1.21 8.17
N LYS A 58 5.98 -0.71 9.39
CA LYS A 58 5.60 -1.56 10.51
C LYS A 58 4.22 -2.15 10.25
N ASP A 59 3.66 -2.76 11.28
CA ASP A 59 2.35 -3.37 11.17
C ASP A 59 1.48 -2.90 12.34
N ASP A 60 2.04 -3.00 13.54
CA ASP A 60 1.33 -2.59 14.74
C ASP A 60 0.98 -1.10 14.64
N ASP A 61 2.00 -0.31 14.29
CA ASP A 61 1.82 1.12 14.16
C ASP A 61 3.07 1.73 13.52
N TRP A 62 2.87 2.88 12.89
CA TRP A 62 3.96 3.57 12.22
C TRP A 62 5.02 3.89 13.27
N GLY A 63 4.58 4.51 14.35
CA GLY A 63 5.48 4.88 15.43
C GLY A 63 5.87 6.35 15.34
N ASN A 64 7.09 6.57 14.85
CA ASN A 64 7.59 7.93 14.71
C ASN A 64 8.33 8.05 13.38
N ILE A 65 7.63 7.64 12.31
CA ILE A 65 8.21 7.70 10.98
C ILE A 65 7.92 9.08 10.37
N LYS A 66 8.93 9.61 9.70
CA LYS A 66 8.80 10.91 9.06
C LYS A 66 8.20 10.74 7.67
N MET A 67 6.89 10.64 7.63
CA MET A 67 6.18 10.47 6.36
C MET A 67 5.93 11.82 5.69
N LYS A 68 5.84 11.77 4.37
CA LYS A 68 5.60 12.98 3.60
C LYS A 68 4.84 12.63 2.32
N ASN A 69 4.15 13.63 1.78
CA ASN A 69 3.38 13.42 0.57
C ASN A 69 4.27 13.70 -0.65
N GLY A 70 4.40 12.67 -1.48
CA GLY A 70 5.21 12.78 -2.67
C GLY A 70 6.22 11.63 -2.76
N MET A 71 6.59 11.12 -1.59
CA MET A 71 7.53 10.03 -1.51
C MET A 71 7.09 8.85 -2.37
N THR A 72 7.86 7.77 -2.29
CA THR A 72 7.56 6.58 -3.06
C THR A 72 7.57 5.34 -2.16
N VAL A 73 6.55 4.51 -2.33
CA VAL A 73 6.45 3.29 -1.54
C VAL A 73 6.80 2.09 -2.41
N LEU A 74 7.83 1.38 -2.00
CA LEU A 74 8.28 0.21 -2.72
C LEU A 74 7.59 -1.03 -2.17
N MET A 75 6.91 -1.75 -3.06
CA MET A 75 6.20 -2.96 -2.68
C MET A 75 6.81 -4.19 -3.34
N MET A 76 7.17 -5.15 -2.50
CA MET A 76 7.77 -6.38 -2.99
C MET A 76 6.98 -7.60 -2.51
N GLY A 77 6.65 -8.46 -3.47
CA GLY A 77 5.90 -9.66 -3.16
C GLY A 77 5.19 -10.21 -4.41
N SER A 78 4.44 -11.28 -4.21
CA SER A 78 3.72 -11.90 -5.32
C SER A 78 2.47 -12.60 -4.78
N ALA A 79 1.35 -12.31 -5.43
CA ALA A 79 0.08 -12.90 -5.05
C ALA A 79 -0.02 -14.31 -5.62
N ASP A 80 0.97 -15.13 -5.28
CA ASP A 80 1.01 -16.49 -5.75
C ASP A 80 0.94 -16.51 -7.29
N ALA A 81 1.42 -15.42 -7.87
CA ALA A 81 1.42 -15.29 -9.32
C ALA A 81 -0.03 -15.26 -9.83
N LEU A 82 -0.16 -15.00 -11.12
CA LEU A 82 -1.47 -14.95 -11.73
C LEU A 82 -2.18 -16.30 -11.55
N PRO A 83 -3.53 -16.26 -11.57
CA PRO A 83 -4.33 -17.46 -11.40
C PRO A 83 -4.31 -18.30 -12.68
N GLU A 84 -3.47 -19.33 -12.68
CA GLU A 84 -3.35 -20.20 -13.83
C GLU A 84 -4.51 -21.20 -13.85
N GLU A 85 -5.16 -21.26 -15.00
CA GLU A 85 -6.29 -22.16 -15.17
C GLU A 85 -5.98 -23.53 -14.56
N PRO A 86 -7.06 -24.21 -14.09
CA PRO A 86 -6.91 -25.53 -13.48
C PRO A 86 -6.64 -26.59 -14.54
N SER A 87 -5.44 -26.54 -15.10
CA SER A 87 -5.04 -27.50 -16.12
C SER A 87 -3.86 -28.32 -15.63
N ALA A 88 -4.19 -29.41 -14.94
CA ALA A 88 -3.16 -30.30 -14.42
C ALA A 88 -3.83 -31.56 -13.83
N LYS A 89 -4.24 -32.43 -14.73
CA LYS A 89 -4.89 -33.68 -14.33
C LYS A 89 -6.14 -33.34 -13.50
N THR A 90 -7.10 -32.73 -14.17
CA THR A 90 -8.35 -32.36 -13.50
C THR A 90 -8.96 -33.57 -12.81
N SER A 91 -9.65 -33.29 -11.70
CA SER A 91 -10.29 -34.34 -10.95
C SER A 91 -11.78 -34.03 -10.77
N GLY A 92 -12.58 -35.09 -10.77
CA GLY A 92 -14.01 -34.95 -10.62
C GLY A 92 -14.73 -36.26 -10.94
N PRO A 93 -14.59 -37.24 -10.02
CA PRO A 93 -15.22 -38.55 -10.21
C PRO A 93 -16.72 -38.47 -9.94
N SER A 94 -17.06 -37.92 -8.77
CA SER A 94 -18.45 -37.78 -8.39
C SER A 94 -19.13 -39.15 -8.40
N SER A 95 -19.20 -39.76 -7.22
CA SER A 95 -19.82 -41.06 -7.08
C SER A 95 -20.43 -41.21 -5.69
N GLY A 96 -21.75 -41.16 -5.65
CA GLY A 96 -22.47 -41.29 -4.39
C GLY A 96 -23.25 -42.61 -4.33
N GLY A 1 -14.96 16.79 6.97
CA GLY A 1 -14.21 17.75 7.75
C GLY A 1 -14.56 17.64 9.24
N SER A 2 -14.10 16.54 9.83
CA SER A 2 -14.36 16.30 11.24
C SER A 2 -13.27 15.37 11.81
N SER A 3 -13.19 15.36 13.14
CA SER A 3 -12.22 14.53 13.82
C SER A 3 -10.80 14.92 13.38
N GLY A 4 -9.83 14.38 14.10
CA GLY A 4 -8.43 14.66 13.79
C GLY A 4 -8.11 14.33 12.33
N SER A 5 -7.37 15.22 11.71
CA SER A 5 -6.99 15.03 10.32
C SER A 5 -5.56 14.48 10.24
N SER A 6 -5.34 13.63 9.25
CA SER A 6 -4.03 13.03 9.05
C SER A 6 -4.04 12.14 7.81
N GLY A 7 -3.81 12.78 6.66
CA GLY A 7 -3.80 12.06 5.39
C GLY A 7 -2.60 12.48 4.55
N TYR A 8 -1.81 11.48 4.16
CA TYR A 8 -0.63 11.73 3.35
C TYR A 8 -0.78 11.11 1.96
N SER A 9 0.13 11.49 1.08
CA SER A 9 0.11 10.98 -0.28
C SER A 9 1.39 10.19 -0.56
N VAL A 10 1.25 9.17 -1.39
CA VAL A 10 2.38 8.33 -1.76
C VAL A 10 2.09 7.63 -3.08
N THR A 11 3.05 6.82 -3.51
CA THR A 11 2.91 6.09 -4.76
C THR A 11 3.36 4.64 -4.58
N VAL A 12 2.48 3.73 -4.94
CA VAL A 12 2.77 2.31 -4.83
C VAL A 12 3.43 1.82 -6.12
N LYS A 13 4.62 1.24 -5.95
CA LYS A 13 5.36 0.73 -7.09
C LYS A 13 5.48 -0.79 -6.98
N TRP A 14 4.77 -1.47 -7.86
CA TRP A 14 4.78 -2.92 -7.88
C TRP A 14 5.37 -3.37 -9.22
N GLY A 15 6.67 -3.63 -9.19
CA GLY A 15 7.36 -4.08 -10.38
C GLY A 15 6.84 -3.36 -11.63
N LYS A 16 6.54 -4.15 -12.65
CA LYS A 16 6.03 -3.60 -13.89
C LYS A 16 4.82 -2.70 -13.59
N GLU A 17 4.04 -3.13 -12.61
CA GLU A 17 2.86 -2.38 -12.22
C GLU A 17 3.26 -1.09 -11.50
N LYS A 18 2.47 -0.06 -11.71
CA LYS A 18 2.72 1.23 -11.08
C LYS A 18 1.40 1.89 -10.71
N PHE A 19 1.38 2.47 -9.52
CA PHE A 19 0.19 3.13 -9.03
C PHE A 19 0.52 4.52 -8.48
N GLU A 20 0.05 5.53 -9.20
CA GLU A 20 0.29 6.91 -8.80
C GLU A 20 -1.03 7.59 -8.44
N GLY A 21 -1.09 8.09 -7.21
CA GLY A 21 -2.29 8.77 -6.74
C GLY A 21 -3.05 7.90 -5.74
N VAL A 22 -2.37 7.59 -4.65
CA VAL A 22 -2.97 6.77 -3.60
C VAL A 22 -3.02 7.56 -2.29
N GLU A 23 -4.20 7.56 -1.68
CA GLU A 23 -4.39 8.27 -0.44
C GLU A 23 -3.92 7.43 0.75
N LEU A 24 -3.04 8.03 1.54
CA LEU A 24 -2.51 7.34 2.71
C LEU A 24 -2.88 8.11 3.97
N ASN A 25 -3.01 7.36 5.06
CA ASN A 25 -3.37 7.96 6.33
C ASN A 25 -2.40 7.49 7.40
N THR A 26 -2.22 8.34 8.41
CA THR A 26 -1.31 8.02 9.51
C THR A 26 -2.11 7.76 10.78
N ASP A 27 -3.18 8.51 10.95
CA ASP A 27 -4.03 8.36 12.12
C ASP A 27 -4.32 6.88 12.36
N GLU A 28 -4.21 6.11 11.28
CA GLU A 28 -4.46 4.68 11.35
C GLU A 28 -3.14 3.90 11.34
N PRO A 29 -3.24 2.58 11.60
CA PRO A 29 -2.07 1.72 11.62
C PRO A 29 -1.56 1.45 10.19
N PRO A 30 -0.36 0.82 10.13
CA PRO A 30 0.25 0.50 8.85
C PRO A 30 -0.45 -0.68 8.19
N MET A 31 -1.33 -1.31 8.96
CA MET A 31 -2.07 -2.46 8.47
C MET A 31 -3.11 -2.04 7.43
N VAL A 32 -3.54 -0.79 7.53
CA VAL A 32 -4.52 -0.25 6.61
C VAL A 32 -3.86 -0.05 5.23
N PHE A 33 -2.90 0.86 5.20
CA PHE A 33 -2.20 1.15 3.96
C PHE A 33 -1.77 -0.14 3.25
N LYS A 34 -1.53 -1.17 4.05
CA LYS A 34 -1.12 -2.45 3.51
C LYS A 34 -2.36 -3.22 3.04
N ALA A 35 -3.45 -3.01 3.76
CA ALA A 35 -4.70 -3.68 3.44
C ALA A 35 -5.21 -3.15 2.09
N GLN A 36 -4.88 -1.91 1.80
CA GLN A 36 -5.29 -1.28 0.55
C GLN A 36 -4.43 -1.80 -0.60
N LEU A 37 -3.13 -1.86 -0.36
CA LEU A 37 -2.19 -2.33 -1.37
C LEU A 37 -2.69 -3.66 -1.94
N PHE A 38 -3.38 -4.40 -1.09
CA PHE A 38 -3.92 -5.70 -1.49
C PHE A 38 -4.81 -5.56 -2.72
N ALA A 39 -5.71 -4.59 -2.66
CA ALA A 39 -6.63 -4.35 -3.75
C ALA A 39 -5.91 -3.57 -4.85
N LEU A 40 -4.65 -3.23 -4.57
CA LEU A 40 -3.85 -2.49 -5.52
C LEU A 40 -3.09 -3.47 -6.42
N THR A 41 -2.58 -4.52 -5.79
CA THR A 41 -1.84 -5.54 -6.52
C THR A 41 -2.50 -6.91 -6.35
N GLY A 42 -2.87 -7.20 -5.11
CA GLY A 42 -3.52 -8.47 -4.80
C GLY A 42 -2.67 -9.29 -3.84
N VAL A 43 -1.85 -8.59 -3.07
CA VAL A 43 -0.98 -9.24 -2.10
C VAL A 43 -1.46 -8.92 -0.69
N GLN A 44 -1.03 -9.74 0.25
CA GLN A 44 -1.39 -9.55 1.64
C GLN A 44 -0.59 -8.41 2.26
N PRO A 45 -1.16 -7.81 3.34
CA PRO A 45 -0.51 -6.71 4.03
C PRO A 45 0.66 -7.22 4.87
N ALA A 46 0.87 -8.53 4.82
CA ALA A 46 1.95 -9.15 5.58
C ALA A 46 3.12 -9.42 4.64
N ARG A 47 2.80 -9.94 3.47
CA ARG A 47 3.82 -10.25 2.47
C ARG A 47 4.30 -8.97 1.79
N GLN A 48 3.36 -8.05 1.59
CA GLN A 48 3.68 -6.79 0.94
C GLN A 48 4.76 -6.04 1.74
N LYS A 49 6.00 -6.25 1.33
CA LYS A 49 7.12 -5.60 1.99
C LYS A 49 7.12 -4.11 1.64
N VAL A 50 6.48 -3.34 2.50
CA VAL A 50 6.40 -1.91 2.31
C VAL A 50 7.64 -1.24 2.90
N MET A 51 8.59 -0.93 2.02
CA MET A 51 9.82 -0.29 2.45
C MET A 51 9.60 1.20 2.74
N VAL A 52 10.63 1.81 3.32
CA VAL A 52 10.56 3.23 3.64
C VAL A 52 11.86 3.91 3.21
N LYS A 53 11.76 5.21 2.98
CA LYS A 53 12.91 5.99 2.56
C LYS A 53 14.17 5.42 3.22
N GLY A 54 14.02 5.03 4.47
CA GLY A 54 15.13 4.47 5.22
C GLY A 54 14.63 3.62 6.39
N GLY A 55 13.60 2.84 6.12
CA GLY A 55 13.03 1.96 7.13
C GLY A 55 11.98 1.03 6.51
N THR A 56 11.28 0.33 7.40
CA THR A 56 10.25 -0.61 6.95
C THR A 56 8.92 -0.30 7.64
N LEU A 57 7.85 -0.48 6.89
CA LEU A 57 6.52 -0.22 7.42
C LEU A 57 6.22 -1.22 8.55
N LYS A 58 5.78 -0.67 9.67
CA LYS A 58 5.46 -1.49 10.83
C LYS A 58 4.08 -2.12 10.63
N ASP A 59 3.59 -2.75 11.69
CA ASP A 59 2.30 -3.39 11.66
C ASP A 59 1.46 -2.91 12.83
N ASP A 60 2.09 -2.90 14.00
CA ASP A 60 1.41 -2.47 15.21
C ASP A 60 1.01 -0.99 15.07
N ASP A 61 1.99 -0.17 14.73
CA ASP A 61 1.74 1.25 14.56
C ASP A 61 2.94 1.88 13.86
N TRP A 62 2.68 2.99 13.19
CA TRP A 62 3.73 3.71 12.47
C TRP A 62 4.81 4.10 13.47
N GLY A 63 4.38 4.77 14.54
CA GLY A 63 5.29 5.20 15.58
C GLY A 63 5.78 6.62 15.32
N ASN A 64 7.03 6.73 14.92
CA ASN A 64 7.62 8.03 14.63
C ASN A 64 8.21 8.02 13.21
N ILE A 65 7.36 7.68 12.26
CA ILE A 65 7.78 7.62 10.88
C ILE A 65 7.66 9.02 10.25
N LYS A 66 8.68 9.38 9.50
CA LYS A 66 8.69 10.69 8.84
C LYS A 66 8.04 10.56 7.46
N MET A 67 6.72 10.45 7.47
CA MET A 67 5.98 10.32 6.23
C MET A 67 5.89 11.67 5.50
N LYS A 68 5.88 11.59 4.18
CA LYS A 68 5.81 12.79 3.36
C LYS A 68 4.88 12.53 2.18
N ASN A 69 4.29 13.61 1.68
CA ASN A 69 3.37 13.52 0.56
C ASN A 69 4.15 13.71 -0.75
N GLY A 70 4.12 12.67 -1.57
CA GLY A 70 4.82 12.70 -2.84
C GLY A 70 5.87 11.59 -2.93
N MET A 71 6.22 11.06 -1.76
CA MET A 71 7.21 10.00 -1.69
C MET A 71 6.76 8.78 -2.51
N THR A 72 7.58 7.74 -2.47
CA THR A 72 7.29 6.53 -3.19
C THR A 72 7.26 5.33 -2.24
N VAL A 73 6.27 4.48 -2.45
CA VAL A 73 6.12 3.30 -1.62
C VAL A 73 6.52 2.06 -2.41
N LEU A 74 7.59 1.43 -1.96
CA LEU A 74 8.09 0.23 -2.62
C LEU A 74 7.38 -0.99 -2.06
N MET A 75 6.80 -1.76 -2.98
CA MET A 75 6.07 -2.97 -2.59
C MET A 75 6.74 -4.22 -3.18
N MET A 76 6.92 -5.20 -2.32
CA MET A 76 7.54 -6.45 -2.74
C MET A 76 6.86 -7.65 -2.07
N GLY A 77 6.17 -8.43 -2.88
CA GLY A 77 5.47 -9.61 -2.39
C GLY A 77 4.65 -10.26 -3.49
N SER A 78 4.62 -11.59 -3.47
CA SER A 78 3.87 -12.35 -4.47
C SER A 78 2.45 -12.58 -3.98
N ALA A 79 1.57 -12.91 -4.92
CA ALA A 79 0.18 -13.16 -4.60
C ALA A 79 -0.18 -14.59 -5.02
N ASP A 80 0.05 -15.51 -4.10
CA ASP A 80 -0.25 -16.91 -4.35
C ASP A 80 -1.65 -17.03 -4.95
N ALA A 81 -1.70 -17.45 -6.20
CA ALA A 81 -2.96 -17.61 -6.90
C ALA A 81 -3.79 -16.34 -6.73
N LEU A 82 -3.29 -15.26 -7.32
CA LEU A 82 -3.97 -13.98 -7.25
C LEU A 82 -5.37 -14.12 -7.85
N PRO A 83 -6.29 -13.22 -7.39
CA PRO A 83 -7.65 -13.23 -7.87
C PRO A 83 -7.75 -12.66 -9.28
N GLU A 84 -8.48 -13.36 -10.13
CA GLU A 84 -8.66 -12.94 -11.51
C GLU A 84 -9.17 -11.50 -11.56
N GLU A 85 -8.62 -10.74 -12.49
CA GLU A 85 -9.01 -9.35 -12.65
C GLU A 85 -8.50 -8.80 -13.98
N PRO A 86 -9.29 -7.85 -14.56
CA PRO A 86 -8.94 -7.25 -15.83
C PRO A 86 -7.80 -6.24 -15.65
N SER A 87 -7.23 -5.83 -16.77
CA SER A 87 -6.15 -4.87 -16.75
C SER A 87 -5.90 -4.32 -18.16
N ALA A 88 -5.90 -3.00 -18.26
CA ALA A 88 -5.67 -2.34 -19.53
C ALA A 88 -5.20 -0.91 -19.30
N LYS A 89 -4.77 -0.27 -20.38
CA LYS A 89 -4.30 1.10 -20.29
C LYS A 89 -5.44 2.01 -19.83
N THR A 90 -5.10 2.90 -18.90
CA THR A 90 -6.09 3.83 -18.37
C THR A 90 -6.06 5.14 -19.16
N SER A 91 -4.89 5.76 -19.16
CA SER A 91 -4.71 7.02 -19.87
C SER A 91 -3.26 7.48 -19.75
N GLY A 92 -2.85 7.74 -18.52
CA GLY A 92 -1.49 8.18 -18.26
C GLY A 92 -0.49 7.45 -19.15
N PRO A 93 -0.09 8.14 -20.26
CA PRO A 93 0.86 7.56 -21.19
C PRO A 93 2.28 7.57 -20.62
N SER A 94 2.69 8.76 -20.18
CA SER A 94 4.02 8.93 -19.62
C SER A 94 3.97 9.93 -18.46
N SER A 95 4.88 9.73 -17.51
CA SER A 95 4.95 10.61 -16.36
C SER A 95 6.37 11.17 -16.22
N GLY A 96 6.43 12.48 -15.97
CA GLY A 96 7.70 13.15 -15.82
C GLY A 96 7.79 14.37 -16.74
#